data_2LV4
#
_entry.id   2LV4
#
_entity_poly.entity_id   1
_entity_poly.type   'polypeptide(L)'
_entity_poly.pdbx_seq_one_letter_code
;GPLGSGSKIKLEIYNETDMASASGYTPVPSVSEFQYIETETISNTPSPDLTVMSIDKSVLSPGESATITTIVKDIDGNPV
NEVHINKTVARENLKGLWDYGPLKKENVPGKYTQVITYRGHSNERIDISFKYAMSFTKEISIRGRL
;
_entity_poly.pdbx_strand_id   A
#
# COMPACT_ATOMS: atom_id res chain seq x y z
N GLY A 1 5.63 -63.28 -80.35
CA GLY A 1 4.82 -62.79 -79.21
C GLY A 1 5.67 -62.37 -78.04
N PRO A 2 5.05 -61.86 -76.95
CA PRO A 2 5.78 -61.44 -75.75
C PRO A 2 6.28 -62.64 -74.94
N LEU A 3 7.56 -62.93 -75.06
CA LEU A 3 8.19 -64.02 -74.32
C LEU A 3 9.13 -63.47 -73.26
N GLY A 4 9.44 -62.19 -73.37
CA GLY A 4 10.33 -61.54 -72.43
C GLY A 4 9.62 -61.14 -71.15
N SER A 5 9.06 -62.12 -70.47
CA SER A 5 8.37 -61.88 -69.22
C SER A 5 9.35 -61.92 -68.06
N GLY A 6 9.06 -61.19 -67.00
CA GLY A 6 9.95 -61.11 -65.87
C GLY A 6 9.86 -62.34 -64.98
N SER A 7 8.65 -62.65 -64.55
CA SER A 7 8.41 -63.77 -63.63
C SER A 7 9.16 -63.55 -62.31
N LYS A 8 9.29 -62.29 -61.94
CA LYS A 8 9.99 -61.92 -60.72
C LYS A 8 9.04 -61.95 -59.53
N ILE A 9 9.51 -62.46 -58.41
CA ILE A 9 8.70 -62.54 -57.21
C ILE A 9 8.88 -61.27 -56.40
N LYS A 10 7.79 -60.54 -56.27
CA LYS A 10 7.77 -59.28 -55.54
C LYS A 10 8.08 -59.48 -54.06
N LEU A 11 9.28 -59.07 -53.66
CA LEU A 11 9.66 -59.09 -52.27
C LEU A 11 8.96 -57.94 -51.56
N GLU A 12 8.06 -58.26 -50.65
CA GLU A 12 7.29 -57.25 -49.96
C GLU A 12 7.62 -57.23 -48.47
N ILE A 13 7.20 -56.16 -47.81
CA ILE A 13 7.51 -55.97 -46.39
C ILE A 13 6.34 -56.47 -45.55
N TYR A 14 6.65 -57.23 -44.51
CA TYR A 14 5.61 -57.73 -43.62
C TYR A 14 5.49 -56.86 -42.39
N ASN A 15 4.28 -56.33 -42.19
CA ASN A 15 3.95 -55.44 -41.08
C ASN A 15 5.07 -54.45 -40.74
N GLU A 16 5.02 -53.28 -41.37
CA GLU A 16 6.06 -52.28 -41.20
C GLU A 16 5.58 -51.23 -40.22
N THR A 17 4.41 -51.49 -39.63
CA THR A 17 3.72 -50.57 -38.74
C THR A 17 3.76 -49.15 -39.31
N ASP A 18 3.41 -49.06 -40.60
CA ASP A 18 3.44 -47.80 -41.33
C ASP A 18 2.58 -46.76 -40.62
N MET A 19 1.42 -47.18 -40.16
CA MET A 19 0.48 -46.28 -39.49
C MET A 19 1.05 -45.84 -38.15
N ALA A 20 0.87 -44.57 -37.84
CA ALA A 20 1.41 -43.98 -36.64
C ALA A 20 0.35 -43.18 -35.91
N SER A 21 -0.04 -43.68 -34.76
CA SER A 21 -0.96 -42.99 -33.87
C SER A 21 -0.48 -41.56 -33.62
N ALA A 22 -1.40 -40.61 -33.68
CA ALA A 22 -1.04 -39.20 -33.63
C ALA A 22 -0.88 -38.71 -32.20
N SER A 23 0.37 -38.55 -31.76
CA SER A 23 0.66 -37.97 -30.47
C SER A 23 0.56 -36.46 -30.55
N GLY A 24 -0.55 -35.91 -30.07
CA GLY A 24 -0.79 -34.49 -30.21
C GLY A 24 -1.33 -33.86 -28.95
N TYR A 25 -0.83 -34.28 -27.79
CA TYR A 25 -1.23 -33.68 -26.54
C TYR A 25 -0.02 -33.07 -25.83
N THR A 26 -0.28 -32.05 -25.02
CA THR A 26 0.79 -31.31 -24.36
C THR A 26 0.78 -31.53 -22.85
N PRO A 27 1.90 -31.22 -22.18
CA PRO A 27 1.97 -31.22 -20.72
C PRO A 27 1.23 -30.01 -20.14
N VAL A 28 1.24 -29.87 -18.82
CA VAL A 28 0.54 -28.78 -18.18
C VAL A 28 1.31 -27.46 -18.34
N PRO A 29 0.59 -26.33 -18.38
CA PRO A 29 1.20 -25.00 -18.42
C PRO A 29 1.90 -24.67 -17.11
N SER A 30 3.03 -23.97 -17.21
CA SER A 30 3.79 -23.56 -16.04
C SER A 30 2.91 -22.72 -15.11
N VAL A 31 3.06 -22.93 -13.80
CA VAL A 31 2.22 -22.25 -12.83
C VAL A 31 3.00 -21.16 -12.11
N SER A 32 2.56 -20.83 -10.91
CA SER A 32 3.13 -19.74 -10.13
C SER A 32 3.55 -20.25 -8.76
N GLU A 33 3.84 -19.32 -7.85
CA GLU A 33 4.24 -19.66 -6.50
C GLU A 33 3.94 -18.52 -5.54
N PHE A 34 4.22 -18.73 -4.26
CA PHE A 34 3.85 -17.76 -3.23
C PHE A 34 4.68 -16.48 -3.32
N GLN A 35 4.21 -15.44 -2.64
CA GLN A 35 4.79 -14.10 -2.75
C GLN A 35 5.38 -13.65 -1.40
N TYR A 36 6.40 -12.80 -1.46
CA TYR A 36 6.98 -12.24 -0.24
C TYR A 36 6.66 -10.75 -0.14
N ILE A 37 7.26 -10.11 0.87
CA ILE A 37 7.09 -8.68 1.09
C ILE A 37 5.63 -8.35 1.41
N GLU A 38 4.95 -9.34 1.91
CA GLU A 38 3.52 -9.24 2.22
C GLU A 38 3.34 -8.88 3.69
N THR A 39 4.34 -9.23 4.46
CA THR A 39 4.36 -8.98 5.89
C THR A 39 5.76 -8.59 6.31
N GLU A 40 6.71 -9.41 5.89
CA GLU A 40 8.13 -9.19 6.16
C GLU A 40 8.78 -8.40 5.02
N THR A 41 8.10 -7.33 4.63
CA THR A 41 8.58 -6.42 3.59
C THR A 41 10.02 -5.96 3.82
N ILE A 42 10.68 -5.59 2.73
CA ILE A 42 12.08 -5.18 2.78
C ILE A 42 12.18 -3.66 2.69
N SER A 43 13.25 -3.10 3.23
CA SER A 43 13.45 -1.66 3.19
C SER A 43 14.11 -1.25 1.87
N ASN A 44 13.35 -1.40 0.80
CA ASN A 44 13.82 -1.02 -0.53
C ASN A 44 13.73 0.48 -0.75
N THR A 45 13.77 0.88 -2.01
CA THR A 45 13.69 2.29 -2.38
C THR A 45 12.38 2.58 -3.10
N PRO A 46 11.66 3.63 -2.68
CA PRO A 46 10.45 4.09 -3.36
C PRO A 46 10.76 5.10 -4.47
N SER A 47 9.78 5.37 -5.31
CA SER A 47 9.90 6.37 -6.36
C SER A 47 8.52 6.79 -6.81
N PRO A 48 8.18 8.07 -6.65
CA PRO A 48 6.83 8.56 -6.89
C PRO A 48 6.52 8.73 -8.37
N ASP A 49 7.48 8.39 -9.22
CA ASP A 49 7.29 8.43 -10.67
C ASP A 49 6.20 7.44 -11.08
N LEU A 50 6.14 6.33 -10.35
CA LEU A 50 5.14 5.30 -10.59
C LEU A 50 4.05 5.40 -9.53
N THR A 51 4.10 6.48 -8.77
CA THR A 51 3.18 6.72 -7.69
C THR A 51 2.04 7.63 -8.12
N VAL A 52 0.85 7.32 -7.62
CA VAL A 52 -0.32 8.14 -7.90
C VAL A 52 -0.72 8.90 -6.64
N MET A 53 -0.20 10.12 -6.53
CA MET A 53 -0.49 10.98 -5.40
C MET A 53 -1.13 12.27 -5.89
N SER A 54 -2.44 12.29 -5.90
CA SER A 54 -3.17 13.43 -6.44
C SER A 54 -4.48 13.63 -5.72
N ILE A 55 -5.13 14.73 -6.06
CA ILE A 55 -6.46 15.03 -5.58
C ILE A 55 -7.23 15.74 -6.68
N ASP A 56 -8.39 15.22 -7.04
CA ASP A 56 -9.16 15.78 -8.13
C ASP A 56 -10.42 16.41 -7.57
N LYS A 57 -10.24 17.55 -6.92
CA LYS A 57 -11.33 18.30 -6.34
C LYS A 57 -10.82 19.57 -5.66
N SER A 58 -10.76 20.64 -6.42
CA SER A 58 -10.37 21.93 -5.89
C SER A 58 -11.62 22.71 -5.50
N VAL A 59 -12.39 22.11 -4.61
CA VAL A 59 -13.67 22.64 -4.15
C VAL A 59 -13.93 22.15 -2.74
N LEU A 60 -14.12 23.07 -1.81
CA LEU A 60 -14.35 22.70 -0.43
C LEU A 60 -15.51 23.49 0.15
N SER A 61 -16.57 22.79 0.42
CA SER A 61 -17.76 23.38 0.95
C SER A 61 -17.79 23.28 2.46
N PRO A 62 -18.41 24.26 3.14
CA PRO A 62 -18.56 24.24 4.58
C PRO A 62 -19.33 23.02 5.06
N GLY A 63 -18.60 22.02 5.53
CA GLY A 63 -19.23 20.81 6.01
C GLY A 63 -18.61 19.56 5.42
N GLU A 64 -17.96 19.69 4.27
CA GLU A 64 -17.34 18.53 3.62
C GLU A 64 -15.83 18.54 3.85
N SER A 65 -15.15 17.54 3.33
CA SER A 65 -13.71 17.47 3.41
C SER A 65 -13.14 16.85 2.14
N ALA A 66 -11.94 17.28 1.77
CA ALA A 66 -11.25 16.71 0.62
C ALA A 66 -10.20 15.72 1.08
N THR A 67 -10.22 14.54 0.50
CA THR A 67 -9.26 13.52 0.84
C THR A 67 -8.22 13.36 -0.27
N ILE A 68 -6.98 13.69 0.03
CA ILE A 68 -5.91 13.57 -0.94
C ILE A 68 -5.46 12.12 -1.01
N THR A 69 -5.34 11.60 -2.21
CA THR A 69 -5.02 10.19 -2.40
C THR A 69 -3.58 10.03 -2.90
N THR A 70 -2.73 9.52 -2.03
CA THR A 70 -1.33 9.30 -2.37
C THR A 70 -0.97 7.83 -2.24
N ILE A 71 -0.67 7.19 -3.37
CA ILE A 71 -0.26 5.79 -3.36
C ILE A 71 1.21 5.68 -3.73
N VAL A 72 2.04 5.49 -2.73
CA VAL A 72 3.47 5.45 -2.94
C VAL A 72 3.90 4.08 -3.50
N LYS A 73 4.81 4.12 -4.45
CA LYS A 73 5.29 2.93 -5.13
C LYS A 73 6.81 2.92 -5.13
N ASP A 74 7.41 1.76 -5.30
CA ASP A 74 8.87 1.67 -5.34
C ASP A 74 9.41 2.05 -6.70
N ILE A 75 10.73 2.13 -6.78
CA ILE A 75 11.41 2.39 -8.03
C ILE A 75 11.22 1.23 -9.00
N ASP A 76 10.91 0.06 -8.43
CA ASP A 76 10.66 -1.14 -9.23
C ASP A 76 9.17 -1.27 -9.50
N GLY A 77 8.37 -0.44 -8.83
CA GLY A 77 6.94 -0.45 -9.04
C GLY A 77 6.20 -1.43 -8.14
N ASN A 78 6.75 -1.71 -6.97
CA ASN A 78 6.07 -2.59 -6.02
C ASN A 78 5.39 -1.76 -4.94
N PRO A 79 4.41 -2.35 -4.23
CA PRO A 79 3.66 -1.66 -3.17
C PRO A 79 4.52 -1.32 -1.95
N VAL A 80 4.74 -0.03 -1.74
CA VAL A 80 5.47 0.43 -0.55
C VAL A 80 4.70 0.09 0.71
N ASN A 81 5.41 -0.41 1.69
CA ASN A 81 4.83 -0.66 3.00
C ASN A 81 4.38 0.65 3.64
N GLU A 82 5.33 1.57 3.82
CA GLU A 82 5.03 2.86 4.44
C GLU A 82 6.19 3.85 4.29
N VAL A 83 5.83 5.12 4.24
CA VAL A 83 6.78 6.22 4.15
C VAL A 83 6.38 7.29 5.15
N HIS A 84 7.18 8.35 5.24
CA HIS A 84 6.84 9.48 6.07
C HIS A 84 6.20 10.56 5.20
N ILE A 85 5.15 11.19 5.69
CA ILE A 85 4.55 12.32 5.00
C ILE A 85 4.20 13.43 5.98
N ASN A 86 4.75 14.61 5.75
CA ASN A 86 4.52 15.77 6.60
C ASN A 86 3.68 16.78 5.86
N LYS A 87 3.00 17.65 6.59
CA LYS A 87 2.23 18.70 5.96
C LYS A 87 3.03 20.01 5.90
N THR A 88 2.67 20.83 4.95
CA THR A 88 3.23 22.17 4.82
C THR A 88 2.18 23.08 4.20
N VAL A 89 1.82 24.14 4.89
CA VAL A 89 0.69 24.96 4.51
C VAL A 89 1.12 26.23 3.77
N ALA A 90 0.77 26.31 2.50
CA ALA A 90 1.01 27.50 1.71
C ALA A 90 -0.28 28.32 1.62
N ARG A 91 -0.30 29.44 2.32
CA ARG A 91 -1.51 30.22 2.47
C ARG A 91 -1.22 31.71 2.23
N GLU A 92 -2.23 32.46 1.83
CA GLU A 92 -2.06 33.90 1.69
C GLU A 92 -2.89 34.63 2.74
N ASN A 93 -4.04 34.07 3.10
CA ASN A 93 -4.92 34.70 4.06
C ASN A 93 -4.97 33.90 5.34
N LEU A 94 -5.50 34.52 6.38
CA LEU A 94 -5.70 33.85 7.66
C LEU A 94 -7.19 33.82 7.99
N LYS A 95 -7.98 34.38 7.08
CA LYS A 95 -9.42 34.50 7.27
C LYS A 95 -10.07 33.13 7.13
N GLY A 96 -9.44 32.27 6.35
CA GLY A 96 -9.96 30.96 6.09
C GLY A 96 -9.92 30.06 7.32
N LEU A 97 -10.89 29.17 7.43
CA LEU A 97 -10.96 28.25 8.55
C LEU A 97 -10.66 26.86 8.05
N TRP A 98 -9.38 26.59 7.85
CA TRP A 98 -8.94 25.32 7.29
C TRP A 98 -8.72 24.32 8.42
N ASP A 99 -9.52 23.27 8.43
CA ASP A 99 -9.35 22.20 9.40
C ASP A 99 -8.42 21.14 8.84
N TYR A 100 -7.25 21.04 9.44
CA TYR A 100 -6.27 20.07 9.01
C TYR A 100 -6.24 18.90 9.98
N GLY A 101 -6.85 17.79 9.59
CA GLY A 101 -6.80 16.61 10.40
C GLY A 101 -5.45 15.93 10.31
N PRO A 102 -5.25 14.82 11.02
CA PRO A 102 -4.02 14.03 10.92
C PRO A 102 -4.01 13.21 9.63
N LEU A 103 -2.82 12.88 9.16
CA LEU A 103 -2.69 12.06 7.97
C LEU A 103 -3.09 10.63 8.31
N LYS A 104 -4.07 10.12 7.59
CA LYS A 104 -4.55 8.78 7.83
C LYS A 104 -3.66 7.77 7.16
N LYS A 105 -3.03 6.96 7.99
CA LYS A 105 -2.13 5.91 7.56
C LYS A 105 -2.83 4.58 7.70
N GLU A 106 -3.21 4.01 6.57
CA GLU A 106 -4.05 2.83 6.56
C GLU A 106 -3.21 1.57 6.41
N ASN A 107 -3.85 0.40 6.46
CA ASN A 107 -3.17 -0.88 6.34
C ASN A 107 -2.86 -1.22 4.89
N VAL A 108 -3.18 -0.28 4.01
CA VAL A 108 -3.08 -0.49 2.59
C VAL A 108 -1.68 -0.17 2.06
N PRO A 109 -1.26 -0.86 0.98
CA PRO A 109 0.05 -0.65 0.35
C PRO A 109 0.21 0.75 -0.23
N GLY A 110 1.03 1.56 0.43
CA GLY A 110 1.42 2.86 -0.10
C GLY A 110 0.30 3.89 -0.07
N LYS A 111 -0.90 3.48 0.30
CA LYS A 111 -2.05 4.38 0.26
C LYS A 111 -2.15 5.22 1.53
N TYR A 112 -1.89 6.51 1.36
CA TYR A 112 -2.12 7.47 2.41
C TYR A 112 -3.28 8.35 2.04
N THR A 113 -4.07 8.72 3.02
CA THR A 113 -5.22 9.55 2.77
C THR A 113 -5.42 10.51 3.93
N GLN A 114 -5.76 11.74 3.63
CA GLN A 114 -5.96 12.72 4.67
C GLN A 114 -7.13 13.62 4.34
N VAL A 115 -7.98 13.86 5.33
CA VAL A 115 -9.17 14.66 5.14
C VAL A 115 -8.94 16.11 5.54
N ILE A 116 -9.00 17.01 4.56
CA ILE A 116 -8.89 18.42 4.83
C ILE A 116 -10.28 19.04 4.84
N THR A 117 -10.65 19.63 5.96
CA THR A 117 -11.97 20.19 6.11
C THR A 117 -11.90 21.71 6.04
N TYR A 118 -12.99 22.35 5.69
CA TYR A 118 -13.00 23.80 5.57
C TYR A 118 -14.33 24.39 5.98
N ARG A 119 -14.28 25.50 6.70
CA ARG A 119 -15.48 26.24 7.07
C ARG A 119 -15.57 27.50 6.19
N GLY A 120 -16.78 27.85 5.78
CA GLY A 120 -16.97 28.94 4.84
C GLY A 120 -16.80 30.31 5.45
N HIS A 121 -15.55 30.70 5.68
CA HIS A 121 -15.25 32.02 6.21
C HIS A 121 -14.70 32.91 5.10
N SER A 122 -13.79 32.36 4.32
CA SER A 122 -13.18 33.08 3.21
C SER A 122 -13.34 32.30 1.91
N ASN A 123 -12.82 32.85 0.83
CA ASN A 123 -12.86 32.19 -0.47
C ASN A 123 -11.53 32.39 -1.18
N GLU A 124 -10.56 31.56 -0.83
CA GLU A 124 -9.25 31.63 -1.46
C GLU A 124 -8.67 30.24 -1.65
N ARG A 125 -7.44 30.18 -2.14
CA ARG A 125 -6.76 28.92 -2.38
C ARG A 125 -5.69 28.69 -1.32
N ILE A 126 -5.43 27.42 -1.02
CA ILE A 126 -4.36 27.04 -0.12
C ILE A 126 -3.70 25.76 -0.61
N ASP A 127 -2.40 25.81 -0.80
CA ASP A 127 -1.67 24.63 -1.28
C ASP A 127 -0.97 23.95 -0.14
N ILE A 128 -1.09 22.63 -0.08
CA ILE A 128 -0.48 21.86 0.98
C ILE A 128 0.68 21.04 0.45
N SER A 129 1.85 21.43 0.87
CA SER A 129 3.08 20.78 0.46
C SER A 129 3.32 19.53 1.29
N PHE A 130 3.23 18.37 0.68
CA PHE A 130 3.45 17.13 1.39
C PHE A 130 4.91 16.72 1.34
N LYS A 131 5.56 16.76 2.50
CA LYS A 131 6.95 16.36 2.60
C LYS A 131 7.01 14.87 2.88
N TYR A 132 7.41 14.10 1.88
CA TYR A 132 7.48 12.66 2.01
C TYR A 132 8.71 12.25 2.81
N ALA A 133 9.31 11.13 2.45
CA ALA A 133 10.57 10.73 3.04
C ALA A 133 11.61 11.78 2.72
N MET A 134 12.77 11.73 3.36
CA MET A 134 13.81 12.71 3.13
C MET A 134 14.49 12.45 1.79
N SER A 135 13.69 12.51 0.72
CA SER A 135 14.17 12.27 -0.61
C SER A 135 13.36 13.08 -1.64
N PHE A 136 12.03 12.96 -1.58
CA PHE A 136 11.16 13.66 -2.51
C PHE A 136 10.07 14.45 -1.77
N THR A 137 9.61 15.53 -2.40
CA THR A 137 8.56 16.36 -1.82
C THR A 137 7.51 16.70 -2.89
N LYS A 138 6.24 16.72 -2.50
CA LYS A 138 5.18 17.09 -3.44
C LYS A 138 4.28 18.15 -2.84
N GLU A 139 3.23 18.53 -3.56
CA GLU A 139 2.34 19.59 -3.13
C GLU A 139 0.97 19.45 -3.80
N ILE A 140 -0.07 19.63 -3.03
CA ILE A 140 -1.45 19.51 -3.53
C ILE A 140 -2.21 20.80 -3.31
N SER A 141 -3.33 20.95 -4.02
CA SER A 141 -4.09 22.18 -3.96
C SER A 141 -5.44 21.98 -3.28
N ILE A 142 -5.73 22.84 -2.33
CA ILE A 142 -7.01 22.87 -1.67
C ILE A 142 -7.68 24.23 -1.92
N ARG A 143 -8.91 24.22 -2.39
CA ARG A 143 -9.59 25.45 -2.73
C ARG A 143 -10.90 25.56 -1.96
N GLY A 144 -11.03 26.64 -1.20
CA GLY A 144 -12.21 26.83 -0.39
C GLY A 144 -13.35 27.45 -1.16
N ARG A 145 -14.51 26.82 -1.06
CA ARG A 145 -15.70 27.28 -1.75
C ARG A 145 -16.65 27.92 -0.73
N LEU A 146 -16.73 29.24 -0.76
CA LEU A 146 -17.60 29.97 0.17
C LEU A 146 -19.04 29.92 -0.32
N GLY A 1 -69.33 -52.41 36.17
CA GLY A 1 -68.57 -51.82 35.04
C GLY A 1 -69.23 -52.12 33.70
N PRO A 2 -69.04 -51.24 32.70
CA PRO A 2 -69.59 -51.45 31.36
C PRO A 2 -68.79 -52.49 30.58
N LEU A 3 -69.42 -53.10 29.59
CA LEU A 3 -68.76 -54.09 28.77
C LEU A 3 -68.22 -53.43 27.50
N GLY A 4 -66.91 -53.26 27.45
CA GLY A 4 -66.30 -52.61 26.31
C GLY A 4 -66.01 -53.58 25.18
N SER A 5 -66.75 -53.45 24.10
CA SER A 5 -66.53 -54.28 22.92
C SER A 5 -66.04 -53.41 21.76
N GLY A 6 -64.81 -53.63 21.34
CA GLY A 6 -64.24 -52.86 20.26
C GLY A 6 -63.77 -53.74 19.12
N SER A 7 -63.45 -53.12 17.99
CA SER A 7 -62.99 -53.86 16.84
C SER A 7 -62.21 -52.95 15.89
N LYS A 8 -60.91 -53.18 15.79
CA LYS A 8 -60.09 -52.43 14.84
C LYS A 8 -59.37 -53.40 13.89
N ILE A 9 -58.99 -52.89 12.73
CA ILE A 9 -58.36 -53.70 11.72
C ILE A 9 -56.96 -53.19 11.46
N LYS A 10 -55.99 -54.08 11.51
CA LYS A 10 -54.61 -53.73 11.22
C LYS A 10 -54.41 -53.50 9.73
N LEU A 11 -54.50 -52.26 9.32
CA LEU A 11 -54.24 -51.88 7.95
C LEU A 11 -53.07 -50.91 7.91
N GLU A 12 -51.90 -51.43 7.60
CA GLU A 12 -50.69 -50.63 7.56
C GLU A 12 -50.41 -50.14 6.15
N ILE A 13 -50.47 -48.83 5.96
CA ILE A 13 -50.24 -48.24 4.65
C ILE A 13 -48.76 -47.91 4.49
N TYR A 14 -48.08 -48.66 3.64
CA TYR A 14 -46.68 -48.38 3.36
C TYR A 14 -46.57 -47.33 2.29
N ASN A 15 -46.09 -46.17 2.69
CA ASN A 15 -45.84 -45.07 1.78
C ASN A 15 -44.65 -45.37 0.90
N GLU A 16 -44.81 -45.17 -0.40
CA GLU A 16 -43.78 -45.53 -1.36
C GLU A 16 -43.14 -44.29 -1.97
N THR A 17 -43.80 -43.16 -1.80
CA THR A 17 -43.29 -41.90 -2.28
C THR A 17 -43.03 -40.95 -1.11
N ASP A 18 -42.80 -41.56 0.06
CA ASP A 18 -42.59 -40.81 1.30
C ASP A 18 -41.30 -39.98 1.22
N MET A 19 -40.25 -40.59 0.69
CA MET A 19 -38.98 -39.90 0.51
C MET A 19 -38.83 -39.46 -0.94
N ALA A 20 -37.90 -38.55 -1.20
CA ALA A 20 -37.67 -38.05 -2.54
C ALA A 20 -36.19 -37.77 -2.78
N SER A 21 -35.67 -36.75 -2.11
CA SER A 21 -34.28 -36.38 -2.31
C SER A 21 -33.73 -35.65 -1.08
N ALA A 22 -32.42 -35.58 -0.99
CA ALA A 22 -31.75 -34.88 0.10
C ALA A 22 -30.89 -33.75 -0.46
N SER A 23 -31.14 -32.54 0.01
CA SER A 23 -30.38 -31.39 -0.42
C SER A 23 -29.26 -31.07 0.58
N GLY A 24 -28.15 -30.56 0.08
CA GLY A 24 -27.03 -30.24 0.94
C GLY A 24 -26.03 -29.32 0.27
N TYR A 25 -25.51 -28.36 1.03
CA TYR A 25 -24.53 -27.41 0.52
C TYR A 25 -23.51 -27.06 1.59
N THR A 26 -22.25 -26.98 1.20
CA THR A 26 -21.18 -26.65 2.12
C THR A 26 -20.77 -25.19 1.95
N PRO A 27 -20.39 -24.52 3.06
CA PRO A 27 -19.94 -23.14 3.04
C PRO A 27 -18.66 -22.96 2.23
N VAL A 28 -18.52 -21.79 1.60
CA VAL A 28 -17.33 -21.48 0.81
C VAL A 28 -16.36 -20.61 1.60
N PRO A 29 -15.07 -20.94 1.56
CA PRO A 29 -14.01 -20.14 2.20
C PRO A 29 -13.54 -19.01 1.30
N SER A 30 -12.59 -18.21 1.81
CA SER A 30 -12.09 -17.07 1.06
C SER A 30 -10.58 -16.93 1.26
N VAL A 31 -10.06 -15.76 0.95
CA VAL A 31 -8.64 -15.48 1.03
C VAL A 31 -8.43 -14.02 1.41
N SER A 32 -7.38 -13.76 2.17
CA SER A 32 -7.07 -12.42 2.63
C SER A 32 -6.20 -11.68 1.61
N GLU A 33 -5.98 -10.40 1.87
CA GLU A 33 -5.19 -9.56 0.99
C GLU A 33 -3.70 -9.77 1.23
N PHE A 34 -2.91 -9.55 0.19
CA PHE A 34 -1.46 -9.68 0.30
C PHE A 34 -0.78 -8.36 -0.07
N GLN A 35 0.31 -8.05 0.61
CA GLN A 35 1.06 -6.82 0.36
C GLN A 35 2.56 -7.08 0.47
N TYR A 36 3.36 -6.03 0.37
CA TYR A 36 4.80 -6.17 0.47
C TYR A 36 5.27 -5.75 1.86
N ILE A 37 6.50 -6.12 2.20
CA ILE A 37 7.04 -5.85 3.54
C ILE A 37 6.21 -6.56 4.61
N GLU A 38 5.89 -7.82 4.35
CA GLU A 38 5.23 -8.66 5.33
C GLU A 38 6.27 -9.50 6.07
N THR A 39 7.32 -9.88 5.34
CA THR A 39 8.43 -10.63 5.92
C THR A 39 9.76 -10.09 5.39
N GLU A 40 9.74 -9.60 4.15
CA GLU A 40 10.95 -9.09 3.51
C GLU A 40 11.52 -7.90 4.28
N THR A 41 10.66 -6.93 4.54
CA THR A 41 11.03 -5.65 5.11
C THR A 41 12.32 -5.12 4.51
N ILE A 42 12.21 -4.62 3.30
CA ILE A 42 13.35 -4.22 2.52
C ILE A 42 13.55 -2.70 2.57
N SER A 43 14.78 -2.28 2.79
CA SER A 43 15.09 -0.86 2.84
C SER A 43 15.36 -0.33 1.44
N ASN A 44 14.38 -0.48 0.58
CA ASN A 44 14.50 -0.09 -0.83
C ASN A 44 14.24 1.40 -1.01
N THR A 45 14.15 1.79 -2.26
CA THR A 45 13.89 3.18 -2.61
C THR A 45 12.49 3.33 -3.17
N PRO A 46 11.70 4.26 -2.61
CA PRO A 46 10.39 4.62 -3.18
C PRO A 46 10.56 5.43 -4.46
N SER A 47 9.58 5.36 -5.35
CA SER A 47 9.64 6.10 -6.59
C SER A 47 8.25 6.47 -7.08
N PRO A 48 7.82 7.71 -6.81
CA PRO A 48 6.46 8.19 -7.10
C PRO A 48 6.17 8.31 -8.60
N ASP A 49 7.19 8.14 -9.42
CA ASP A 49 7.01 8.16 -10.86
C ASP A 49 6.03 7.08 -11.30
N LEU A 50 6.07 5.96 -10.60
CA LEU A 50 5.21 4.82 -10.90
C LEU A 50 4.02 4.77 -9.95
N THR A 51 3.79 5.86 -9.23
CA THR A 51 2.74 5.87 -8.24
C THR A 51 1.69 6.94 -8.56
N VAL A 52 0.67 7.03 -7.72
CA VAL A 52 -0.39 8.02 -7.89
C VAL A 52 -0.69 8.69 -6.55
N MET A 53 -0.27 9.94 -6.40
CA MET A 53 -0.41 10.66 -5.15
C MET A 53 -0.90 12.08 -5.39
N SER A 54 -2.11 12.19 -5.89
CA SER A 54 -2.64 13.47 -6.32
C SER A 54 -4.01 13.75 -5.71
N ILE A 55 -4.53 14.92 -5.99
CA ILE A 55 -5.85 15.30 -5.53
C ILE A 55 -6.61 16.05 -6.62
N ASP A 56 -7.66 15.41 -7.10
CA ASP A 56 -8.53 16.02 -8.09
C ASP A 56 -9.86 16.38 -7.45
N LYS A 57 -9.84 17.45 -6.67
CA LYS A 57 -11.03 17.95 -6.00
C LYS A 57 -10.74 19.26 -5.28
N SER A 58 -10.63 20.30 -6.07
CA SER A 58 -10.30 21.62 -5.54
C SER A 58 -11.57 22.43 -5.35
N VAL A 59 -12.51 21.83 -4.64
CA VAL A 59 -13.81 22.44 -4.37
C VAL A 59 -14.28 22.04 -2.97
N LEU A 60 -14.07 22.93 -2.02
CA LEU A 60 -14.38 22.62 -0.63
C LEU A 60 -15.64 23.32 -0.19
N SER A 61 -16.59 22.53 0.23
CA SER A 61 -17.84 23.06 0.73
C SER A 61 -17.91 22.94 2.24
N PRO A 62 -18.62 23.89 2.88
CA PRO A 62 -18.85 23.85 4.32
C PRO A 62 -19.46 22.53 4.79
N GLY A 63 -18.61 21.67 5.35
CA GLY A 63 -19.09 20.40 5.86
C GLY A 63 -18.31 19.22 5.33
N GLU A 64 -17.61 19.40 4.22
CA GLU A 64 -16.82 18.32 3.64
C GLU A 64 -15.33 18.63 3.70
N SER A 65 -14.52 17.72 3.18
CA SER A 65 -13.08 17.86 3.24
C SER A 65 -12.41 17.43 1.95
N ALA A 66 -11.24 17.99 1.68
CA ALA A 66 -10.45 17.56 0.55
C ALA A 66 -9.49 16.48 0.96
N THR A 67 -9.65 15.31 0.37
CA THR A 67 -8.81 14.18 0.71
C THR A 67 -7.75 13.97 -0.36
N ILE A 68 -6.52 14.32 -0.05
CA ILE A 68 -5.43 14.11 -0.99
C ILE A 68 -5.12 12.63 -1.05
N THR A 69 -5.28 12.05 -2.22
CA THR A 69 -5.10 10.63 -2.39
C THR A 69 -3.67 10.31 -2.76
N THR A 70 -2.87 9.95 -1.77
CA THR A 70 -1.46 9.73 -1.99
C THR A 70 -1.10 8.27 -1.82
N ILE A 71 -0.93 7.60 -2.94
CA ILE A 71 -0.47 6.23 -2.95
C ILE A 71 1.02 6.24 -3.24
N VAL A 72 1.77 5.40 -2.57
CA VAL A 72 3.21 5.35 -2.79
C VAL A 72 3.66 3.98 -3.26
N LYS A 73 4.43 3.96 -4.34
CA LYS A 73 5.01 2.75 -4.88
C LYS A 73 6.51 2.90 -4.98
N ASP A 74 7.23 1.79 -4.97
CA ASP A 74 8.67 1.82 -5.10
C ASP A 74 9.08 1.94 -6.56
N ILE A 75 10.38 2.01 -6.80
CA ILE A 75 10.91 2.04 -8.16
C ILE A 75 10.59 0.72 -8.86
N ASP A 76 10.29 -0.29 -8.07
CA ASP A 76 9.92 -1.60 -8.57
C ASP A 76 8.49 -1.59 -9.10
N GLY A 77 7.69 -0.67 -8.58
CA GLY A 77 6.26 -0.69 -8.82
C GLY A 77 5.58 -1.51 -7.76
N ASN A 78 6.31 -1.74 -6.67
CA ASN A 78 5.86 -2.57 -5.57
C ASN A 78 5.18 -1.70 -4.51
N PRO A 79 4.09 -2.19 -3.91
CA PRO A 79 3.43 -1.56 -2.76
C PRO A 79 4.39 -1.22 -1.61
N VAL A 80 4.61 0.07 -1.40
CA VAL A 80 5.38 0.54 -0.25
C VAL A 80 4.62 0.28 1.03
N ASN A 81 5.34 -0.11 2.07
CA ASN A 81 4.76 -0.19 3.40
C ASN A 81 4.30 1.20 3.84
N GLU A 82 5.27 2.10 4.00
CA GLU A 82 5.00 3.43 4.53
C GLU A 82 6.11 4.40 4.18
N VAL A 83 5.77 5.68 4.14
CA VAL A 83 6.72 6.77 3.96
C VAL A 83 6.30 7.94 4.84
N HIS A 84 7.26 8.72 5.31
CA HIS A 84 6.95 9.88 6.13
C HIS A 84 6.34 10.98 5.26
N ILE A 85 5.21 11.51 5.67
CA ILE A 85 4.60 12.62 4.97
C ILE A 85 4.38 13.79 5.92
N ASN A 86 5.21 14.81 5.79
CA ASN A 86 5.12 15.97 6.65
C ASN A 86 4.37 17.09 5.93
N LYS A 87 3.62 17.87 6.68
CA LYS A 87 2.88 18.97 6.09
C LYS A 87 3.77 20.18 5.87
N THR A 88 3.36 21.01 4.93
CA THR A 88 3.95 22.33 4.73
C THR A 88 2.89 23.21 4.08
N VAL A 89 2.12 23.90 4.90
CA VAL A 89 0.96 24.62 4.42
C VAL A 89 1.28 26.07 4.08
N ALA A 90 0.71 26.55 2.99
CA ALA A 90 0.85 27.94 2.59
C ALA A 90 -0.52 28.58 2.48
N ARG A 91 -0.89 29.34 3.51
CA ARG A 91 -2.20 29.97 3.55
C ARG A 91 -2.15 31.36 2.92
N GLU A 92 -2.88 31.50 1.81
CA GLU A 92 -2.97 32.79 1.13
C GLU A 92 -4.04 33.66 1.78
N ASN A 93 -4.82 33.05 2.66
CA ASN A 93 -5.83 33.76 3.41
C ASN A 93 -5.86 33.21 4.83
N LEU A 94 -5.68 34.09 5.80
CA LEU A 94 -5.65 33.68 7.20
C LEU A 94 -7.05 33.72 7.81
N LYS A 95 -8.01 34.22 7.05
CA LYS A 95 -9.39 34.26 7.48
C LYS A 95 -10.12 33.01 6.99
N GLY A 96 -9.39 32.17 6.28
CA GLY A 96 -9.94 30.90 5.87
C GLY A 96 -9.84 29.90 7.00
N LEU A 97 -10.93 29.23 7.29
CA LEU A 97 -10.94 28.27 8.39
C LEU A 97 -10.50 26.92 7.89
N TRP A 98 -9.20 26.74 7.86
CA TRP A 98 -8.59 25.50 7.38
C TRP A 98 -8.49 24.51 8.52
N ASP A 99 -9.32 23.49 8.48
CA ASP A 99 -9.30 22.46 9.50
C ASP A 99 -8.53 21.25 9.01
N TYR A 100 -7.42 20.97 9.66
CA TYR A 100 -6.54 19.90 9.21
C TYR A 100 -6.87 18.61 9.94
N GLY A 101 -7.52 17.71 9.24
CA GLY A 101 -7.79 16.41 9.79
C GLY A 101 -6.54 15.57 9.86
N PRO A 102 -6.57 14.44 10.58
CA PRO A 102 -5.41 13.56 10.68
C PRO A 102 -5.07 12.94 9.33
N LEU A 103 -3.80 12.65 9.12
CA LEU A 103 -3.38 11.95 7.92
C LEU A 103 -3.81 10.50 8.04
N LYS A 104 -4.84 10.14 7.31
CA LYS A 104 -5.44 8.84 7.48
C LYS A 104 -4.63 7.78 6.75
N LYS A 105 -4.08 6.89 7.55
CA LYS A 105 -3.26 5.82 7.06
C LYS A 105 -3.97 4.51 7.34
N GLU A 106 -4.51 3.91 6.30
CA GLU A 106 -5.16 2.62 6.42
C GLU A 106 -4.12 1.52 6.19
N ASN A 107 -4.44 0.28 6.55
CA ASN A 107 -3.54 -0.82 6.28
C ASN A 107 -3.58 -1.17 4.81
N VAL A 108 -2.94 -0.32 4.03
CA VAL A 108 -2.96 -0.46 2.59
C VAL A 108 -1.61 -0.12 1.99
N PRO A 109 -1.34 -0.57 0.76
CA PRO A 109 -0.06 -0.32 0.08
C PRO A 109 0.20 1.15 -0.20
N GLY A 110 0.93 1.80 0.71
CA GLY A 110 1.32 3.19 0.56
C GLY A 110 0.15 4.12 0.33
N LYS A 111 -1.03 3.74 0.76
CA LYS A 111 -2.22 4.56 0.54
C LYS A 111 -2.48 5.48 1.73
N TYR A 112 -2.12 6.73 1.56
CA TYR A 112 -2.43 7.75 2.54
C TYR A 112 -3.55 8.62 2.02
N THR A 113 -4.45 8.96 2.89
CA THR A 113 -5.53 9.85 2.55
C THR A 113 -5.78 10.82 3.69
N GLN A 114 -5.55 12.09 3.46
CA GLN A 114 -5.72 13.07 4.52
C GLN A 114 -6.86 14.01 4.18
N VAL A 115 -7.73 14.25 5.16
CA VAL A 115 -8.91 15.07 4.95
C VAL A 115 -8.71 16.48 5.47
N ILE A 116 -8.46 17.40 4.55
CA ILE A 116 -8.40 18.81 4.90
C ILE A 116 -9.80 19.38 4.85
N THR A 117 -10.34 19.68 5.99
CA THR A 117 -11.71 20.13 6.09
C THR A 117 -11.77 21.65 6.02
N TYR A 118 -12.70 22.17 5.25
CA TYR A 118 -12.86 23.61 5.15
C TYR A 118 -14.13 24.05 5.85
N ARG A 119 -13.98 25.04 6.71
CA ARG A 119 -15.12 25.61 7.41
C ARG A 119 -15.56 26.88 6.67
N GLY A 120 -16.84 26.95 6.37
CA GLY A 120 -17.38 28.06 5.59
C GLY A 120 -17.14 29.41 6.24
N HIS A 121 -16.03 30.05 5.88
CA HIS A 121 -15.74 31.39 6.36
C HIS A 121 -15.33 32.33 5.22
N SER A 122 -14.22 32.02 4.54
CA SER A 122 -13.68 32.91 3.52
C SER A 122 -13.23 32.12 2.29
N ASN A 123 -13.46 32.68 1.11
CA ASN A 123 -13.11 32.03 -0.15
C ASN A 123 -11.66 32.30 -0.55
N GLU A 124 -10.82 31.29 -0.39
CA GLU A 124 -9.45 31.37 -0.89
C GLU A 124 -8.86 29.96 -1.03
N ARG A 125 -7.58 29.90 -1.37
CA ARG A 125 -6.89 28.64 -1.56
C ARG A 125 -5.76 28.49 -0.56
N ILE A 126 -5.53 27.27 -0.13
CA ILE A 126 -4.38 26.95 0.67
C ILE A 126 -3.56 25.86 -0.03
N ASP A 127 -2.35 26.22 -0.41
CA ASP A 127 -1.50 25.30 -1.15
C ASP A 127 -0.54 24.60 -0.19
N ILE A 128 -0.50 23.29 -0.25
CA ILE A 128 0.24 22.51 0.74
C ILE A 128 1.33 21.67 0.12
N SER A 129 2.55 21.92 0.57
CA SER A 129 3.70 21.14 0.17
C SER A 129 3.85 19.94 1.10
N PHE A 130 3.81 18.74 0.55
CA PHE A 130 3.97 17.54 1.37
C PHE A 130 5.38 17.00 1.23
N LYS A 131 6.04 16.91 2.37
CA LYS A 131 7.38 16.36 2.44
C LYS A 131 7.31 14.86 2.65
N TYR A 132 7.69 14.11 1.64
CA TYR A 132 7.73 12.67 1.73
C TYR A 132 9.03 12.23 2.38
N ALA A 133 9.54 11.09 1.94
CA ALA A 133 10.80 10.57 2.45
C ALA A 133 11.94 11.54 2.17
N MET A 134 13.12 11.25 2.72
CA MET A 134 14.29 12.11 2.52
C MET A 134 14.84 11.95 1.11
N SER A 135 13.97 12.19 0.13
CA SER A 135 14.32 11.97 -1.24
C SER A 135 13.57 12.94 -2.17
N PHE A 136 12.25 13.04 -2.00
CA PHE A 136 11.45 13.91 -2.86
C PHE A 136 10.39 14.67 -2.08
N THR A 137 10.08 15.86 -2.57
CA THR A 137 9.02 16.68 -1.98
C THR A 137 7.97 16.98 -3.05
N LYS A 138 6.71 16.98 -2.65
CA LYS A 138 5.62 17.21 -3.58
C LYS A 138 4.72 18.32 -3.08
N GLU A 139 3.78 18.76 -3.89
CA GLU A 139 2.93 19.88 -3.53
C GLU A 139 1.54 19.71 -4.12
N ILE A 140 0.52 20.03 -3.33
CA ILE A 140 -0.87 19.88 -3.72
C ILE A 140 -1.65 21.15 -3.40
N SER A 141 -2.84 21.27 -3.97
CA SER A 141 -3.63 22.48 -3.79
C SER A 141 -4.99 22.18 -3.15
N ILE A 142 -5.29 22.92 -2.10
CA ILE A 142 -6.58 22.81 -1.42
C ILE A 142 -7.35 24.11 -1.61
N ARG A 143 -8.50 24.03 -2.25
CA ARG A 143 -9.27 25.23 -2.55
C ARG A 143 -10.61 25.23 -1.82
N GLY A 144 -10.80 26.22 -0.97
CA GLY A 144 -12.05 26.37 -0.25
C GLY A 144 -13.07 27.14 -1.07
N ARG A 145 -14.19 26.50 -1.34
CA ARG A 145 -15.21 27.08 -2.19
C ARG A 145 -16.34 27.66 -1.34
N LEU A 146 -16.37 28.98 -1.26
CA LEU A 146 -17.40 29.67 -0.51
C LEU A 146 -18.55 29.99 -1.45
N GLY A 1 47.76 -97.63 26.68
CA GLY A 1 48.26 -96.29 26.27
C GLY A 1 48.68 -95.47 27.46
N PRO A 2 49.30 -94.30 27.24
CA PRO A 2 49.68 -93.39 28.31
C PRO A 2 48.50 -92.55 28.79
N LEU A 3 48.41 -92.36 30.11
CA LEU A 3 47.33 -91.58 30.68
C LEU A 3 47.87 -90.29 31.27
N GLY A 4 46.96 -89.47 31.78
CA GLY A 4 47.34 -88.21 32.38
C GLY A 4 46.59 -87.98 33.67
N SER A 5 46.96 -88.72 34.70
CA SER A 5 46.32 -88.59 36.00
C SER A 5 46.99 -87.46 36.79
N GLY A 6 46.22 -86.43 37.12
CA GLY A 6 46.75 -85.33 37.88
C GLY A 6 46.60 -84.00 37.17
N SER A 7 45.55 -83.28 37.51
CA SER A 7 45.31 -81.97 36.94
C SER A 7 45.00 -80.96 38.05
N LYS A 8 45.66 -79.81 38.00
CA LYS A 8 45.42 -78.77 38.99
C LYS A 8 44.27 -77.88 38.54
N ILE A 9 43.35 -77.61 39.45
CA ILE A 9 42.10 -76.95 39.11
C ILE A 9 42.16 -75.45 39.38
N LYS A 10 42.27 -74.68 38.31
CA LYS A 10 42.17 -73.22 38.39
C LYS A 10 40.98 -72.75 37.58
N LEU A 11 39.80 -72.76 38.20
CA LEU A 11 38.60 -72.29 37.53
C LEU A 11 38.56 -70.77 37.52
N GLU A 12 38.21 -70.20 36.39
CA GLU A 12 38.17 -68.75 36.26
C GLU A 12 36.73 -68.28 36.07
N ILE A 13 36.36 -67.24 36.82
CA ILE A 13 35.00 -66.72 36.79
C ILE A 13 35.01 -65.25 36.40
N TYR A 14 34.08 -64.84 35.55
CA TYR A 14 33.99 -63.46 35.13
C TYR A 14 32.54 -63.00 35.10
N ASN A 15 32.33 -61.69 35.09
CA ASN A 15 30.99 -61.10 35.13
C ASN A 15 30.12 -61.54 33.95
N GLU A 16 28.81 -61.34 34.08
CA GLU A 16 27.85 -61.84 33.13
C GLU A 16 27.19 -60.70 32.33
N THR A 17 27.03 -59.56 32.97
CA THR A 17 26.38 -58.42 32.35
C THR A 17 27.25 -57.18 32.58
N ASP A 18 28.55 -57.46 32.58
CA ASP A 18 29.60 -56.49 32.90
C ASP A 18 29.40 -55.14 32.19
N MET A 19 29.16 -55.17 30.89
CA MET A 19 29.06 -53.94 30.12
C MET A 19 27.80 -53.92 29.27
N ALA A 20 27.23 -52.73 29.09
CA ALA A 20 26.04 -52.53 28.27
C ALA A 20 25.79 -51.04 28.07
N SER A 21 26.00 -50.56 26.85
CA SER A 21 25.85 -49.15 26.54
C SER A 21 24.76 -48.93 25.51
N ALA A 22 24.15 -47.74 25.52
CA ALA A 22 23.08 -47.40 24.59
C ALA A 22 22.88 -45.88 24.57
N SER A 23 22.89 -45.31 23.37
CA SER A 23 22.68 -43.87 23.19
C SER A 23 22.19 -43.58 21.78
N GLY A 24 20.90 -43.31 21.65
CA GLY A 24 20.32 -43.01 20.36
C GLY A 24 19.72 -41.63 20.32
N TYR A 25 20.16 -40.83 19.38
CA TYR A 25 19.68 -39.45 19.26
C TYR A 25 18.39 -39.38 18.47
N THR A 26 17.40 -38.74 19.06
CA THR A 26 16.10 -38.58 18.42
C THR A 26 16.14 -37.53 17.32
N PRO A 27 15.69 -37.89 16.12
CA PRO A 27 15.65 -36.96 14.98
C PRO A 27 14.39 -36.11 14.97
N VAL A 28 14.54 -34.85 14.64
CA VAL A 28 13.41 -33.95 14.49
C VAL A 28 13.22 -33.59 13.03
N PRO A 29 11.96 -33.59 12.54
CA PRO A 29 11.65 -33.32 11.15
C PRO A 29 11.72 -31.83 10.82
N SER A 30 11.50 -31.50 9.56
CA SER A 30 11.54 -30.13 9.10
C SER A 30 10.18 -29.46 9.29
N VAL A 31 10.18 -28.14 9.38
CA VAL A 31 8.96 -27.39 9.52
C VAL A 31 8.75 -26.55 8.28
N SER A 32 7.65 -25.85 8.25
CA SER A 32 7.29 -25.04 7.11
C SER A 32 7.79 -23.61 7.30
N GLU A 33 7.54 -22.78 6.31
CA GLU A 33 7.96 -21.40 6.33
C GLU A 33 6.80 -20.50 5.97
N PHE A 34 6.81 -19.29 6.50
CA PHE A 34 5.80 -18.30 6.13
C PHE A 34 6.37 -17.37 5.07
N GLN A 35 5.63 -16.31 4.74
CA GLN A 35 6.03 -15.39 3.70
C GLN A 35 7.25 -14.58 4.13
N TYR A 36 8.04 -14.16 3.15
CA TYR A 36 9.17 -13.31 3.40
C TYR A 36 8.85 -11.88 3.02
N ILE A 37 9.51 -10.94 3.67
CA ILE A 37 9.29 -9.51 3.45
C ILE A 37 7.80 -9.15 3.69
N GLU A 38 7.22 -9.79 4.69
CA GLU A 38 5.87 -9.44 5.11
C GLU A 38 5.92 -8.72 6.44
N THR A 39 7.07 -8.85 7.09
CA THR A 39 7.37 -8.09 8.29
C THR A 39 8.84 -7.65 8.26
N GLU A 40 9.69 -8.54 7.77
CA GLU A 40 11.13 -8.28 7.65
C GLU A 40 11.44 -7.58 6.34
N THR A 41 10.51 -6.74 5.89
CA THR A 41 10.61 -6.05 4.61
C THR A 41 11.97 -5.36 4.42
N ILE A 42 12.45 -5.40 3.18
CA ILE A 42 13.74 -4.81 2.83
C ILE A 42 13.70 -3.29 3.00
N SER A 43 14.82 -2.71 3.36
CA SER A 43 14.93 -1.27 3.51
C SER A 43 15.13 -0.60 2.16
N ASN A 44 14.22 -0.87 1.23
CA ASN A 44 14.32 -0.36 -0.14
C ASN A 44 14.01 1.13 -0.18
N THR A 45 13.95 1.66 -1.39
CA THR A 45 13.63 3.06 -1.59
C THR A 45 12.32 3.19 -2.36
N PRO A 46 11.44 4.11 -1.92
CA PRO A 46 10.23 4.46 -2.67
C PRO A 46 10.57 5.25 -3.93
N SER A 47 9.63 5.31 -4.85
CA SER A 47 9.80 6.07 -6.07
C SER A 47 8.46 6.47 -6.64
N PRO A 48 8.11 7.75 -6.54
CA PRO A 48 6.80 8.26 -6.95
C PRO A 48 6.64 8.31 -8.47
N ASP A 49 7.66 7.86 -9.18
CA ASP A 49 7.62 7.77 -10.63
C ASP A 49 6.56 6.76 -11.05
N LEU A 50 6.32 5.80 -10.18
CA LEU A 50 5.29 4.79 -10.40
C LEU A 50 4.13 5.04 -9.45
N THR A 51 4.08 6.25 -8.92
CA THR A 51 3.12 6.62 -7.91
C THR A 51 2.03 7.54 -8.47
N VAL A 52 0.86 7.46 -7.87
CA VAL A 52 -0.24 8.34 -8.23
C VAL A 52 -0.70 9.12 -7.00
N MET A 53 -0.34 10.39 -6.96
CA MET A 53 -0.65 11.23 -5.81
C MET A 53 -1.16 12.58 -6.25
N SER A 54 -2.40 12.87 -5.90
CA SER A 54 -3.01 14.13 -6.25
C SER A 54 -4.35 14.29 -5.54
N ILE A 55 -5.01 15.38 -5.83
CA ILE A 55 -6.32 15.68 -5.30
C ILE A 55 -7.16 16.29 -6.39
N ASP A 56 -8.25 15.61 -6.74
CA ASP A 56 -9.05 15.98 -7.89
C ASP A 56 -10.18 16.91 -7.49
N LYS A 57 -9.94 17.74 -6.48
CA LYS A 57 -10.98 18.63 -6.01
C LYS A 57 -10.44 19.88 -5.30
N SER A 58 -10.20 20.91 -6.09
CA SER A 58 -9.93 22.23 -5.54
C SER A 58 -11.25 22.93 -5.26
N VAL A 59 -12.05 22.29 -4.43
CA VAL A 59 -13.39 22.73 -4.11
C VAL A 59 -13.76 22.21 -2.73
N LEU A 60 -14.20 23.11 -1.87
CA LEU A 60 -14.62 22.72 -0.53
C LEU A 60 -15.91 23.41 -0.18
N SER A 61 -16.91 22.61 0.04
CA SER A 61 -18.24 23.08 0.38
C SER A 61 -18.52 22.87 1.86
N PRO A 62 -19.42 23.67 2.44
CA PRO A 62 -19.82 23.52 3.85
C PRO A 62 -20.35 22.12 4.14
N GLY A 63 -19.55 21.34 4.83
CA GLY A 63 -19.98 20.00 5.18
C GLY A 63 -19.04 18.92 4.64
N GLU A 64 -18.37 19.19 3.52
CA GLU A 64 -17.48 18.20 2.94
C GLU A 64 -16.05 18.42 3.41
N SER A 65 -15.12 17.67 2.82
CA SER A 65 -13.71 17.82 3.12
C SER A 65 -12.88 17.52 1.88
N ALA A 66 -11.58 17.78 1.94
CA ALA A 66 -10.69 17.44 0.85
C ALA A 66 -9.72 16.37 1.28
N THR A 67 -9.82 15.22 0.63
CA THR A 67 -8.93 14.11 0.92
C THR A 67 -7.95 13.96 -0.24
N ILE A 68 -6.68 14.19 0.04
CA ILE A 68 -5.65 14.07 -0.99
C ILE A 68 -5.29 12.61 -1.20
N THR A 69 -5.50 12.14 -2.42
CA THR A 69 -5.29 10.74 -2.75
C THR A 69 -3.83 10.52 -3.17
N THR A 70 -3.02 10.05 -2.24
CA THR A 70 -1.61 9.84 -2.52
C THR A 70 -1.24 8.38 -2.35
N ILE A 71 -0.87 7.74 -3.46
CA ILE A 71 -0.53 6.32 -3.46
C ILE A 71 0.95 6.13 -3.76
N VAL A 72 1.71 5.82 -2.75
CA VAL A 72 3.15 5.69 -2.91
C VAL A 72 3.52 4.28 -3.38
N LYS A 73 4.43 4.22 -4.32
CA LYS A 73 4.96 2.97 -4.83
C LYS A 73 6.48 2.99 -4.68
N ASP A 74 7.08 1.83 -4.55
CA ASP A 74 8.53 1.76 -4.46
C ASP A 74 9.13 1.85 -5.84
N ILE A 75 10.45 1.93 -5.89
CA ILE A 75 11.17 2.06 -7.15
C ILE A 75 10.90 0.87 -8.07
N ASP A 76 10.72 -0.30 -7.47
CA ASP A 76 10.48 -1.52 -8.23
C ASP A 76 8.99 -1.65 -8.57
N GLY A 77 8.18 -0.78 -7.99
CA GLY A 77 6.74 -0.82 -8.22
C GLY A 77 6.02 -1.51 -7.09
N ASN A 78 6.76 -1.88 -6.06
CA ASN A 78 6.21 -2.58 -4.90
C ASN A 78 5.21 -1.69 -4.16
N PRO A 79 4.33 -2.31 -3.36
CA PRO A 79 3.39 -1.59 -2.51
C PRO A 79 4.05 -1.04 -1.25
N VAL A 80 4.32 0.26 -1.24
CA VAL A 80 4.95 0.93 -0.11
C VAL A 80 4.15 0.72 1.18
N ASN A 81 4.85 0.27 2.21
CA ASN A 81 4.23 0.17 3.53
C ASN A 81 4.17 1.55 4.18
N GLU A 82 5.32 2.19 4.32
CA GLU A 82 5.38 3.50 4.96
C GLU A 82 6.56 4.32 4.42
N VAL A 83 6.26 5.57 4.12
CA VAL A 83 7.27 6.55 3.75
C VAL A 83 7.18 7.76 4.68
N HIS A 84 7.92 8.80 4.39
CA HIS A 84 7.83 10.02 5.16
C HIS A 84 6.89 10.98 4.46
N ILE A 85 5.95 11.56 5.20
CA ILE A 85 5.10 12.61 4.66
C ILE A 85 5.07 13.77 5.64
N ASN A 86 5.82 14.81 5.31
CA ASN A 86 5.90 15.98 6.17
C ASN A 86 4.73 16.91 5.89
N LYS A 87 4.17 17.44 6.95
CA LYS A 87 3.07 18.38 6.84
C LYS A 87 3.57 19.80 6.69
N THR A 88 3.56 20.29 5.46
CA THR A 88 3.96 21.64 5.17
C THR A 88 2.83 22.36 4.44
N VAL A 89 2.38 23.48 4.97
CA VAL A 89 1.27 24.20 4.36
C VAL A 89 1.67 25.59 3.91
N ALA A 90 1.14 26.00 2.78
CA ALA A 90 1.36 27.34 2.25
C ALA A 90 0.03 27.98 1.89
N ARG A 91 -0.52 28.74 2.82
CA ARG A 91 -1.79 29.41 2.62
C ARG A 91 -1.58 30.83 2.10
N GLU A 92 -2.44 31.25 1.19
CA GLU A 92 -2.32 32.59 0.64
C GLU A 92 -2.98 33.61 1.56
N ASN A 93 -4.03 33.17 2.23
CA ASN A 93 -4.75 34.04 3.16
C ASN A 93 -5.06 33.27 4.44
N LEU A 94 -5.54 33.97 5.46
CA LEU A 94 -5.73 33.36 6.77
C LEU A 94 -7.12 33.67 7.34
N LYS A 95 -7.99 34.17 6.50
CA LYS A 95 -9.33 34.55 6.92
C LYS A 95 -10.27 33.35 6.85
N GLY A 96 -9.79 32.27 6.26
CA GLY A 96 -10.58 31.07 6.15
C GLY A 96 -10.47 30.19 7.37
N LEU A 97 -11.05 29.01 7.30
CA LEU A 97 -11.00 28.07 8.42
C LEU A 97 -10.60 26.70 7.91
N TRP A 98 -9.32 26.38 8.03
CA TRP A 98 -8.81 25.10 7.59
C TRP A 98 -8.73 24.16 8.77
N ASP A 99 -9.57 23.15 8.80
CA ASP A 99 -9.49 22.14 9.83
C ASP A 99 -8.70 20.96 9.30
N TYR A 100 -7.87 20.41 10.14
CA TYR A 100 -6.99 19.34 9.72
C TYR A 100 -7.22 18.10 10.56
N GLY A 101 -7.73 17.06 9.94
CA GLY A 101 -7.79 15.78 10.59
C GLY A 101 -6.44 15.10 10.53
N PRO A 102 -6.23 14.04 11.31
CA PRO A 102 -4.95 13.31 11.29
C PRO A 102 -4.75 12.59 9.96
N LEU A 103 -3.50 12.54 9.49
CA LEU A 103 -3.18 11.78 8.29
C LEU A 103 -3.52 10.33 8.51
N LYS A 104 -4.58 9.87 7.89
CA LYS A 104 -5.00 8.50 8.05
C LYS A 104 -4.07 7.60 7.25
N LYS A 105 -3.32 6.79 7.96
CA LYS A 105 -2.50 5.78 7.36
C LYS A 105 -3.23 4.46 7.46
N GLU A 106 -3.74 4.01 6.33
CA GLU A 106 -4.56 2.83 6.27
C GLU A 106 -3.69 1.63 5.93
N ASN A 107 -4.16 0.43 6.23
CA ASN A 107 -3.41 -0.79 5.90
C ASN A 107 -3.56 -1.12 4.44
N VAL A 108 -3.07 -0.23 3.61
CA VAL A 108 -3.17 -0.35 2.19
C VAL A 108 -1.83 -0.04 1.53
N PRO A 109 -1.64 -0.43 0.27
CA PRO A 109 -0.38 -0.21 -0.45
C PRO A 109 -0.13 1.27 -0.77
N GLY A 110 0.59 1.93 0.12
CA GLY A 110 1.01 3.30 -0.09
C GLY A 110 -0.13 4.29 -0.15
N LYS A 111 -1.32 3.89 0.26
CA LYS A 111 -2.48 4.77 0.20
C LYS A 111 -2.62 5.57 1.49
N TYR A 112 -2.21 6.83 1.43
CA TYR A 112 -2.38 7.74 2.56
C TYR A 112 -3.53 8.67 2.28
N THR A 113 -4.35 8.90 3.28
CA THR A 113 -5.52 9.74 3.11
C THR A 113 -5.74 10.63 4.31
N GLN A 114 -5.69 11.92 4.09
CA GLN A 114 -5.96 12.87 5.16
C GLN A 114 -7.07 13.79 4.74
N VAL A 115 -8.02 14.05 5.63
CA VAL A 115 -9.15 14.90 5.32
C VAL A 115 -8.93 16.32 5.81
N ILE A 116 -8.98 17.26 4.87
CA ILE A 116 -8.92 18.68 5.21
C ILE A 116 -10.32 19.25 5.16
N THR A 117 -10.82 19.68 6.29
CA THR A 117 -12.18 20.16 6.38
C THR A 117 -12.21 21.68 6.44
N TYR A 118 -12.68 22.29 5.37
CA TYR A 118 -12.80 23.74 5.32
C TYR A 118 -14.14 24.18 5.87
N ARG A 119 -14.11 25.20 6.72
CA ARG A 119 -15.32 25.76 7.29
C ARG A 119 -15.60 27.11 6.61
N GLY A 120 -16.85 27.31 6.20
CA GLY A 120 -17.19 28.48 5.40
C GLY A 120 -17.03 29.80 6.14
N HIS A 121 -15.83 30.33 6.13
CA HIS A 121 -15.58 31.64 6.74
C HIS A 121 -15.13 32.64 5.69
N SER A 122 -14.24 32.21 4.80
CA SER A 122 -13.75 33.06 3.73
C SER A 122 -13.22 32.20 2.58
N ASN A 123 -13.39 32.69 1.35
CA ASN A 123 -12.90 31.98 0.17
C ASN A 123 -11.39 32.13 0.07
N GLU A 124 -10.67 31.08 0.43
CA GLU A 124 -9.23 31.14 0.46
C GLU A 124 -8.62 30.03 -0.40
N ARG A 125 -7.34 30.20 -0.72
CA ARG A 125 -6.58 29.20 -1.42
C ARG A 125 -5.36 28.79 -0.60
N ILE A 126 -5.15 27.49 -0.45
CA ILE A 126 -3.98 26.99 0.23
C ILE A 126 -3.31 25.88 -0.60
N ASP A 127 -2.00 25.93 -0.67
CA ASP A 127 -1.23 24.89 -1.32
C ASP A 127 -0.41 24.14 -0.29
N ILE A 128 -0.70 22.87 -0.11
CA ILE A 128 -0.03 22.06 0.89
C ILE A 128 1.11 21.28 0.26
N SER A 129 2.30 21.48 0.81
CA SER A 129 3.49 20.81 0.32
C SER A 129 3.73 19.54 1.11
N PHE A 130 3.16 18.44 0.65
CA PHE A 130 3.40 17.15 1.29
C PHE A 130 4.76 16.63 0.88
N LYS A 131 5.66 16.72 1.82
CA LYS A 131 7.02 16.29 1.62
C LYS A 131 7.13 14.79 1.79
N TYR A 132 7.56 14.13 0.73
CA TYR A 132 7.74 12.68 0.74
C TYR A 132 9.00 12.31 1.51
N ALA A 133 9.57 11.15 1.18
CA ALA A 133 10.84 10.74 1.75
C ALA A 133 11.90 11.76 1.39
N MET A 134 13.05 11.73 2.06
CA MET A 134 14.11 12.69 1.82
C MET A 134 14.79 12.43 0.48
N SER A 135 14.00 12.48 -0.58
CA SER A 135 14.51 12.32 -1.92
C SER A 135 13.64 13.09 -2.90
N PHE A 136 12.33 13.13 -2.64
CA PHE A 136 11.37 13.79 -3.53
C PHE A 136 10.27 14.48 -2.72
N THR A 137 9.59 15.44 -3.34
CA THR A 137 8.56 16.21 -2.64
C THR A 137 7.34 16.42 -3.54
N LYS A 138 6.22 16.81 -2.94
CA LYS A 138 5.00 17.11 -3.68
C LYS A 138 4.31 18.33 -3.10
N GLU A 139 3.47 18.97 -3.91
CA GLU A 139 2.65 20.09 -3.45
C GLU A 139 1.27 20.01 -4.10
N ILE A 140 0.25 19.95 -3.28
CA ILE A 140 -1.12 19.77 -3.75
C ILE A 140 -1.94 21.03 -3.55
N SER A 141 -3.10 21.05 -4.16
CA SER A 141 -3.93 22.24 -4.15
C SER A 141 -5.22 22.01 -3.40
N ILE A 142 -5.55 22.95 -2.51
CA ILE A 142 -6.79 22.91 -1.77
C ILE A 142 -7.46 24.28 -1.79
N ARG A 143 -8.66 24.32 -2.31
CA ARG A 143 -9.42 25.56 -2.41
C ARG A 143 -10.65 25.51 -1.51
N GLY A 144 -10.72 26.45 -0.58
CA GLY A 144 -11.92 26.60 0.22
C GLY A 144 -12.96 27.38 -0.53
N ARG A 145 -13.85 26.67 -1.21
CA ARG A 145 -14.75 27.29 -2.16
C ARG A 145 -15.90 27.98 -1.46
N LEU A 146 -15.87 29.30 -1.48
CA LEU A 146 -16.94 30.10 -0.91
C LEU A 146 -17.49 31.01 -1.99
N GLY A 1 7.94 -57.87 -85.60
CA GLY A 1 9.40 -57.66 -85.68
C GLY A 1 10.15 -58.57 -84.74
N PRO A 2 11.44 -58.30 -84.51
CA PRO A 2 12.29 -59.12 -83.63
C PRO A 2 11.80 -59.13 -82.18
N LEU A 3 11.24 -57.99 -81.76
CA LEU A 3 10.70 -57.82 -80.41
C LEU A 3 11.81 -57.99 -79.37
N GLY A 4 12.45 -56.89 -79.03
CA GLY A 4 13.48 -56.90 -78.01
C GLY A 4 13.46 -55.62 -77.19
N SER A 5 13.25 -55.75 -75.89
CA SER A 5 13.15 -54.59 -75.02
C SER A 5 13.81 -54.88 -73.69
N GLY A 6 13.76 -53.91 -72.79
CA GLY A 6 14.37 -54.07 -71.48
C GLY A 6 15.33 -52.94 -71.17
N SER A 7 16.60 -53.31 -70.98
CA SER A 7 17.68 -52.36 -70.66
C SER A 7 17.27 -51.37 -69.56
N LYS A 8 17.25 -51.86 -68.33
CA LYS A 8 16.97 -51.02 -67.17
C LYS A 8 18.17 -51.04 -66.24
N ILE A 9 18.34 -49.99 -65.46
CA ILE A 9 19.47 -49.89 -64.53
C ILE A 9 19.02 -49.24 -63.22
N LYS A 10 19.28 -49.92 -62.11
CA LYS A 10 18.91 -49.41 -60.81
C LYS A 10 20.06 -48.65 -60.18
N LEU A 11 19.90 -47.33 -60.06
CA LEU A 11 20.87 -46.50 -59.36
C LEU A 11 20.30 -46.10 -58.01
N GLU A 12 21.17 -45.74 -57.07
CA GLU A 12 20.73 -45.43 -55.73
C GLU A 12 21.57 -44.31 -55.12
N ILE A 13 20.89 -43.33 -54.53
CA ILE A 13 21.56 -42.24 -53.84
C ILE A 13 21.57 -42.50 -52.34
N TYR A 14 22.29 -41.68 -51.60
CA TYR A 14 22.44 -41.90 -50.16
C TYR A 14 22.01 -40.68 -49.37
N ASN A 15 21.55 -40.91 -48.14
CA ASN A 15 21.05 -39.85 -47.28
C ASN A 15 22.09 -38.77 -47.04
N GLU A 16 21.66 -37.52 -47.13
CA GLU A 16 22.56 -36.39 -46.98
C GLU A 16 21.95 -35.32 -46.07
N THR A 17 20.71 -35.55 -45.67
CA THR A 17 19.96 -34.58 -44.90
C THR A 17 19.22 -35.30 -43.77
N ASP A 18 19.75 -36.44 -43.39
CA ASP A 18 19.12 -37.30 -42.40
C ASP A 18 19.50 -36.88 -40.97
N MET A 19 20.17 -35.75 -40.86
CA MET A 19 20.52 -35.18 -39.55
C MET A 19 19.40 -34.29 -39.04
N ALA A 20 18.84 -34.63 -37.89
CA ALA A 20 17.76 -33.88 -37.30
C ALA A 20 18.19 -33.33 -35.93
N SER A 21 17.22 -33.17 -35.05
CA SER A 21 17.47 -32.61 -33.73
C SER A 21 16.47 -33.19 -32.72
N ALA A 22 16.58 -32.78 -31.46
CA ALA A 22 15.73 -33.30 -30.40
C ALA A 22 14.77 -32.22 -29.87
N SER A 23 13.98 -32.58 -28.87
CA SER A 23 13.00 -31.68 -28.28
C SER A 23 13.54 -31.05 -27.00
N GLY A 24 12.68 -30.34 -26.29
CA GLY A 24 13.04 -29.71 -25.04
C GLY A 24 11.89 -29.71 -24.08
N TYR A 25 12.19 -29.67 -22.78
CA TYR A 25 11.16 -29.72 -21.76
C TYR A 25 11.12 -28.42 -20.95
N THR A 26 9.99 -28.18 -20.30
CA THR A 26 9.80 -26.99 -19.49
C THR A 26 10.28 -27.20 -18.06
N PRO A 27 11.12 -26.30 -17.55
CA PRO A 27 11.62 -26.38 -16.18
C PRO A 27 10.59 -25.92 -15.15
N VAL A 28 10.15 -26.85 -14.31
CA VAL A 28 9.18 -26.54 -13.28
C VAL A 28 9.86 -25.90 -12.07
N PRO A 29 9.18 -24.95 -11.42
CA PRO A 29 9.71 -24.25 -10.25
C PRO A 29 9.78 -25.14 -9.01
N SER A 30 10.67 -24.80 -8.09
CA SER A 30 10.81 -25.53 -6.84
C SER A 30 9.76 -25.06 -5.83
N VAL A 31 9.76 -25.67 -4.65
CA VAL A 31 8.75 -25.36 -3.65
C VAL A 31 9.40 -24.95 -2.32
N SER A 32 9.21 -23.70 -1.98
CA SER A 32 9.64 -23.18 -0.70
C SER A 32 8.41 -22.85 0.15
N GLU A 33 8.53 -22.99 1.45
CA GLU A 33 7.40 -22.74 2.33
C GLU A 33 7.21 -21.25 2.60
N PHE A 34 8.23 -20.61 3.19
CA PHE A 34 8.15 -19.20 3.53
C PHE A 34 9.46 -18.50 3.19
N GLN A 35 9.37 -17.20 2.93
CA GLN A 35 10.55 -16.40 2.60
C GLN A 35 10.48 -15.07 3.32
N TYR A 36 11.31 -14.12 2.92
CA TYR A 36 11.26 -12.78 3.49
C TYR A 36 10.21 -11.95 2.79
N ILE A 37 10.21 -10.64 3.06
CA ILE A 37 9.32 -9.71 2.38
C ILE A 37 7.86 -10.02 2.76
N GLU A 38 7.68 -10.42 4.01
CA GLU A 38 6.39 -10.85 4.51
C GLU A 38 5.87 -9.88 5.56
N THR A 39 5.19 -8.84 5.07
CA THR A 39 4.65 -7.77 5.92
C THR A 39 5.76 -6.79 6.23
N GLU A 40 6.93 -7.34 6.49
CA GLU A 40 8.14 -6.56 6.60
C GLU A 40 9.00 -6.81 5.35
N THR A 41 8.51 -6.24 4.27
CA THR A 41 9.13 -6.32 2.95
C THR A 41 10.58 -5.81 2.93
N ILE A 42 11.17 -5.85 1.74
CA ILE A 42 12.57 -5.47 1.56
C ILE A 42 12.74 -3.95 1.65
N SER A 43 13.91 -3.51 2.08
CA SER A 43 14.18 -2.09 2.24
C SER A 43 14.58 -1.46 0.91
N ASN A 44 13.67 -1.51 -0.04
CA ASN A 44 13.92 -0.93 -1.37
C ASN A 44 13.71 0.58 -1.36
N THR A 45 13.76 1.18 -2.54
CA THR A 45 13.53 2.61 -2.68
C THR A 45 12.22 2.85 -3.45
N PRO A 46 11.38 3.78 -2.97
CA PRO A 46 10.14 4.13 -3.66
C PRO A 46 10.39 5.03 -4.88
N SER A 47 9.40 5.08 -5.77
CA SER A 47 9.48 5.93 -6.94
C SER A 47 8.10 6.52 -7.24
N PRO A 48 7.87 7.78 -6.84
CA PRO A 48 6.59 8.44 -7.01
C PRO A 48 6.28 8.79 -8.46
N ASP A 49 7.27 8.66 -9.34
CA ASP A 49 7.07 8.91 -10.76
C ASP A 49 6.07 7.91 -11.32
N LEU A 50 6.05 6.75 -10.69
CA LEU A 50 5.17 5.67 -11.09
C LEU A 50 4.01 5.54 -10.12
N THR A 51 3.78 6.58 -9.33
CA THR A 51 2.72 6.55 -8.35
C THR A 51 1.76 7.72 -8.53
N VAL A 52 0.72 7.76 -7.70
CA VAL A 52 -0.26 8.82 -7.76
C VAL A 52 -0.50 9.41 -6.37
N MET A 53 0.00 10.62 -6.15
CA MET A 53 -0.16 11.29 -4.88
C MET A 53 -0.68 12.71 -5.10
N SER A 54 -1.97 12.80 -5.40
CA SER A 54 -2.57 14.06 -5.80
C SER A 54 -4.00 14.17 -5.28
N ILE A 55 -4.62 15.31 -5.55
CA ILE A 55 -5.99 15.54 -5.12
C ILE A 55 -6.81 16.13 -6.26
N ASP A 56 -7.91 15.47 -6.58
CA ASP A 56 -8.78 15.91 -7.66
C ASP A 56 -10.10 16.39 -7.12
N LYS A 57 -10.04 17.48 -6.35
CA LYS A 57 -11.24 18.11 -5.82
C LYS A 57 -10.90 19.46 -5.20
N SER A 58 -10.74 20.44 -6.06
CA SER A 58 -10.45 21.80 -5.64
C SER A 58 -11.75 22.54 -5.38
N VAL A 59 -12.56 21.94 -4.52
CA VAL A 59 -13.90 22.43 -4.21
C VAL A 59 -14.25 21.97 -2.80
N LEU A 60 -14.33 22.90 -1.88
CA LEU A 60 -14.61 22.56 -0.50
C LEU A 60 -15.76 23.37 0.05
N SER A 61 -16.80 22.67 0.44
CA SER A 61 -17.99 23.28 0.98
C SER A 61 -18.08 23.00 2.48
N PRO A 62 -18.75 23.91 3.21
CA PRO A 62 -18.96 23.76 4.65
C PRO A 62 -19.72 22.50 5.00
N GLY A 63 -18.99 21.41 5.22
CA GLY A 63 -19.60 20.16 5.55
C GLY A 63 -18.79 18.98 5.07
N GLU A 64 -18.03 19.17 3.99
CA GLU A 64 -17.21 18.09 3.47
C GLU A 64 -15.74 18.34 3.78
N SER A 65 -14.89 17.45 3.31
CA SER A 65 -13.46 17.59 3.51
C SER A 65 -12.70 17.17 2.26
N ALA A 66 -11.57 17.81 2.03
CA ALA A 66 -10.73 17.46 0.91
C ALA A 66 -9.72 16.42 1.34
N THR A 67 -9.83 15.25 0.76
CA THR A 67 -8.93 14.16 1.09
C THR A 67 -7.90 13.98 -0.01
N ILE A 68 -6.65 14.28 0.29
CA ILE A 68 -5.60 14.15 -0.69
C ILE A 68 -5.24 12.69 -0.86
N THR A 69 -5.40 12.19 -2.07
CA THR A 69 -5.16 10.79 -2.35
C THR A 69 -3.68 10.58 -2.67
N THR A 70 -2.92 10.16 -1.68
CA THR A 70 -1.49 10.03 -1.86
C THR A 70 -1.06 8.59 -1.72
N ILE A 71 -0.83 7.97 -2.86
CA ILE A 71 -0.41 6.58 -2.92
C ILE A 71 1.06 6.54 -3.28
N VAL A 72 1.82 5.66 -2.67
CA VAL A 72 3.23 5.55 -2.98
C VAL A 72 3.54 4.19 -3.61
N LYS A 73 4.29 4.21 -4.69
CA LYS A 73 4.72 2.99 -5.36
C LYS A 73 6.24 2.94 -5.39
N ASP A 74 6.79 1.74 -5.36
CA ASP A 74 8.24 1.58 -5.33
C ASP A 74 8.86 1.83 -6.70
N ILE A 75 10.18 1.74 -6.76
CA ILE A 75 10.95 2.12 -7.94
C ILE A 75 10.54 1.35 -9.20
N ASP A 76 10.18 0.08 -9.05
CA ASP A 76 9.79 -0.73 -10.18
C ASP A 76 8.28 -0.93 -10.23
N GLY A 77 7.58 -0.18 -9.40
CA GLY A 77 6.13 -0.21 -9.42
C GLY A 77 5.55 -1.24 -8.45
N ASN A 78 6.05 -1.25 -7.23
CA ASN A 78 5.55 -2.17 -6.20
C ASN A 78 4.76 -1.43 -5.14
N PRO A 79 4.03 -2.15 -4.28
CA PRO A 79 3.29 -1.56 -3.17
C PRO A 79 4.19 -1.22 -2.00
N VAL A 80 4.44 0.07 -1.81
CA VAL A 80 5.25 0.54 -0.68
C VAL A 80 4.64 0.15 0.65
N ASN A 81 5.47 -0.41 1.52
CA ASN A 81 5.07 -0.71 2.88
C ASN A 81 4.62 0.57 3.58
N GLU A 82 5.51 1.56 3.65
CA GLU A 82 5.19 2.86 4.19
C GLU A 82 6.35 3.84 4.07
N VAL A 83 6.03 5.10 3.88
CA VAL A 83 6.98 6.18 3.84
C VAL A 83 6.62 7.20 4.91
N HIS A 84 7.38 8.26 5.01
CA HIS A 84 7.07 9.31 5.96
C HIS A 84 6.50 10.51 5.21
N ILE A 85 5.37 11.02 5.68
CA ILE A 85 4.76 12.18 5.07
C ILE A 85 4.49 13.24 6.12
N ASN A 86 5.23 14.34 6.05
CA ASN A 86 5.03 15.46 6.97
C ASN A 86 4.20 16.51 6.25
N LYS A 87 3.66 17.46 7.01
CA LYS A 87 2.86 18.51 6.43
C LYS A 87 3.64 19.80 6.31
N THR A 88 3.12 20.67 5.45
CA THR A 88 3.62 22.03 5.29
C THR A 88 2.54 22.88 4.64
N VAL A 89 1.75 23.55 5.44
CA VAL A 89 0.64 24.35 4.92
C VAL A 89 1.11 25.75 4.52
N ALA A 90 0.72 26.17 3.34
CA ALA A 90 1.04 27.50 2.84
C ALA A 90 -0.24 28.24 2.48
N ARG A 91 -0.64 29.16 3.34
CA ARG A 91 -1.89 29.88 3.16
C ARG A 91 -1.65 31.19 2.42
N GLU A 92 -2.32 31.38 1.28
CA GLU A 92 -2.21 32.61 0.53
C GLU A 92 -3.05 33.68 1.23
N ASN A 93 -4.10 33.23 1.90
CA ASN A 93 -4.96 34.11 2.67
C ASN A 93 -5.58 33.29 3.79
N LEU A 94 -5.90 33.94 4.90
CA LEU A 94 -6.29 33.23 6.11
C LEU A 94 -7.66 33.67 6.63
N LYS A 95 -8.41 34.42 5.83
CA LYS A 95 -9.73 34.90 6.23
C LYS A 95 -10.70 33.74 6.47
N GLY A 96 -10.37 32.57 5.96
CA GLY A 96 -11.29 31.45 6.04
C GLY A 96 -11.08 30.63 7.29
N LEU A 97 -11.92 29.62 7.47
CA LEU A 97 -11.82 28.72 8.60
C LEU A 97 -11.22 27.41 8.14
N TRP A 98 -9.96 27.20 8.50
CA TRP A 98 -9.20 26.06 7.99
C TRP A 98 -8.99 25.02 9.08
N ASP A 99 -9.60 23.86 8.93
CA ASP A 99 -9.39 22.77 9.87
C ASP A 99 -8.59 21.67 9.19
N TYR A 100 -7.73 21.03 9.95
CA TYR A 100 -6.81 20.04 9.38
C TYR A 100 -6.88 18.75 10.16
N GLY A 101 -7.50 17.74 9.57
CA GLY A 101 -7.54 16.44 10.18
C GLY A 101 -6.20 15.75 10.10
N PRO A 102 -5.91 14.81 11.01
CA PRO A 102 -4.65 14.08 11.00
C PRO A 102 -4.51 13.18 9.77
N LEU A 103 -3.28 13.04 9.28
CA LEU A 103 -3.01 12.16 8.16
C LEU A 103 -3.34 10.73 8.53
N LYS A 104 -4.33 10.16 7.88
CA LYS A 104 -4.70 8.78 8.12
C LYS A 104 -3.73 7.86 7.40
N LYS A 105 -2.98 7.12 8.19
CA LYS A 105 -2.05 6.14 7.69
C LYS A 105 -2.58 4.76 8.01
N GLU A 106 -3.11 4.13 6.99
CA GLU A 106 -3.72 2.83 7.14
C GLU A 106 -2.84 1.76 6.52
N ASN A 107 -3.07 0.50 6.90
CA ASN A 107 -2.27 -0.60 6.39
C ASN A 107 -2.74 -0.98 5.00
N VAL A 108 -2.20 -0.28 4.02
CA VAL A 108 -2.50 -0.48 2.61
C VAL A 108 -1.25 -0.24 1.78
N PRO A 109 -1.27 -0.58 0.49
CA PRO A 109 -0.10 -0.42 -0.40
C PRO A 109 0.25 1.04 -0.68
N GLY A 110 0.91 1.66 0.28
CA GLY A 110 1.35 3.03 0.13
C GLY A 110 0.22 4.03 0.07
N LYS A 111 -0.96 3.67 0.56
CA LYS A 111 -2.11 4.56 0.52
C LYS A 111 -2.21 5.38 1.81
N TYR A 112 -2.23 6.70 1.65
CA TYR A 112 -2.47 7.60 2.76
C TYR A 112 -3.60 8.53 2.40
N THR A 113 -4.38 8.91 3.40
CA THR A 113 -5.49 9.82 3.15
C THR A 113 -5.68 10.77 4.32
N GLN A 114 -5.67 12.05 4.04
CA GLN A 114 -5.87 13.04 5.09
C GLN A 114 -7.06 13.93 4.74
N VAL A 115 -7.95 14.13 5.71
CA VAL A 115 -9.15 14.90 5.49
C VAL A 115 -8.98 16.35 5.95
N ILE A 116 -8.99 17.27 5.00
CA ILE A 116 -8.89 18.69 5.31
C ILE A 116 -10.29 19.30 5.30
N THR A 117 -10.69 19.91 6.39
CA THR A 117 -12.05 20.37 6.53
C THR A 117 -12.11 21.91 6.59
N TYR A 118 -12.67 22.51 5.56
CA TYR A 118 -12.75 23.96 5.51
C TYR A 118 -14.19 24.44 5.63
N ARG A 119 -14.39 25.53 6.34
CA ARG A 119 -15.71 26.11 6.50
C ARG A 119 -15.83 27.34 5.61
N GLY A 120 -17.02 27.57 5.07
CA GLY A 120 -17.24 28.66 4.15
C GLY A 120 -17.21 30.02 4.81
N HIS A 121 -16.00 30.49 5.10
CA HIS A 121 -15.82 31.80 5.70
C HIS A 121 -15.16 32.73 4.68
N SER A 122 -14.29 32.15 3.86
CA SER A 122 -13.61 32.88 2.81
C SER A 122 -13.21 31.93 1.69
N ASN A 123 -13.33 32.39 0.45
CA ASN A 123 -12.98 31.58 -0.69
C ASN A 123 -11.52 31.82 -1.06
N GLU A 124 -10.66 30.88 -0.71
CA GLU A 124 -9.23 31.05 -0.92
C GLU A 124 -8.54 29.76 -1.33
N ARG A 125 -7.24 29.87 -1.58
CA ARG A 125 -6.42 28.74 -1.94
C ARG A 125 -5.35 28.54 -0.89
N ILE A 126 -5.01 27.29 -0.63
CA ILE A 126 -3.94 26.96 0.30
C ILE A 126 -3.21 25.71 -0.19
N ASP A 127 -1.92 25.85 -0.43
CA ASP A 127 -1.11 24.76 -0.95
C ASP A 127 -0.43 24.04 0.21
N ILE A 128 -0.47 22.72 0.19
CA ILE A 128 0.14 21.94 1.24
C ILE A 128 1.29 21.11 0.69
N SER A 129 2.48 21.38 1.18
CA SER A 129 3.66 20.64 0.82
C SER A 129 3.79 19.41 1.71
N PHE A 130 3.53 18.25 1.14
CA PHE A 130 3.68 17.01 1.88
C PHE A 130 5.11 16.50 1.77
N LYS A 131 5.81 16.54 2.90
CA LYS A 131 7.19 16.11 2.95
C LYS A 131 7.26 14.59 2.94
N TYR A 132 7.65 14.03 1.81
CA TYR A 132 7.82 12.60 1.67
C TYR A 132 9.11 12.15 2.36
N ALA A 133 9.64 11.00 1.94
CA ALA A 133 10.88 10.48 2.50
C ALA A 133 12.03 11.44 2.21
N MET A 134 13.17 11.18 2.83
CA MET A 134 14.37 12.00 2.63
C MET A 134 14.97 11.74 1.25
N SER A 135 14.15 11.92 0.23
CA SER A 135 14.54 11.63 -1.12
C SER A 135 13.78 12.52 -2.10
N PHE A 136 12.47 12.64 -1.89
CA PHE A 136 11.61 13.47 -2.73
C PHE A 136 10.44 14.00 -1.90
N THR A 137 9.68 14.93 -2.48
CA THR A 137 8.52 15.49 -1.80
C THR A 137 7.39 15.75 -2.80
N LYS A 138 6.26 16.26 -2.31
CA LYS A 138 5.14 16.60 -3.18
C LYS A 138 4.39 17.78 -2.58
N GLU A 139 3.80 18.59 -3.44
CA GLU A 139 2.98 19.72 -3.00
C GLU A 139 1.62 19.67 -3.69
N ILE A 140 0.57 19.75 -2.90
CA ILE A 140 -0.78 19.68 -3.41
C ILE A 140 -1.51 20.99 -3.17
N SER A 141 -2.56 21.21 -3.92
CA SER A 141 -3.31 22.45 -3.80
C SER A 141 -4.69 22.19 -3.21
N ILE A 142 -5.06 22.99 -2.23
CA ILE A 142 -6.36 22.91 -1.62
C ILE A 142 -7.12 24.20 -1.90
N ARG A 143 -8.34 24.07 -2.39
CA ARG A 143 -9.15 25.23 -2.76
C ARG A 143 -10.47 25.22 -2.02
N GLY A 144 -10.69 26.25 -1.22
CA GLY A 144 -11.95 26.40 -0.50
C GLY A 144 -13.00 27.02 -1.38
N ARG A 145 -14.21 26.48 -1.36
CA ARG A 145 -15.26 26.92 -2.26
C ARG A 145 -16.36 27.62 -1.49
N LEU A 146 -16.37 28.93 -1.57
CA LEU A 146 -17.40 29.75 -0.92
C LEU A 146 -18.75 29.52 -1.59
N GLY A 1 7.09 -105.73 36.98
CA GLY A 1 7.28 -106.89 36.07
C GLY A 1 8.34 -106.63 35.02
N PRO A 2 7.93 -106.20 33.80
CA PRO A 2 8.86 -105.92 32.69
C PRO A 2 9.82 -104.78 32.98
N LEU A 3 10.99 -104.85 32.37
CA LEU A 3 12.01 -103.81 32.52
C LEU A 3 12.84 -103.75 31.24
N GLY A 4 13.98 -103.09 31.32
CA GLY A 4 14.88 -103.04 30.19
C GLY A 4 15.39 -101.64 29.90
N SER A 5 14.54 -100.65 30.16
CA SER A 5 14.86 -99.25 29.86
C SER A 5 15.22 -99.09 28.39
N GLY A 6 14.22 -99.26 27.53
CA GLY A 6 14.45 -99.15 26.10
C GLY A 6 14.56 -97.71 25.64
N SER A 7 14.40 -97.50 24.34
CA SER A 7 14.48 -96.18 23.77
C SER A 7 13.09 -95.55 23.74
N LYS A 8 13.03 -94.25 23.95
CA LYS A 8 11.76 -93.54 24.01
C LYS A 8 11.62 -92.61 22.83
N ILE A 9 10.68 -91.67 22.93
CA ILE A 9 10.34 -90.80 21.81
C ILE A 9 10.27 -89.34 22.25
N LYS A 10 11.05 -88.49 21.59
CA LYS A 10 10.98 -87.06 21.83
C LYS A 10 10.81 -86.33 20.50
N LEU A 11 10.14 -85.19 20.54
CA LEU A 11 9.93 -84.39 19.33
C LEU A 11 10.57 -83.02 19.51
N GLU A 12 11.13 -82.48 18.44
CA GLU A 12 11.73 -81.16 18.50
C GLU A 12 10.67 -80.09 18.29
N ILE A 13 10.73 -79.04 19.09
CA ILE A 13 9.73 -77.98 19.03
C ILE A 13 9.93 -77.14 17.78
N TYR A 14 8.86 -76.97 17.01
CA TYR A 14 8.91 -76.19 15.79
C TYR A 14 8.85 -74.70 16.12
N ASN A 15 9.42 -73.90 15.25
CA ASN A 15 9.49 -72.46 15.47
C ASN A 15 8.24 -71.75 14.98
N GLU A 16 7.87 -70.70 15.69
CA GLU A 16 6.74 -69.87 15.32
C GLU A 16 7.13 -68.39 15.45
N THR A 17 8.16 -68.13 16.26
CA THR A 17 8.61 -66.76 16.46
C THR A 17 9.98 -66.56 15.84
N ASP A 18 10.33 -67.44 14.90
CA ASP A 18 11.61 -67.36 14.21
C ASP A 18 11.62 -66.21 13.22
N MET A 19 10.43 -65.81 12.79
CA MET A 19 10.27 -64.73 11.84
C MET A 19 10.63 -63.40 12.50
N ALA A 20 11.13 -62.47 11.70
CA ALA A 20 11.58 -61.19 12.21
C ALA A 20 10.46 -60.16 12.15
N SER A 21 10.79 -58.94 11.78
CA SER A 21 9.82 -57.86 11.72
C SER A 21 9.71 -57.30 10.30
N ALA A 22 8.89 -56.28 10.15
CA ALA A 22 8.73 -55.61 8.86
C ALA A 22 9.63 -54.38 8.78
N SER A 23 9.35 -53.50 7.83
CA SER A 23 10.15 -52.29 7.66
C SER A 23 9.75 -51.25 8.71
N GLY A 24 10.48 -50.13 8.72
CA GLY A 24 10.19 -49.08 9.67
C GLY A 24 9.08 -48.16 9.20
N TYR A 25 9.13 -46.90 9.59
CA TYR A 25 8.12 -45.92 9.21
C TYR A 25 8.78 -44.69 8.60
N THR A 26 7.97 -43.75 8.14
CA THR A 26 8.50 -42.55 7.52
C THR A 26 8.00 -41.30 8.23
N PRO A 27 8.89 -40.30 8.40
CA PRO A 27 8.52 -39.01 8.98
C PRO A 27 7.78 -38.14 7.98
N VAL A 28 7.28 -37.00 8.43
CA VAL A 28 6.54 -36.08 7.56
C VAL A 28 7.34 -34.79 7.35
N PRO A 29 7.90 -34.61 6.16
CA PRO A 29 8.62 -33.38 5.79
C PRO A 29 7.74 -32.14 5.93
N SER A 30 8.12 -31.27 6.85
CA SER A 30 7.39 -30.05 7.11
C SER A 30 7.74 -28.97 6.09
N VAL A 31 7.08 -27.82 6.19
CA VAL A 31 7.30 -26.73 5.27
C VAL A 31 7.23 -25.42 6.06
N SER A 32 7.22 -24.31 5.36
CA SER A 32 7.18 -23.00 6.00
C SER A 32 5.74 -22.67 6.40
N GLU A 33 5.52 -21.41 6.75
CA GLU A 33 4.23 -20.98 7.26
C GLU A 33 3.57 -19.98 6.31
N PHE A 34 4.29 -18.91 5.98
CA PHE A 34 3.77 -17.87 5.11
C PHE A 34 4.88 -17.36 4.21
N GLN A 35 4.50 -16.72 3.12
CA GLN A 35 5.46 -16.07 2.23
C GLN A 35 5.86 -14.73 2.83
N TYR A 36 6.92 -14.14 2.31
CA TYR A 36 7.42 -12.89 2.86
C TYR A 36 6.87 -11.70 2.11
N ILE A 37 7.22 -10.52 2.59
CA ILE A 37 6.72 -9.26 2.04
C ILE A 37 5.20 -9.19 2.10
N GLU A 38 4.70 -9.12 3.32
CA GLU A 38 3.29 -8.88 3.59
C GLU A 38 3.18 -7.75 4.61
N THR A 39 4.17 -7.71 5.46
CA THR A 39 4.33 -6.69 6.47
C THR A 39 5.82 -6.49 6.68
N GLU A 40 6.56 -7.59 6.60
CA GLU A 40 8.01 -7.56 6.58
C GLU A 40 8.49 -7.49 5.14
N THR A 41 8.22 -6.35 4.52
CA THR A 41 8.66 -6.08 3.17
C THR A 41 10.14 -5.74 3.14
N ILE A 42 10.80 -6.04 2.03
CA ILE A 42 12.20 -5.69 1.84
C ILE A 42 12.37 -4.18 1.97
N SER A 43 13.46 -3.76 2.57
CA SER A 43 13.70 -2.34 2.78
C SER A 43 14.34 -1.71 1.56
N ASN A 44 13.55 -1.64 0.50
CA ASN A 44 13.97 -1.04 -0.75
C ASN A 44 13.73 0.47 -0.74
N THR A 45 13.78 1.06 -1.92
CA THR A 45 13.55 2.49 -2.08
C THR A 45 12.23 2.75 -2.79
N PRO A 46 11.44 3.73 -2.33
CA PRO A 46 10.22 4.15 -3.02
C PRO A 46 10.53 4.99 -4.26
N SER A 47 9.55 5.14 -5.13
CA SER A 47 9.69 5.96 -6.33
C SER A 47 8.33 6.42 -6.83
N PRO A 48 7.98 7.69 -6.57
CA PRO A 48 6.69 8.26 -6.97
C PRO A 48 6.54 8.39 -8.48
N ASP A 49 7.62 8.16 -9.21
CA ASP A 49 7.57 8.16 -10.67
C ASP A 49 6.55 7.15 -11.17
N LEU A 50 6.43 6.05 -10.43
CA LEU A 50 5.56 4.96 -10.81
C LEU A 50 4.26 4.99 -10.03
N THR A 51 4.03 6.07 -9.28
CA THR A 51 2.90 6.11 -8.38
C THR A 51 1.87 7.17 -8.80
N VAL A 52 0.81 7.28 -8.01
CA VAL A 52 -0.22 8.27 -8.22
C VAL A 52 -0.62 8.92 -6.90
N MET A 53 -0.25 10.18 -6.73
CA MET A 53 -0.58 10.92 -5.52
C MET A 53 -1.19 12.26 -5.88
N SER A 54 -2.51 12.29 -5.98
CA SER A 54 -3.20 13.45 -6.52
C SER A 54 -4.44 13.80 -5.71
N ILE A 55 -5.07 14.88 -6.12
CA ILE A 55 -6.34 15.32 -5.57
C ILE A 55 -7.06 16.17 -6.60
N ASP A 56 -8.27 15.77 -6.96
CA ASP A 56 -8.97 16.41 -8.07
C ASP A 56 -10.20 17.13 -7.59
N LYS A 57 -10.11 17.72 -6.41
CA LYS A 57 -11.21 18.47 -5.88
C LYS A 57 -10.74 19.76 -5.23
N SER A 58 -10.63 20.79 -6.05
CA SER A 58 -10.26 22.11 -5.58
C SER A 58 -11.52 22.93 -5.35
N VAL A 59 -12.32 22.46 -4.41
CA VAL A 59 -13.61 23.05 -4.13
C VAL A 59 -14.22 22.39 -2.89
N LEU A 60 -14.19 23.11 -1.78
CA LEU A 60 -14.57 22.54 -0.50
C LEU A 60 -15.75 23.26 0.11
N SER A 61 -16.79 22.50 0.36
CA SER A 61 -18.02 23.05 0.89
C SER A 61 -18.15 22.79 2.38
N PRO A 62 -18.82 23.69 3.08
CA PRO A 62 -19.10 23.54 4.52
C PRO A 62 -19.81 22.23 4.84
N GLY A 63 -19.06 21.29 5.38
CA GLY A 63 -19.64 20.02 5.74
C GLY A 63 -18.83 18.85 5.22
N GLU A 64 -18.13 19.05 4.11
CA GLU A 64 -17.34 17.99 3.52
C GLU A 64 -15.86 18.21 3.80
N SER A 65 -15.02 17.35 3.24
CA SER A 65 -13.59 17.46 3.41
C SER A 65 -12.86 17.11 2.12
N ALA A 66 -11.65 17.64 1.96
CA ALA A 66 -10.82 17.31 0.82
C ALA A 66 -9.77 16.30 1.23
N THR A 67 -9.85 15.12 0.66
CA THR A 67 -8.92 14.06 0.97
C THR A 67 -7.94 13.87 -0.18
N ILE A 68 -6.68 14.18 0.07
CA ILE A 68 -5.66 14.00 -0.94
C ILE A 68 -5.32 12.53 -1.05
N THR A 69 -5.56 11.95 -2.21
CA THR A 69 -5.32 10.54 -2.41
C THR A 69 -3.86 10.31 -2.82
N THR A 70 -3.04 10.01 -1.83
CA THR A 70 -1.61 9.84 -2.07
C THR A 70 -1.23 8.37 -1.99
N ILE A 71 -0.98 7.79 -3.15
CA ILE A 71 -0.48 6.44 -3.24
C ILE A 71 1.03 6.50 -3.48
N VAL A 72 1.77 5.59 -2.88
CA VAL A 72 3.20 5.52 -3.11
C VAL A 72 3.59 4.15 -3.65
N LYS A 73 4.45 4.15 -4.66
CA LYS A 73 4.97 2.91 -5.24
C LYS A 73 6.49 2.91 -5.12
N ASP A 74 7.08 1.72 -5.04
CA ASP A 74 8.52 1.60 -4.89
C ASP A 74 9.21 1.85 -6.23
N ILE A 75 10.54 1.84 -6.19
CA ILE A 75 11.34 1.96 -7.40
C ILE A 75 11.13 0.74 -8.29
N ASP A 76 10.61 -0.32 -7.69
CA ASP A 76 10.29 -1.54 -8.40
C ASP A 76 8.90 -1.43 -9.03
N GLY A 77 8.06 -0.57 -8.47
CA GLY A 77 6.70 -0.44 -8.94
C GLY A 77 5.72 -1.19 -8.06
N ASN A 78 6.18 -1.63 -6.90
CA ASN A 78 5.34 -2.40 -5.98
C ASN A 78 4.62 -1.47 -4.99
N PRO A 79 3.60 -2.02 -4.29
CA PRO A 79 2.92 -1.31 -3.19
C PRO A 79 3.85 -0.97 -2.03
N VAL A 80 4.14 0.32 -1.87
CA VAL A 80 5.01 0.77 -0.77
C VAL A 80 4.42 0.43 0.58
N ASN A 81 5.27 -0.05 1.48
CA ASN A 81 4.88 -0.33 2.83
C ASN A 81 4.67 0.95 3.63
N GLU A 82 5.69 1.81 3.67
CA GLU A 82 5.61 3.03 4.46
C GLU A 82 6.56 4.11 3.95
N VAL A 83 6.10 5.36 4.04
CA VAL A 83 6.91 6.54 3.80
C VAL A 83 6.48 7.63 4.78
N HIS A 84 7.38 8.50 5.15
CA HIS A 84 7.07 9.59 6.07
C HIS A 84 6.51 10.78 5.30
N ILE A 85 5.27 11.17 5.60
CA ILE A 85 4.69 12.33 4.94
C ILE A 85 4.37 13.42 5.97
N ASN A 86 5.04 14.55 5.83
CA ASN A 86 4.83 15.70 6.70
C ASN A 86 4.02 16.76 5.96
N LYS A 87 3.28 17.57 6.69
CA LYS A 87 2.50 18.63 6.07
C LYS A 87 3.32 19.91 5.92
N THR A 88 2.97 20.69 4.92
CA THR A 88 3.56 22.01 4.70
C THR A 88 2.57 22.91 3.97
N VAL A 89 1.83 23.71 4.71
CA VAL A 89 0.77 24.52 4.13
C VAL A 89 1.26 25.93 3.79
N ALA A 90 0.82 26.42 2.65
CA ALA A 90 1.12 27.78 2.21
C ALA A 90 -0.17 28.52 1.93
N ARG A 91 -0.56 29.38 2.84
CA ARG A 91 -1.83 30.11 2.73
C ARG A 91 -1.62 31.60 2.94
N GLU A 92 -2.49 32.39 2.33
CA GLU A 92 -2.46 33.84 2.49
C GLU A 92 -3.65 34.32 3.33
N ASN A 93 -4.65 33.47 3.45
CA ASN A 93 -5.89 33.85 4.09
C ASN A 93 -6.07 33.11 5.41
N LEU A 94 -6.21 33.87 6.49
CA LEU A 94 -6.38 33.29 7.81
C LEU A 94 -7.82 33.46 8.30
N LYS A 95 -8.61 34.23 7.56
CA LYS A 95 -10.02 34.43 7.88
C LYS A 95 -10.79 33.15 7.64
N GLY A 96 -10.37 32.42 6.62
CA GLY A 96 -11.00 31.17 6.29
C GLY A 96 -10.85 30.14 7.39
N LEU A 97 -11.93 29.44 7.69
CA LEU A 97 -11.90 28.43 8.74
C LEU A 97 -11.37 27.13 8.19
N TRP A 98 -10.04 27.03 8.16
CA TRP A 98 -9.37 25.86 7.64
C TRP A 98 -9.05 24.90 8.77
N ASP A 99 -9.52 23.66 8.68
CA ASP A 99 -9.19 22.67 9.70
C ASP A 99 -8.33 21.57 9.11
N TYR A 100 -7.29 21.24 9.83
CA TYR A 100 -6.30 20.29 9.37
C TYR A 100 -6.11 19.18 10.39
N GLY A 101 -6.48 17.97 10.02
CA GLY A 101 -6.30 16.85 10.91
C GLY A 101 -4.98 16.15 10.69
N PRO A 102 -4.73 15.05 11.40
CA PRO A 102 -3.53 14.25 11.21
C PRO A 102 -3.60 13.45 9.91
N LEU A 103 -2.47 12.92 9.48
CA LEU A 103 -2.43 12.11 8.27
C LEU A 103 -2.89 10.70 8.58
N LYS A 104 -3.99 10.30 7.98
CA LYS A 104 -4.55 8.99 8.22
C LYS A 104 -3.84 7.94 7.39
N LYS A 105 -3.10 7.10 8.09
CA LYS A 105 -2.35 6.04 7.46
C LYS A 105 -2.97 4.70 7.82
N GLU A 106 -3.42 3.99 6.81
CA GLU A 106 -4.01 2.68 7.02
C GLU A 106 -3.08 1.61 6.48
N ASN A 107 -3.36 0.34 6.79
CA ASN A 107 -2.59 -0.75 6.22
C ASN A 107 -3.04 -1.04 4.79
N VAL A 108 -2.66 -0.13 3.89
CA VAL A 108 -2.99 -0.21 2.49
C VAL A 108 -1.74 0.04 1.65
N PRO A 109 -1.72 -0.42 0.39
CA PRO A 109 -0.53 -0.32 -0.46
C PRO A 109 -0.14 1.12 -0.79
N GLY A 110 0.72 1.68 0.04
CA GLY A 110 1.20 3.03 -0.17
C GLY A 110 0.11 4.08 -0.15
N LYS A 111 -1.08 3.73 0.33
CA LYS A 111 -2.18 4.67 0.30
C LYS A 111 -2.26 5.46 1.60
N TYR A 112 -2.16 6.77 1.46
CA TYR A 112 -2.33 7.69 2.58
C TYR A 112 -3.50 8.59 2.32
N THR A 113 -4.25 8.90 3.35
CA THR A 113 -5.41 9.74 3.22
C THR A 113 -5.49 10.74 4.36
N GLN A 114 -5.76 11.98 4.03
CA GLN A 114 -5.90 13.00 5.04
C GLN A 114 -7.07 13.89 4.69
N VAL A 115 -8.02 13.98 5.61
CA VAL A 115 -9.24 14.74 5.37
C VAL A 115 -9.12 16.18 5.84
N ILE A 116 -8.92 17.07 4.90
CA ILE A 116 -8.86 18.49 5.18
C ILE A 116 -10.28 19.04 5.28
N THR A 117 -10.64 19.55 6.45
CA THR A 117 -12.01 19.95 6.68
C THR A 117 -12.12 21.47 6.67
N TYR A 118 -12.98 22.00 5.82
CA TYR A 118 -13.10 23.45 5.68
C TYR A 118 -14.50 23.94 5.97
N ARG A 119 -14.56 25.15 6.48
CA ARG A 119 -15.81 25.87 6.63
C ARG A 119 -15.76 27.10 5.74
N GLY A 120 -16.64 27.14 4.74
CA GLY A 120 -16.65 28.24 3.79
C GLY A 120 -16.98 29.56 4.43
N HIS A 121 -15.97 30.22 4.98
CA HIS A 121 -16.13 31.55 5.55
C HIS A 121 -15.49 32.59 4.66
N SER A 122 -14.29 32.29 4.20
CA SER A 122 -13.57 33.19 3.30
C SER A 122 -13.07 32.42 2.09
N ASN A 123 -13.02 33.10 0.95
CA ASN A 123 -12.64 32.46 -0.32
C ASN A 123 -11.20 32.75 -0.67
N GLU A 124 -10.36 31.73 -0.49
CA GLU A 124 -8.97 31.80 -0.93
C GLU A 124 -8.42 30.41 -1.14
N ARG A 125 -7.21 30.35 -1.67
CA ARG A 125 -6.54 29.10 -1.92
C ARG A 125 -5.50 28.81 -0.86
N ILE A 126 -5.09 27.55 -0.81
CA ILE A 126 -4.01 27.12 0.06
C ILE A 126 -3.33 25.91 -0.57
N ASP A 127 -2.02 25.97 -0.69
CA ASP A 127 -1.27 24.90 -1.32
C ASP A 127 -0.49 24.12 -0.26
N ILE A 128 -0.57 22.80 -0.34
CA ILE A 128 0.07 21.96 0.65
C ILE A 128 1.22 21.17 0.02
N SER A 129 2.41 21.41 0.51
CA SER A 129 3.57 20.67 0.08
C SER A 129 3.78 19.50 1.04
N PHE A 130 3.56 18.29 0.55
CA PHE A 130 3.72 17.11 1.36
C PHE A 130 5.16 16.65 1.35
N LYS A 131 5.77 16.69 2.51
CA LYS A 131 7.14 16.25 2.66
C LYS A 131 7.17 14.74 2.81
N TYR A 132 7.50 14.07 1.72
CA TYR A 132 7.60 12.62 1.70
C TYR A 132 8.92 12.21 2.35
N ALA A 133 9.45 11.05 1.95
CA ALA A 133 10.71 10.59 2.48
C ALA A 133 11.80 11.60 2.15
N MET A 134 12.91 11.53 2.87
CA MET A 134 14.00 12.47 2.67
C MET A 134 14.76 12.17 1.39
N SER A 135 14.01 12.16 0.29
CA SER A 135 14.57 11.90 -1.02
C SER A 135 13.82 12.72 -2.07
N PHE A 136 12.49 12.73 -1.97
CA PHE A 136 11.63 13.44 -2.91
C PHE A 136 10.37 13.92 -2.21
N THR A 137 9.75 14.96 -2.76
CA THR A 137 8.54 15.54 -2.18
C THR A 137 7.49 15.80 -3.25
N LYS A 138 6.28 16.19 -2.83
CA LYS A 138 5.18 16.45 -3.75
C LYS A 138 4.29 17.56 -3.19
N GLU A 139 3.73 18.35 -4.08
CA GLU A 139 2.87 19.46 -3.68
C GLU A 139 1.50 19.34 -4.32
N ILE A 140 0.47 19.56 -3.53
CA ILE A 140 -0.91 19.48 -3.99
C ILE A 140 -1.63 20.80 -3.76
N SER A 141 -2.71 21.00 -4.49
CA SER A 141 -3.43 22.26 -4.44
C SER A 141 -4.77 22.11 -3.74
N ILE A 142 -5.06 23.02 -2.83
CA ILE A 142 -6.34 23.02 -2.13
C ILE A 142 -7.05 24.36 -2.35
N ARG A 143 -8.37 24.31 -2.51
CA ARG A 143 -9.15 25.50 -2.75
C ARG A 143 -10.48 25.45 -1.99
N GLY A 144 -10.76 26.49 -1.23
CA GLY A 144 -12.00 26.56 -0.50
C GLY A 144 -13.13 27.10 -1.36
N ARG A 145 -14.32 26.54 -1.19
CA ARG A 145 -15.47 26.95 -1.99
C ARG A 145 -16.28 28.00 -1.23
N LEU A 146 -16.13 29.25 -1.63
CA LEU A 146 -16.85 30.34 -1.00
C LEU A 146 -17.27 31.33 -2.08
N GLY A 1 11.81 -105.02 -2.32
CA GLY A 1 12.95 -104.08 -2.37
C GLY A 1 12.52 -102.71 -2.87
N PRO A 2 13.28 -101.66 -2.53
CA PRO A 2 12.95 -100.28 -2.94
C PRO A 2 13.03 -100.10 -4.46
N LEU A 3 11.93 -99.64 -5.05
CA LEU A 3 11.88 -99.44 -6.48
C LEU A 3 12.14 -97.99 -6.83
N GLY A 4 13.33 -97.73 -7.38
CA GLY A 4 13.65 -96.41 -7.85
C GLY A 4 13.74 -96.37 -9.35
N SER A 5 12.92 -95.53 -9.98
CA SER A 5 12.87 -95.46 -11.43
C SER A 5 12.76 -94.02 -11.89
N GLY A 6 13.55 -93.67 -12.91
CA GLY A 6 13.51 -92.33 -13.45
C GLY A 6 12.76 -92.27 -14.77
N SER A 7 12.20 -91.11 -15.09
CA SER A 7 11.48 -90.93 -16.32
C SER A 7 12.19 -89.92 -17.22
N LYS A 8 12.41 -90.30 -18.47
CA LYS A 8 13.08 -89.42 -19.41
C LYS A 8 12.07 -88.44 -20.02
N ILE A 9 12.04 -87.23 -19.47
CA ILE A 9 11.11 -86.22 -19.92
C ILE A 9 11.83 -85.25 -20.85
N LYS A 10 11.11 -84.21 -21.26
CA LYS A 10 11.66 -83.20 -22.15
C LYS A 10 11.74 -81.87 -21.44
N LEU A 11 12.94 -81.33 -21.33
CA LEU A 11 13.14 -80.03 -20.72
C LEU A 11 12.97 -78.93 -21.78
N GLU A 12 11.73 -78.50 -21.97
CA GLU A 12 11.44 -77.42 -22.89
C GLU A 12 11.73 -76.10 -22.21
N ILE A 13 12.84 -75.48 -22.57
CA ILE A 13 13.26 -74.23 -21.94
C ILE A 13 12.31 -73.09 -22.28
N TYR A 14 11.49 -72.73 -21.31
CA TYR A 14 10.52 -71.65 -21.48
C TYR A 14 11.17 -70.30 -21.20
N ASN A 15 10.62 -69.27 -21.81
CA ASN A 15 11.11 -67.91 -21.64
C ASN A 15 10.70 -67.37 -20.27
N GLU A 16 11.34 -66.29 -19.85
CA GLU A 16 11.05 -65.69 -18.58
C GLU A 16 10.49 -64.29 -18.83
N THR A 17 10.19 -64.04 -20.11
CA THR A 17 9.74 -62.74 -20.61
C THR A 17 10.56 -61.62 -19.96
N ASP A 18 11.88 -61.85 -19.92
CA ASP A 18 12.81 -60.99 -19.22
C ASP A 18 13.11 -59.70 -20.00
N MET A 19 12.30 -59.42 -21.01
CA MET A 19 12.43 -58.18 -21.79
C MET A 19 12.21 -56.98 -20.90
N ALA A 20 13.23 -56.14 -20.79
CA ALA A 20 13.19 -54.98 -19.91
C ALA A 20 12.69 -53.75 -20.65
N SER A 21 11.37 -53.64 -20.73
CA SER A 21 10.74 -52.50 -21.38
C SER A 21 10.35 -51.45 -20.33
N ALA A 22 10.84 -51.64 -19.11
CA ALA A 22 10.55 -50.73 -18.02
C ALA A 22 11.41 -49.47 -18.13
N SER A 23 10.96 -48.41 -17.46
CA SER A 23 11.68 -47.14 -17.48
C SER A 23 11.20 -46.28 -16.31
N GLY A 24 12.03 -45.35 -15.87
CA GLY A 24 11.67 -44.48 -14.77
C GLY A 24 10.99 -43.22 -15.26
N TYR A 25 10.96 -42.20 -14.41
CA TYR A 25 10.28 -40.95 -14.73
C TYR A 25 11.09 -39.75 -14.27
N THR A 26 10.49 -38.56 -14.40
CA THR A 26 11.16 -37.31 -14.09
C THR A 26 11.24 -37.07 -12.59
N PRO A 27 12.34 -36.48 -12.12
CA PRO A 27 12.55 -36.14 -10.71
C PRO A 27 11.82 -34.86 -10.31
N VAL A 28 11.92 -34.48 -9.04
CA VAL A 28 11.26 -33.29 -8.55
C VAL A 28 12.25 -32.38 -7.83
N PRO A 29 12.13 -31.05 -8.05
CA PRO A 29 13.00 -30.07 -7.40
C PRO A 29 12.64 -29.87 -5.93
N SER A 30 13.53 -29.23 -5.18
CA SER A 30 13.29 -28.98 -3.77
C SER A 30 13.21 -27.48 -3.50
N VAL A 31 12.23 -27.08 -2.71
CA VAL A 31 12.01 -25.68 -2.40
C VAL A 31 11.11 -25.55 -1.18
N SER A 32 11.45 -24.63 -0.29
CA SER A 32 10.68 -24.40 0.91
C SER A 32 10.49 -22.90 1.13
N GLU A 33 9.40 -22.54 1.77
CA GLU A 33 9.12 -21.15 2.09
C GLU A 33 9.88 -20.73 3.34
N PHE A 34 10.83 -19.84 3.17
CA PHE A 34 11.60 -19.31 4.29
C PHE A 34 11.02 -17.98 4.74
N GLN A 35 11.17 -17.67 6.02
CA GLN A 35 10.61 -16.44 6.57
C GLN A 35 11.34 -15.22 6.04
N TYR A 36 10.59 -14.31 5.44
CA TYR A 36 11.17 -13.15 4.77
C TYR A 36 10.13 -12.03 4.70
N ILE A 37 10.61 -10.78 4.75
CA ILE A 37 9.74 -9.60 4.65
C ILE A 37 8.83 -9.49 5.89
N GLU A 38 9.31 -10.03 6.98
CA GLU A 38 8.60 -9.98 8.24
C GLU A 38 9.51 -9.36 9.30
N THR A 39 9.33 -8.07 9.47
CA THR A 39 10.15 -7.24 10.36
C THR A 39 11.45 -6.88 9.65
N GLU A 40 11.83 -7.71 8.69
CA GLU A 40 13.00 -7.47 7.87
C GLU A 40 12.62 -7.47 6.39
N THR A 41 11.69 -6.59 6.03
CA THR A 41 11.27 -6.43 4.65
C THR A 41 12.42 -5.89 3.79
N ILE A 42 12.27 -6.01 2.47
CA ILE A 42 13.30 -5.57 1.54
C ILE A 42 13.55 -4.07 1.67
N SER A 43 14.80 -3.71 1.83
CA SER A 43 15.17 -2.31 1.96
C SER A 43 15.35 -1.71 0.57
N ASN A 44 14.25 -1.65 -0.16
CA ASN A 44 14.26 -1.11 -1.52
C ASN A 44 14.10 0.40 -1.50
N THR A 45 13.83 0.97 -2.66
CA THR A 45 13.65 2.41 -2.79
C THR A 45 12.29 2.72 -3.39
N PRO A 46 11.61 3.76 -2.88
CA PRO A 46 10.35 4.23 -3.45
C PRO A 46 10.58 5.03 -4.73
N SER A 47 9.55 5.11 -5.56
CA SER A 47 9.63 5.88 -6.80
C SER A 47 8.24 6.39 -7.17
N PRO A 48 7.96 7.67 -6.88
CA PRO A 48 6.69 8.29 -7.20
C PRO A 48 6.50 8.49 -8.71
N ASP A 49 7.58 8.25 -9.44
CA ASP A 49 7.56 8.27 -10.90
C ASP A 49 6.49 7.32 -11.43
N LEU A 50 6.28 6.24 -10.71
CA LEU A 50 5.35 5.20 -11.11
C LEU A 50 4.16 5.15 -10.17
N THR A 51 3.90 6.24 -9.45
CA THR A 51 2.82 6.26 -8.49
C THR A 51 1.80 7.35 -8.82
N VAL A 52 0.78 7.46 -7.97
CA VAL A 52 -0.24 8.48 -8.13
C VAL A 52 -0.53 9.15 -6.79
N MET A 53 0.00 10.34 -6.60
CA MET A 53 -0.20 11.09 -5.36
C MET A 53 -0.72 12.49 -5.66
N SER A 54 -2.01 12.57 -5.92
CA SER A 54 -2.62 13.82 -6.33
C SER A 54 -4.02 13.97 -5.76
N ILE A 55 -4.54 15.18 -5.84
CA ILE A 55 -5.90 15.48 -5.45
C ILE A 55 -6.59 16.22 -6.58
N ASP A 56 -7.55 15.55 -7.20
CA ASP A 56 -8.25 16.11 -8.35
C ASP A 56 -9.58 16.70 -7.92
N LYS A 57 -9.54 17.59 -6.95
CA LYS A 57 -10.75 18.23 -6.46
C LYS A 57 -10.44 19.54 -5.75
N SER A 58 -10.61 20.63 -6.48
CA SER A 58 -10.49 21.96 -5.91
C SER A 58 -11.84 22.37 -5.33
N VAL A 59 -12.31 21.55 -4.41
CA VAL A 59 -13.66 21.62 -3.88
C VAL A 59 -13.68 21.37 -2.38
N LEU A 60 -14.03 22.41 -1.62
CA LEU A 60 -14.18 22.28 -0.18
C LEU A 60 -15.40 23.05 0.30
N SER A 61 -16.15 22.43 1.19
CA SER A 61 -17.36 23.03 1.71
C SER A 61 -17.54 22.67 3.18
N PRO A 62 -18.35 23.44 3.93
CA PRO A 62 -18.60 23.18 5.36
C PRO A 62 -19.44 21.91 5.58
N GLY A 63 -19.60 21.13 4.53
CA GLY A 63 -20.33 19.89 4.62
C GLY A 63 -19.62 18.77 3.90
N GLU A 64 -18.35 19.00 3.54
CA GLU A 64 -17.55 17.98 2.89
C GLU A 64 -16.08 18.18 3.25
N SER A 65 -15.24 17.25 2.84
CA SER A 65 -13.82 17.36 3.10
C SER A 65 -13.01 16.70 1.99
N ALA A 66 -11.88 17.28 1.65
CA ALA A 66 -11.03 16.72 0.62
C ALA A 66 -10.06 15.73 1.22
N THR A 67 -10.08 14.52 0.72
CA THR A 67 -9.11 13.53 1.11
C THR A 67 -8.08 13.38 0.01
N ILE A 68 -6.90 13.91 0.26
CA ILE A 68 -5.85 13.89 -0.74
C ILE A 68 -5.37 12.47 -0.92
N THR A 69 -5.51 11.95 -2.12
CA THR A 69 -5.17 10.57 -2.37
C THR A 69 -3.71 10.43 -2.73
N THR A 70 -2.90 10.11 -1.74
CA THR A 70 -1.48 9.97 -1.96
C THR A 70 -1.07 8.51 -1.91
N ILE A 71 -0.86 7.95 -3.09
CA ILE A 71 -0.39 6.59 -3.22
C ILE A 71 1.11 6.63 -3.49
N VAL A 72 1.85 5.74 -2.88
CA VAL A 72 3.28 5.67 -3.12
C VAL A 72 3.65 4.32 -3.76
N LYS A 73 4.53 4.38 -4.75
CA LYS A 73 4.97 3.20 -5.46
C LYS A 73 6.47 3.05 -5.31
N ASP A 74 6.97 1.83 -5.36
CA ASP A 74 8.41 1.61 -5.29
C ASP A 74 9.03 1.77 -6.66
N ILE A 75 10.35 1.68 -6.71
CA ILE A 75 11.09 1.83 -7.95
C ILE A 75 10.75 0.71 -8.93
N ASP A 76 10.39 -0.45 -8.39
CA ASP A 76 10.01 -1.59 -9.22
C ASP A 76 8.54 -1.49 -9.62
N GLY A 77 7.85 -0.51 -9.07
CA GLY A 77 6.42 -0.38 -9.30
C GLY A 77 5.62 -1.18 -8.30
N ASN A 78 6.25 -1.53 -7.19
CA ASN A 78 5.60 -2.30 -6.14
C ASN A 78 4.73 -1.39 -5.28
N PRO A 79 3.76 -1.97 -4.58
CA PRO A 79 2.96 -1.24 -3.60
C PRO A 79 3.74 -1.00 -2.31
N VAL A 80 4.17 0.24 -2.11
CA VAL A 80 4.98 0.61 -0.94
C VAL A 80 4.27 0.27 0.37
N ASN A 81 5.04 -0.21 1.33
CA ASN A 81 4.53 -0.45 2.66
C ASN A 81 4.16 0.88 3.33
N GLU A 82 5.14 1.78 3.41
CA GLU A 82 4.93 3.10 4.00
C GLU A 82 6.14 4.01 3.76
N VAL A 83 5.89 5.31 3.66
CA VAL A 83 6.94 6.31 3.52
C VAL A 83 6.75 7.42 4.55
N HIS A 84 7.81 8.16 4.80
CA HIS A 84 7.74 9.33 5.66
C HIS A 84 6.91 10.42 4.97
N ILE A 85 5.99 11.04 5.70
CA ILE A 85 5.24 12.18 5.18
C ILE A 85 4.96 13.19 6.28
N ASN A 86 5.48 14.40 6.08
CA ASN A 86 5.20 15.52 6.98
C ASN A 86 4.31 16.53 6.28
N LYS A 87 3.66 17.39 7.04
CA LYS A 87 2.84 18.43 6.45
C LYS A 87 3.56 19.77 6.47
N THR A 88 3.21 20.59 5.50
CA THR A 88 3.74 21.94 5.38
C THR A 88 2.64 22.87 4.89
N VAL A 89 2.23 23.80 5.74
CA VAL A 89 1.08 24.64 5.45
C VAL A 89 1.52 26.01 4.90
N ALA A 90 1.14 26.28 3.67
CA ALA A 90 1.40 27.56 3.02
C ALA A 90 0.07 28.21 2.64
N ARG A 91 -0.05 29.49 2.93
CA ARG A 91 -1.32 30.19 2.76
C ARG A 91 -1.15 31.49 2.00
N GLU A 92 -2.18 31.89 1.28
CA GLU A 92 -2.17 33.19 0.61
C GLU A 92 -2.85 34.23 1.48
N ASN A 93 -3.82 33.77 2.27
CA ASN A 93 -4.64 34.66 3.07
C ASN A 93 -5.32 33.87 4.19
N LEU A 94 -5.68 34.55 5.27
CA LEU A 94 -6.21 33.88 6.46
C LEU A 94 -7.70 34.14 6.63
N LYS A 95 -8.34 34.72 5.62
CA LYS A 95 -9.78 34.93 5.65
C LYS A 95 -10.53 33.60 5.63
N GLY A 96 -9.86 32.57 5.18
CA GLY A 96 -10.46 31.26 5.11
C GLY A 96 -10.24 30.46 6.38
N LEU A 97 -11.18 29.61 6.71
CA LEU A 97 -11.07 28.79 7.91
C LEU A 97 -10.92 27.34 7.50
N TRP A 98 -9.71 26.81 7.69
CA TRP A 98 -9.41 25.47 7.23
C TRP A 98 -9.34 24.51 8.39
N ASP A 99 -9.98 23.36 8.24
CA ASP A 99 -9.93 22.30 9.23
C ASP A 99 -8.89 21.28 8.80
N TYR A 100 -8.07 20.84 9.72
CA TYR A 100 -6.95 19.98 9.37
C TYR A 100 -6.90 18.72 10.21
N GLY A 101 -7.02 17.58 9.55
CA GLY A 101 -6.68 16.33 10.19
C GLY A 101 -5.19 16.09 10.08
N PRO A 102 -4.56 15.42 11.07
CA PRO A 102 -3.12 15.17 11.05
C PRO A 102 -2.69 14.42 9.78
N LEU A 103 -2.95 13.13 9.77
CA LEU A 103 -2.71 12.28 8.61
C LEU A 103 -3.09 10.86 8.97
N LYS A 104 -4.13 10.34 8.35
CA LYS A 104 -4.55 9.00 8.62
C LYS A 104 -3.66 8.01 7.87
N LYS A 105 -2.99 7.18 8.65
CA LYS A 105 -2.10 6.19 8.11
C LYS A 105 -2.85 4.87 7.98
N GLU A 106 -3.41 4.67 6.82
CA GLU A 106 -4.25 3.52 6.58
C GLU A 106 -3.39 2.30 6.25
N ASN A 107 -3.87 1.12 6.60
CA ASN A 107 -3.14 -0.10 6.31
C ASN A 107 -3.39 -0.51 4.87
N VAL A 108 -2.84 0.29 3.97
CA VAL A 108 -2.99 0.06 2.55
C VAL A 108 -1.66 0.23 1.85
N PRO A 109 -1.53 -0.28 0.62
CA PRO A 109 -0.29 -0.17 -0.15
C PRO A 109 0.02 1.27 -0.55
N GLY A 110 0.83 1.92 0.26
CA GLY A 110 1.32 3.24 -0.05
C GLY A 110 0.26 4.32 -0.02
N LYS A 111 -0.92 4.00 0.48
CA LYS A 111 -2.01 4.98 0.50
C LYS A 111 -2.10 5.69 1.84
N TYR A 112 -1.87 6.99 1.82
CA TYR A 112 -2.13 7.84 2.97
C TYR A 112 -3.35 8.67 2.70
N THR A 113 -4.11 8.94 3.75
CA THR A 113 -5.35 9.69 3.58
C THR A 113 -5.56 10.63 4.73
N GLN A 114 -5.99 11.84 4.44
CA GLN A 114 -6.29 12.80 5.46
C GLN A 114 -7.44 13.68 5.01
N VAL A 115 -8.22 14.18 5.96
CA VAL A 115 -9.36 15.00 5.60
C VAL A 115 -9.10 16.46 5.92
N ILE A 116 -9.17 17.28 4.89
CA ILE A 116 -9.09 18.71 5.05
C ILE A 116 -10.47 19.31 4.84
N THR A 117 -10.97 20.00 5.85
CA THR A 117 -12.31 20.54 5.81
C THR A 117 -12.27 22.06 5.69
N TYR A 118 -13.36 22.66 5.26
CA TYR A 118 -13.44 24.10 5.10
C TYR A 118 -14.64 24.65 5.85
N ARG A 119 -14.42 25.72 6.61
CA ARG A 119 -15.51 26.38 7.30
C ARG A 119 -15.93 27.60 6.47
N GLY A 120 -17.22 27.74 6.23
CA GLY A 120 -17.71 28.79 5.35
C GLY A 120 -17.45 30.18 5.87
N HIS A 121 -16.27 30.71 5.58
CA HIS A 121 -15.90 32.04 6.04
C HIS A 121 -15.53 32.93 4.86
N SER A 122 -14.67 32.43 3.97
CA SER A 122 -14.23 33.19 2.81
C SER A 122 -13.60 32.27 1.77
N ASN A 123 -13.54 32.72 0.52
CA ASN A 123 -13.02 31.90 -0.56
C ASN A 123 -11.53 32.16 -0.74
N GLU A 124 -10.71 31.43 -0.02
CA GLU A 124 -9.26 31.56 -0.14
C GLU A 124 -8.66 30.29 -0.73
N ARG A 125 -7.36 30.30 -0.95
CA ARG A 125 -6.65 29.13 -1.42
C ARG A 125 -5.53 28.80 -0.44
N ILE A 126 -5.39 27.52 -0.12
CA ILE A 126 -4.34 27.08 0.79
C ILE A 126 -3.60 25.89 0.18
N ASP A 127 -2.28 25.86 0.36
CA ASP A 127 -1.45 24.83 -0.24
C ASP A 127 -0.69 24.06 0.83
N ILE A 128 -0.77 22.74 0.79
CA ILE A 128 -0.08 21.91 1.75
C ILE A 128 1.01 21.10 1.07
N SER A 129 2.23 21.35 1.48
CA SER A 129 3.38 20.69 0.91
C SER A 129 3.76 19.47 1.75
N PHE A 130 3.55 18.28 1.21
CA PHE A 130 3.86 17.06 1.94
C PHE A 130 5.33 16.70 1.80
N LYS A 131 5.99 16.55 2.94
CA LYS A 131 7.37 16.16 2.96
C LYS A 131 7.47 14.65 3.01
N TYR A 132 7.60 14.03 1.85
CA TYR A 132 7.69 12.57 1.73
C TYR A 132 9.03 12.06 2.26
N ALA A 133 9.48 10.93 1.71
CA ALA A 133 10.77 10.36 2.06
C ALA A 133 11.87 11.39 1.82
N MET A 134 13.00 11.21 2.49
CA MET A 134 14.11 12.17 2.40
C MET A 134 14.73 12.19 1.00
N SER A 135 14.09 11.50 0.08
CA SER A 135 14.55 11.37 -1.27
C SER A 135 13.80 12.31 -2.22
N PHE A 136 12.51 12.52 -1.94
CA PHE A 136 11.66 13.37 -2.77
C PHE A 136 10.47 13.89 -1.97
N THR A 137 9.95 15.03 -2.37
CA THR A 137 8.78 15.60 -1.70
C THR A 137 7.69 15.94 -2.73
N LYS A 138 6.50 16.25 -2.25
CA LYS A 138 5.36 16.54 -3.12
C LYS A 138 4.26 17.24 -2.37
N GLU A 139 3.69 18.20 -3.03
CA GLU A 139 2.75 19.09 -2.42
C GLU A 139 1.39 19.00 -3.10
N ILE A 140 0.38 19.57 -2.45
CA ILE A 140 -0.98 19.54 -2.95
C ILE A 140 -1.69 20.85 -2.62
N SER A 141 -2.79 21.11 -3.31
CA SER A 141 -3.52 22.37 -3.14
C SER A 141 -4.94 22.13 -2.66
N ILE A 142 -5.43 23.02 -1.81
CA ILE A 142 -6.79 22.95 -1.29
C ILE A 142 -7.53 24.24 -1.62
N ARG A 143 -8.72 24.11 -2.19
CA ARG A 143 -9.52 25.26 -2.58
C ARG A 143 -10.91 25.20 -1.95
N GLY A 144 -11.22 26.20 -1.13
CA GLY A 144 -12.52 26.28 -0.51
C GLY A 144 -13.56 26.87 -1.42
N ARG A 145 -14.72 26.24 -1.48
CA ARG A 145 -15.81 26.72 -2.31
C ARG A 145 -16.70 27.64 -1.51
N LEU A 146 -16.72 28.90 -1.91
CA LEU A 146 -17.68 29.85 -1.37
C LEU A 146 -18.79 30.04 -2.40
N GLY A 1 56.25 -62.17 67.42
CA GLY A 1 56.64 -61.26 66.32
C GLY A 1 56.02 -61.68 65.00
N PRO A 2 56.81 -61.76 63.92
CA PRO A 2 56.32 -62.21 62.61
C PRO A 2 55.88 -63.67 62.65
N LEU A 3 55.06 -64.05 61.70
CA LEU A 3 54.53 -65.41 61.65
C LEU A 3 55.12 -66.15 60.45
N GLY A 4 54.88 -65.59 59.29
CA GLY A 4 55.33 -66.20 58.06
C GLY A 4 54.48 -65.78 56.89
N SER A 5 55.05 -65.00 55.98
CA SER A 5 54.29 -64.44 54.88
C SER A 5 54.55 -65.18 53.58
N GLY A 6 53.58 -65.97 53.14
CA GLY A 6 53.68 -66.61 51.84
C GLY A 6 53.56 -65.61 50.71
N SER A 7 54.47 -65.67 49.77
CA SER A 7 54.52 -64.71 48.68
C SER A 7 53.57 -65.13 47.56
N LYS A 8 52.39 -64.54 47.55
CA LYS A 8 51.38 -64.85 46.53
C LYS A 8 50.79 -63.56 45.96
N ILE A 9 50.32 -63.64 44.72
CA ILE A 9 49.77 -62.49 44.05
C ILE A 9 48.49 -62.87 43.31
N LYS A 10 47.66 -61.88 43.06
CA LYS A 10 46.44 -62.07 42.29
C LYS A 10 46.49 -61.24 41.01
N LEU A 11 45.78 -61.68 39.98
CA LEU A 11 45.73 -60.96 38.73
C LEU A 11 44.45 -60.13 38.66
N GLU A 12 44.55 -58.98 38.02
CA GLU A 12 43.40 -58.08 37.90
C GLU A 12 42.63 -58.33 36.62
N ILE A 13 41.31 -58.27 36.70
CA ILE A 13 40.46 -58.45 35.54
C ILE A 13 40.04 -57.08 35.01
N TYR A 14 40.16 -56.89 33.71
CA TYR A 14 39.87 -55.60 33.10
C TYR A 14 38.55 -55.64 32.33
N ASN A 15 37.94 -54.47 32.17
CA ASN A 15 36.66 -54.35 31.47
C ASN A 15 36.85 -54.62 29.99
N GLU A 16 35.75 -54.85 29.29
CA GLU A 16 35.78 -55.14 27.87
C GLU A 16 35.34 -53.91 27.09
N THR A 17 35.13 -52.83 27.83
CA THR A 17 34.51 -51.61 27.33
C THR A 17 33.34 -51.95 26.40
N ASP A 18 32.30 -52.53 27.01
CA ASP A 18 31.12 -52.96 26.27
C ASP A 18 30.39 -51.76 25.65
N MET A 19 30.66 -50.58 26.21
CA MET A 19 30.08 -49.33 25.72
C MET A 19 30.38 -49.15 24.23
N ALA A 20 29.39 -48.70 23.49
CA ALA A 20 29.50 -48.55 22.05
C ALA A 20 28.52 -47.51 21.55
N SER A 21 29.02 -46.55 20.81
CA SER A 21 28.20 -45.50 20.22
C SER A 21 27.20 -46.11 19.24
N ALA A 22 25.97 -45.63 19.27
CA ALA A 22 24.90 -46.16 18.43
C ALA A 22 24.63 -45.24 17.24
N SER A 23 23.46 -45.43 16.62
CA SER A 23 23.04 -44.60 15.50
C SER A 23 22.56 -43.23 15.98
N GLY A 24 22.27 -42.35 15.04
CA GLY A 24 21.83 -41.02 15.39
C GLY A 24 20.38 -40.79 15.04
N TYR A 25 20.00 -39.52 14.96
CA TYR A 25 18.63 -39.15 14.63
C TYR A 25 18.56 -38.55 13.23
N THR A 26 17.40 -38.05 12.85
CA THR A 26 17.22 -37.49 11.52
C THR A 26 16.63 -36.08 11.61
N PRO A 27 17.10 -35.16 10.75
CA PRO A 27 16.59 -33.79 10.71
C PRO A 27 15.14 -33.72 10.22
N VAL A 28 14.51 -32.58 10.44
CA VAL A 28 13.13 -32.37 10.04
C VAL A 28 13.02 -32.11 8.54
N PRO A 29 11.81 -32.28 7.97
CA PRO A 29 11.56 -32.04 6.54
C PRO A 29 11.72 -30.57 6.15
N SER A 30 11.51 -30.30 4.86
CA SER A 30 11.66 -28.95 4.31
C SER A 30 10.58 -28.00 4.81
N VAL A 31 10.67 -26.75 4.36
CA VAL A 31 9.71 -25.73 4.71
C VAL A 31 9.24 -25.03 3.44
N SER A 32 7.96 -25.14 3.15
CA SER A 32 7.38 -24.57 1.95
C SER A 32 7.39 -23.05 1.97
N GLU A 33 7.31 -22.45 0.78
CA GLU A 33 7.30 -21.00 0.64
C GLU A 33 5.89 -20.45 0.85
N PHE A 34 5.76 -19.49 1.74
CA PHE A 34 4.48 -18.83 1.98
C PHE A 34 4.44 -17.49 1.24
N GLN A 35 3.33 -16.78 1.35
CA GLN A 35 3.21 -15.48 0.68
C GLN A 35 3.99 -14.42 1.44
N TYR A 36 4.83 -13.70 0.72
CA TYR A 36 5.75 -12.75 1.33
C TYR A 36 5.28 -11.31 1.21
N ILE A 37 6.09 -10.42 1.76
CA ILE A 37 5.90 -8.96 1.68
C ILE A 37 4.56 -8.52 2.27
N GLU A 38 4.11 -9.25 3.24
CA GLU A 38 2.94 -8.88 4.01
C GLU A 38 3.29 -8.88 5.48
N THR A 39 4.48 -9.37 5.76
CA THR A 39 5.02 -9.42 7.11
C THR A 39 6.47 -9.00 7.06
N GLU A 40 7.28 -9.84 6.45
CA GLU A 40 8.67 -9.50 6.17
C GLU A 40 8.79 -8.94 4.76
N THR A 41 8.27 -7.73 4.62
CA THR A 41 8.38 -6.96 3.38
C THR A 41 9.84 -6.59 3.09
N ILE A 42 10.06 -5.91 1.97
CA ILE A 42 11.40 -5.58 1.52
C ILE A 42 11.70 -4.11 1.80
N SER A 43 12.92 -3.84 2.25
CA SER A 43 13.37 -2.47 2.46
C SER A 43 13.87 -1.90 1.14
N ASN A 44 12.94 -1.79 0.19
CA ASN A 44 13.26 -1.32 -1.15
C ASN A 44 13.34 0.21 -1.20
N THR A 45 13.31 0.73 -2.42
CA THR A 45 13.35 2.16 -2.65
C THR A 45 12.03 2.63 -3.29
N PRO A 46 11.38 3.62 -2.68
CA PRO A 46 10.15 4.20 -3.24
C PRO A 46 10.43 5.23 -4.33
N SER A 47 9.40 5.58 -5.09
CA SER A 47 9.48 6.63 -6.10
C SER A 47 8.08 7.06 -6.53
N PRO A 48 7.70 8.30 -6.20
CA PRO A 48 6.39 8.83 -6.55
C PRO A 48 6.25 9.12 -8.05
N ASP A 49 7.38 9.03 -8.76
CA ASP A 49 7.40 9.27 -10.20
C ASP A 49 6.41 8.35 -10.90
N LEU A 50 6.29 7.14 -10.38
CA LEU A 50 5.46 6.12 -10.98
C LEU A 50 4.22 5.84 -10.12
N THR A 51 3.91 6.74 -9.20
CA THR A 51 2.82 6.51 -8.27
C THR A 51 1.64 7.43 -8.56
N VAL A 52 0.62 7.35 -7.72
CA VAL A 52 -0.52 8.24 -7.82
C VAL A 52 -0.81 8.90 -6.47
N MET A 53 -0.49 10.17 -6.38
CA MET A 53 -0.66 10.93 -5.15
C MET A 53 -1.25 12.30 -5.47
N SER A 54 -2.52 12.31 -5.83
CA SER A 54 -3.12 13.51 -6.37
C SER A 54 -4.48 13.78 -5.76
N ILE A 55 -5.00 14.95 -6.05
CA ILE A 55 -6.32 15.35 -5.60
C ILE A 55 -6.97 16.21 -6.68
N ASP A 56 -8.25 16.01 -6.93
CA ASP A 56 -8.94 16.76 -7.96
C ASP A 56 -10.18 17.41 -7.38
N LYS A 57 -9.97 18.49 -6.64
CA LYS A 57 -11.06 19.27 -6.06
C LYS A 57 -10.53 20.47 -5.29
N SER A 58 -10.44 21.59 -5.97
CA SER A 58 -10.17 22.86 -5.33
C SER A 58 -11.50 23.43 -4.85
N VAL A 59 -12.17 22.63 -4.05
CA VAL A 59 -13.55 22.87 -3.68
C VAL A 59 -13.79 22.32 -2.28
N LEU A 60 -13.93 23.22 -1.32
CA LEU A 60 -14.23 22.82 0.05
C LEU A 60 -15.50 23.47 0.51
N SER A 61 -16.47 22.64 0.77
CA SER A 61 -17.77 23.11 1.17
C SER A 61 -17.97 22.91 2.67
N PRO A 62 -18.77 23.78 3.30
CA PRO A 62 -19.09 23.64 4.72
C PRO A 62 -19.79 22.33 5.02
N GLY A 63 -19.03 21.36 5.48
CA GLY A 63 -19.59 20.07 5.80
C GLY A 63 -18.78 18.91 5.23
N GLU A 64 -17.94 19.20 4.25
CA GLU A 64 -17.11 18.15 3.65
C GLU A 64 -15.64 18.39 3.95
N SER A 65 -14.80 17.41 3.65
CA SER A 65 -13.37 17.52 3.83
C SER A 65 -12.65 16.98 2.60
N ALA A 66 -11.66 17.70 2.12
CA ALA A 66 -10.88 17.25 0.99
C ALA A 66 -9.88 16.19 1.44
N THR A 67 -9.98 15.02 0.83
CA THR A 67 -9.07 13.93 1.15
C THR A 67 -8.13 13.70 -0.01
N ILE A 68 -6.85 14.01 0.20
CA ILE A 68 -5.87 13.85 -0.85
C ILE A 68 -5.49 12.37 -0.96
N THR A 69 -5.73 11.80 -2.12
CA THR A 69 -5.45 10.40 -2.33
C THR A 69 -3.98 10.20 -2.69
N THR A 70 -3.19 9.83 -1.70
CA THR A 70 -1.77 9.68 -1.91
C THR A 70 -1.34 8.24 -1.74
N ILE A 71 -0.96 7.65 -2.85
CA ILE A 71 -0.42 6.30 -2.86
C ILE A 71 1.06 6.39 -3.19
N VAL A 72 1.87 5.53 -2.60
CA VAL A 72 3.29 5.53 -2.89
C VAL A 72 3.71 4.21 -3.51
N LYS A 73 4.43 4.30 -4.63
CA LYS A 73 4.95 3.13 -5.31
C LYS A 73 6.47 3.17 -5.32
N ASP A 74 7.10 2.06 -5.63
CA ASP A 74 8.56 1.97 -5.69
C ASP A 74 9.08 2.63 -6.94
N ILE A 75 10.41 2.67 -7.03
CA ILE A 75 11.09 3.09 -8.23
C ILE A 75 10.83 2.10 -9.36
N ASP A 76 10.37 0.92 -8.96
CA ASP A 76 10.05 -0.14 -9.91
C ASP A 76 8.54 -0.19 -10.16
N GLY A 77 7.79 0.62 -9.42
CA GLY A 77 6.35 0.65 -9.56
C GLY A 77 5.64 -0.43 -8.76
N ASN A 78 6.22 -0.77 -7.61
CA ASN A 78 5.63 -1.77 -6.71
C ASN A 78 4.96 -1.07 -5.53
N PRO A 79 4.15 -1.80 -4.74
CA PRO A 79 3.48 -1.25 -3.56
C PRO A 79 4.41 -1.11 -2.36
N VAL A 80 4.66 0.13 -1.96
CA VAL A 80 5.51 0.42 -0.81
C VAL A 80 4.82 0.00 0.48
N ASN A 81 5.62 -0.51 1.42
CA ASN A 81 5.14 -0.79 2.76
C ASN A 81 4.60 0.49 3.41
N GLU A 82 5.44 1.52 3.47
CA GLU A 82 5.06 2.83 4.00
C GLU A 82 6.21 3.82 3.89
N VAL A 83 5.92 5.11 3.99
CA VAL A 83 6.92 6.15 3.92
C VAL A 83 6.67 7.21 5.01
N HIS A 84 7.37 8.32 4.91
CA HIS A 84 7.21 9.42 5.85
C HIS A 84 6.50 10.56 5.15
N ILE A 85 5.55 11.20 5.83
CA ILE A 85 4.86 12.35 5.27
C ILE A 85 4.78 13.50 6.27
N ASN A 86 5.40 14.62 5.91
CA ASN A 86 5.40 15.81 6.74
C ASN A 86 4.37 16.80 6.21
N LYS A 87 3.46 17.22 7.07
CA LYS A 87 2.45 18.20 6.70
C LYS A 87 3.03 19.61 6.68
N THR A 88 3.04 20.21 5.50
CA THR A 88 3.51 21.58 5.33
C THR A 88 2.48 22.35 4.51
N VAL A 89 2.21 23.59 4.88
CA VAL A 89 1.19 24.37 4.19
C VAL A 89 1.70 25.75 3.80
N ALA A 90 1.15 26.27 2.73
CA ALA A 90 1.44 27.62 2.27
C ALA A 90 0.17 28.32 1.83
N ARG A 91 -0.26 29.30 2.62
CA ARG A 91 -1.50 30.01 2.34
C ARG A 91 -1.28 31.14 1.34
N GLU A 92 -2.31 31.40 0.52
CA GLU A 92 -2.34 32.57 -0.34
C GLU A 92 -3.10 33.69 0.38
N ASN A 93 -3.92 33.27 1.35
CA ASN A 93 -4.68 34.21 2.17
C ASN A 93 -5.17 33.43 3.40
N LEU A 94 -5.88 34.09 4.31
CA LEU A 94 -6.19 33.47 5.60
C LEU A 94 -7.60 33.82 6.10
N LYS A 95 -8.47 34.29 5.22
CA LYS A 95 -9.81 34.68 5.63
C LYS A 95 -10.68 33.45 5.87
N GLY A 96 -10.17 32.30 5.49
CA GLY A 96 -10.92 31.07 5.65
C GLY A 96 -10.49 30.31 6.89
N LEU A 97 -11.42 29.59 7.49
CA LEU A 97 -11.11 28.77 8.65
C LEU A 97 -10.64 27.40 8.18
N TRP A 98 -9.34 27.19 8.22
CA TRP A 98 -8.77 25.94 7.76
C TRP A 98 -8.62 24.96 8.92
N ASP A 99 -9.28 23.82 8.83
CA ASP A 99 -9.18 22.78 9.85
C ASP A 99 -8.42 21.58 9.31
N TYR A 100 -7.67 20.94 10.16
CA TYR A 100 -6.81 19.85 9.74
C TYR A 100 -7.04 18.61 10.59
N GLY A 101 -7.58 17.57 9.96
CA GLY A 101 -7.66 16.28 10.62
C GLY A 101 -6.32 15.58 10.58
N PRO A 102 -6.11 14.56 11.42
CA PRO A 102 -4.85 13.79 11.42
C PRO A 102 -4.70 12.94 10.16
N LEU A 103 -3.46 12.74 9.74
CA LEU A 103 -3.19 11.89 8.58
C LEU A 103 -3.60 10.46 8.88
N LYS A 104 -4.61 9.99 8.18
CA LYS A 104 -5.10 8.65 8.38
C LYS A 104 -4.27 7.65 7.58
N LYS A 105 -3.53 6.85 8.30
CA LYS A 105 -2.72 5.79 7.71
C LYS A 105 -3.49 4.49 7.81
N GLU A 106 -3.79 3.92 6.66
CA GLU A 106 -4.58 2.69 6.61
C GLU A 106 -3.66 1.53 6.25
N ASN A 107 -4.07 0.31 6.57
CA ASN A 107 -3.30 -0.87 6.23
C ASN A 107 -3.44 -1.18 4.73
N VAL A 108 -2.77 -0.36 3.93
CA VAL A 108 -2.82 -0.47 2.49
C VAL A 108 -1.47 -0.10 1.88
N PRO A 109 -1.19 -0.59 0.66
CA PRO A 109 0.10 -0.39 -0.01
C PRO A 109 0.41 1.09 -0.30
N GLY A 110 1.21 1.69 0.58
CA GLY A 110 1.63 3.07 0.41
C GLY A 110 0.49 4.07 0.34
N LYS A 111 -0.68 3.70 0.84
CA LYS A 111 -1.84 4.58 0.73
C LYS A 111 -2.06 5.36 2.01
N TYR A 112 -2.11 6.68 1.86
CA TYR A 112 -2.43 7.58 2.96
C TYR A 112 -3.64 8.41 2.58
N THR A 113 -4.43 8.76 3.58
CA THR A 113 -5.60 9.57 3.37
C THR A 113 -5.78 10.54 4.52
N GLN A 114 -5.82 11.83 4.21
CA GLN A 114 -6.02 12.81 5.26
C GLN A 114 -7.16 13.74 4.88
N VAL A 115 -8.02 14.03 5.85
CA VAL A 115 -9.17 14.88 5.62
C VAL A 115 -8.89 16.31 6.06
N ILE A 116 -8.99 17.24 5.14
CA ILE A 116 -8.83 18.65 5.44
C ILE A 116 -10.18 19.33 5.38
N THR A 117 -10.60 19.95 6.48
CA THR A 117 -11.94 20.48 6.58
C THR A 117 -11.90 22.01 6.64
N TYR A 118 -12.74 22.68 5.87
CA TYR A 118 -12.76 24.14 5.90
C TYR A 118 -14.15 24.65 6.26
N ARG A 119 -14.17 25.70 7.05
CA ARG A 119 -15.42 26.37 7.40
C ARG A 119 -15.79 27.34 6.29
N GLY A 120 -17.07 27.46 6.01
CA GLY A 120 -17.54 28.30 4.91
C GLY A 120 -17.45 29.78 5.22
N HIS A 121 -16.23 30.28 5.34
CA HIS A 121 -16.01 31.70 5.59
C HIS A 121 -15.46 32.36 4.33
N SER A 122 -14.53 31.68 3.66
CA SER A 122 -13.91 32.24 2.48
C SER A 122 -13.69 31.18 1.39
N ASN A 123 -13.23 31.64 0.23
CA ASN A 123 -13.04 30.79 -0.94
C ASN A 123 -11.58 30.80 -1.40
N GLU A 124 -10.70 31.20 -0.50
CA GLU A 124 -9.29 31.35 -0.84
C GLU A 124 -8.59 30.01 -1.01
N ARG A 125 -7.40 30.05 -1.58
CA ARG A 125 -6.64 28.83 -1.84
C ARG A 125 -5.54 28.65 -0.81
N ILE A 126 -5.19 27.41 -0.56
CA ILE A 126 -4.05 27.08 0.28
C ILE A 126 -3.33 25.88 -0.31
N ASP A 127 -2.02 25.98 -0.43
CA ASP A 127 -1.23 24.93 -1.07
C ASP A 127 -0.52 24.10 -0.02
N ILE A 128 -0.64 22.78 -0.11
CA ILE A 128 -0.08 21.89 0.90
C ILE A 128 1.10 21.09 0.36
N SER A 129 2.24 21.30 0.96
CA SER A 129 3.47 20.62 0.57
C SER A 129 3.69 19.38 1.43
N PHE A 130 3.43 18.21 0.86
CA PHE A 130 3.67 16.97 1.58
C PHE A 130 5.10 16.50 1.40
N LYS A 131 5.87 16.58 2.47
CA LYS A 131 7.25 16.14 2.43
C LYS A 131 7.31 14.64 2.67
N TYR A 132 7.78 13.91 1.67
CA TYR A 132 7.89 12.45 1.78
C TYR A 132 9.16 12.06 2.52
N ALA A 133 9.70 10.90 2.16
CA ALA A 133 10.93 10.41 2.75
C ALA A 133 12.08 11.38 2.47
N MET A 134 13.21 11.14 3.12
CA MET A 134 14.38 12.00 2.95
C MET A 134 15.04 11.73 1.59
N SER A 135 14.25 11.79 0.55
CA SER A 135 14.69 11.45 -0.78
C SER A 135 13.99 12.35 -1.82
N PHE A 136 12.68 12.48 -1.69
CA PHE A 136 11.89 13.29 -2.61
C PHE A 136 10.70 13.93 -1.89
N THR A 137 10.13 14.96 -2.49
CA THR A 137 9.03 15.67 -1.89
C THR A 137 7.82 15.73 -2.83
N LYS A 138 6.63 15.90 -2.26
CA LYS A 138 5.42 16.06 -3.04
C LYS A 138 4.77 17.40 -2.71
N GLU A 139 3.59 17.62 -3.26
CA GLU A 139 2.88 18.88 -3.06
C GLU A 139 1.53 18.82 -3.76
N ILE A 140 0.52 19.41 -3.13
CA ILE A 140 -0.84 19.38 -3.65
C ILE A 140 -1.53 20.71 -3.39
N SER A 141 -2.59 20.98 -4.12
CA SER A 141 -3.28 22.26 -4.02
C SER A 141 -4.69 22.10 -3.46
N ILE A 142 -5.04 22.97 -2.53
CA ILE A 142 -6.36 22.95 -1.93
C ILE A 142 -7.02 24.33 -2.08
N ARG A 143 -8.34 24.36 -2.07
CA ARG A 143 -9.08 25.62 -2.15
C ARG A 143 -10.42 25.50 -1.46
N GLY A 144 -10.84 26.58 -0.79
CA GLY A 144 -12.16 26.63 -0.19
C GLY A 144 -13.20 27.04 -1.21
N ARG A 145 -14.41 26.51 -1.08
CA ARG A 145 -15.46 26.77 -2.05
C ARG A 145 -16.51 27.70 -1.48
N LEU A 146 -16.49 28.93 -1.94
CA LEU A 146 -17.52 29.91 -1.58
C LEU A 146 -18.01 30.58 -2.85
N GLY A 1 3.17 -97.84 -22.36
CA GLY A 1 4.22 -98.89 -22.42
C GLY A 1 4.85 -99.11 -21.06
N PRO A 2 6.19 -99.02 -20.97
CA PRO A 2 6.91 -99.21 -19.70
C PRO A 2 6.51 -98.20 -18.64
N LEU A 3 6.61 -98.59 -17.38
CA LEU A 3 6.25 -97.73 -16.28
C LEU A 3 7.48 -97.43 -15.42
N GLY A 4 7.25 -96.87 -14.25
CA GLY A 4 8.34 -96.51 -13.38
C GLY A 4 8.20 -95.10 -12.84
N SER A 5 7.16 -94.87 -12.06
CA SER A 5 6.95 -93.57 -11.43
C SER A 5 8.03 -93.32 -10.38
N GLY A 6 8.42 -94.39 -9.69
CA GLY A 6 9.45 -94.28 -8.68
C GLY A 6 8.87 -94.15 -7.30
N SER A 7 9.53 -93.36 -6.46
CA SER A 7 9.07 -93.16 -5.11
C SER A 7 9.04 -91.67 -4.75
N LYS A 8 8.15 -91.30 -3.87
CA LYS A 8 8.05 -89.92 -3.41
C LYS A 8 8.98 -89.71 -2.23
N ILE A 9 10.16 -89.19 -2.51
CA ILE A 9 11.16 -88.96 -1.47
C ILE A 9 11.10 -87.52 -1.01
N LYS A 10 10.59 -87.32 0.20
CA LYS A 10 10.49 -85.98 0.77
C LYS A 10 11.78 -85.60 1.47
N LEU A 11 12.15 -84.33 1.34
CA LEU A 11 13.32 -83.79 2.00
C LEU A 11 12.89 -82.61 2.86
N GLU A 12 13.14 -82.68 4.16
CA GLU A 12 12.66 -81.67 5.08
C GLU A 12 13.43 -80.36 4.92
N ILE A 13 12.69 -79.27 4.81
CA ILE A 13 13.30 -77.97 4.63
C ILE A 13 13.56 -77.30 5.98
N TYR A 14 14.83 -77.17 6.33
CA TYR A 14 15.22 -76.45 7.54
C TYR A 14 15.54 -75.01 7.18
N ASN A 15 14.89 -74.08 7.84
CA ASN A 15 15.16 -72.66 7.63
C ASN A 15 16.52 -72.30 8.21
N GLU A 16 17.14 -71.29 7.63
CA GLU A 16 18.49 -70.91 7.97
C GLU A 16 18.45 -69.75 8.96
N THR A 17 17.22 -69.35 9.32
CA THR A 17 16.96 -68.22 10.20
C THR A 17 17.84 -67.05 9.80
N ASP A 18 17.82 -66.78 8.49
CA ASP A 18 18.63 -65.76 7.88
C ASP A 18 18.52 -64.44 8.63
N MET A 19 17.28 -64.10 9.00
CA MET A 19 16.98 -62.89 9.76
C MET A 19 17.47 -61.63 9.05
N ALA A 20 16.58 -61.01 8.29
CA ALA A 20 16.91 -59.78 7.61
C ALA A 20 16.36 -58.59 8.39
N SER A 21 17.15 -58.14 9.35
CA SER A 21 16.78 -57.01 10.19
C SER A 21 16.72 -55.72 9.37
N ALA A 22 15.52 -55.24 9.14
CA ALA A 22 15.28 -54.05 8.34
C ALA A 22 15.79 -52.80 9.05
N SER A 23 16.16 -51.80 8.27
CA SER A 23 16.65 -50.55 8.81
C SER A 23 15.47 -49.64 9.17
N GLY A 24 15.77 -48.45 9.68
CA GLY A 24 14.72 -47.52 10.03
C GLY A 24 14.28 -46.68 8.85
N TYR A 25 13.64 -45.56 9.13
CA TYR A 25 13.13 -44.69 8.09
C TYR A 25 14.04 -43.47 7.92
N THR A 26 14.00 -42.90 6.73
CA THR A 26 14.84 -41.77 6.38
C THR A 26 14.15 -40.45 6.69
N PRO A 27 14.90 -39.36 6.85
CA PRO A 27 14.33 -38.03 7.10
C PRO A 27 13.45 -37.56 5.96
N VAL A 28 12.30 -37.00 6.31
CA VAL A 28 11.35 -36.50 5.32
C VAL A 28 11.71 -35.09 4.88
N PRO A 29 11.17 -34.62 3.74
CA PRO A 29 11.44 -33.28 3.22
C PRO A 29 10.86 -32.16 4.12
N SER A 30 10.86 -30.95 3.60
CA SER A 30 10.42 -29.79 4.35
C SER A 30 9.32 -29.05 3.60
N VAL A 31 9.00 -27.84 4.04
CA VAL A 31 7.93 -27.05 3.47
C VAL A 31 8.48 -25.70 3.02
N SER A 32 8.05 -25.27 1.86
CA SER A 32 8.48 -24.01 1.27
C SER A 32 7.92 -22.81 2.03
N GLU A 33 8.52 -21.65 1.78
CA GLU A 33 8.12 -20.40 2.45
C GLU A 33 6.83 -19.85 1.86
N PHE A 34 6.17 -19.00 2.64
CA PHE A 34 4.90 -18.43 2.23
C PHE A 34 5.09 -17.16 1.38
N GLN A 35 5.39 -16.04 2.04
CA GLN A 35 5.48 -14.76 1.35
C GLN A 35 6.54 -13.85 1.98
N TYR A 36 6.75 -12.71 1.34
CA TYR A 36 7.67 -11.68 1.82
C TYR A 36 7.12 -10.34 1.37
N ILE A 37 7.56 -9.26 2.02
CA ILE A 37 7.09 -7.90 1.68
C ILE A 37 5.60 -7.77 2.04
N GLU A 38 5.24 -8.41 3.12
CA GLU A 38 3.87 -8.39 3.62
C GLU A 38 3.83 -7.86 5.04
N THR A 39 5.01 -7.83 5.64
CA THR A 39 5.21 -7.41 7.01
C THR A 39 6.59 -6.79 7.09
N GLU A 40 7.53 -7.47 6.47
CA GLU A 40 8.88 -6.96 6.30
C GLU A 40 9.18 -6.85 4.82
N THR A 41 8.83 -5.71 4.27
CA THR A 41 9.13 -5.35 2.90
C THR A 41 10.61 -5.56 2.56
N ILE A 42 10.91 -5.63 1.27
CA ILE A 42 12.27 -5.84 0.81
C ILE A 42 13.07 -4.53 0.93
N SER A 43 14.38 -4.63 0.93
CA SER A 43 15.25 -3.48 1.07
C SER A 43 15.39 -2.73 -0.26
N ASN A 44 14.28 -2.28 -0.79
CA ASN A 44 14.25 -1.57 -2.06
C ASN A 44 14.24 -0.05 -1.83
N THR A 45 13.97 0.69 -2.90
CA THR A 45 13.86 2.13 -2.82
C THR A 45 12.48 2.57 -3.34
N PRO A 46 11.81 3.50 -2.62
CA PRO A 46 10.56 4.11 -3.09
C PRO A 46 10.80 5.01 -4.31
N SER A 47 9.80 5.12 -5.18
CA SER A 47 9.94 5.94 -6.37
C SER A 47 8.55 6.39 -6.87
N PRO A 48 8.15 7.62 -6.49
CA PRO A 48 6.82 8.16 -6.82
C PRO A 48 6.62 8.43 -8.31
N ASP A 49 7.67 8.33 -9.10
CA ASP A 49 7.57 8.54 -10.54
C ASP A 49 6.75 7.42 -11.18
N LEU A 50 6.53 6.36 -10.43
CA LEU A 50 5.73 5.24 -10.90
C LEU A 50 4.49 5.06 -10.02
N THR A 51 4.15 6.09 -9.26
CA THR A 51 3.03 6.00 -8.35
C THR A 51 1.91 6.96 -8.74
N VAL A 52 0.85 6.97 -7.96
CA VAL A 52 -0.27 7.87 -8.18
C VAL A 52 -0.67 8.52 -6.85
N MET A 53 -0.29 9.78 -6.68
CA MET A 53 -0.59 10.50 -5.46
C MET A 53 -1.10 11.89 -5.78
N SER A 54 -2.35 11.98 -6.19
CA SER A 54 -2.88 13.21 -6.73
C SER A 54 -4.13 13.66 -5.98
N ILE A 55 -4.72 14.76 -6.43
CA ILE A 55 -5.94 15.28 -5.85
C ILE A 55 -6.63 16.22 -6.82
N ASP A 56 -7.90 15.95 -7.07
CA ASP A 56 -8.72 16.86 -7.86
C ASP A 56 -10.05 17.07 -7.17
N LYS A 57 -10.01 17.85 -6.11
CA LYS A 57 -11.20 18.25 -5.42
C LYS A 57 -10.94 19.54 -4.65
N SER A 58 -10.72 20.57 -5.43
CA SER A 58 -10.41 21.89 -4.91
C SER A 58 -11.70 22.66 -4.66
N VAL A 59 -12.52 22.08 -3.79
CA VAL A 59 -13.85 22.57 -3.48
C VAL A 59 -14.22 22.10 -2.09
N LEU A 60 -14.21 23.00 -1.13
CA LEU A 60 -14.53 22.63 0.24
C LEU A 60 -15.83 23.26 0.70
N SER A 61 -16.68 22.41 1.25
CA SER A 61 -18.00 22.82 1.63
C SER A 61 -18.25 22.54 3.12
N PRO A 62 -19.15 23.32 3.73
CA PRO A 62 -19.54 23.11 5.13
C PRO A 62 -20.27 21.78 5.32
N GLY A 63 -19.49 20.72 5.47
CA GLY A 63 -20.06 19.39 5.61
C GLY A 63 -19.17 18.31 5.04
N GLU A 64 -18.18 18.71 4.25
CA GLU A 64 -17.26 17.74 3.67
C GLU A 64 -15.81 18.09 3.98
N SER A 65 -14.89 17.28 3.48
CA SER A 65 -13.48 17.48 3.73
C SER A 65 -12.66 17.14 2.48
N ALA A 66 -11.48 17.71 2.37
CA ALA A 66 -10.61 17.41 1.25
C ALA A 66 -9.66 16.30 1.62
N THR A 67 -9.64 15.25 0.81
CA THR A 67 -8.73 14.15 1.03
C THR A 67 -7.81 13.98 -0.18
N ILE A 68 -6.53 14.19 0.02
CA ILE A 68 -5.55 14.00 -1.03
C ILE A 68 -5.29 12.51 -1.19
N THR A 69 -5.55 12.00 -2.38
CA THR A 69 -5.41 10.58 -2.64
C THR A 69 -3.97 10.25 -2.99
N THR A 70 -3.21 9.84 -1.99
CA THR A 70 -1.79 9.64 -2.17
C THR A 70 -1.41 8.18 -2.02
N ILE A 71 -1.03 7.58 -3.14
CA ILE A 71 -0.48 6.24 -3.13
C ILE A 71 1.01 6.34 -3.36
N VAL A 72 1.79 5.50 -2.70
CA VAL A 72 3.23 5.49 -2.92
C VAL A 72 3.67 4.14 -3.48
N LYS A 73 4.49 4.19 -4.50
CA LYS A 73 5.03 2.99 -5.12
C LYS A 73 6.55 3.02 -5.08
N ASP A 74 7.15 1.86 -5.14
CA ASP A 74 8.59 1.75 -5.18
C ASP A 74 9.09 1.88 -6.61
N ILE A 75 10.39 1.79 -6.79
CA ILE A 75 11.00 1.90 -8.10
C ILE A 75 10.59 0.73 -9.00
N ASP A 76 10.11 -0.34 -8.39
CA ASP A 76 9.66 -1.51 -9.11
C ASP A 76 8.16 -1.43 -9.36
N GLY A 77 7.54 -0.33 -8.92
CA GLY A 77 6.09 -0.24 -8.96
C GLY A 77 5.46 -1.01 -7.83
N ASN A 78 6.32 -1.50 -6.94
CA ASN A 78 5.90 -2.30 -5.80
C ASN A 78 5.12 -1.44 -4.80
N PRO A 79 4.12 -2.03 -4.13
CA PRO A 79 3.36 -1.35 -3.08
C PRO A 79 4.19 -1.07 -1.82
N VAL A 80 4.48 0.21 -1.60
CA VAL A 80 5.20 0.65 -0.40
C VAL A 80 4.38 0.38 0.86
N ASN A 81 5.06 0.04 1.94
CA ASN A 81 4.41 -0.08 3.23
C ASN A 81 4.06 1.32 3.77
N GLU A 82 5.07 2.18 3.88
CA GLU A 82 4.88 3.52 4.40
C GLU A 82 6.08 4.41 4.11
N VAL A 83 5.83 5.71 4.03
CA VAL A 83 6.87 6.69 3.77
C VAL A 83 6.69 7.88 4.71
N HIS A 84 7.67 8.76 4.72
CA HIS A 84 7.60 9.98 5.49
C HIS A 84 6.72 11.00 4.76
N ILE A 85 5.82 11.66 5.49
CA ILE A 85 5.01 12.73 4.90
C ILE A 85 4.81 13.84 5.92
N ASN A 86 5.51 14.94 5.73
CA ASN A 86 5.41 16.09 6.64
C ASN A 86 4.35 17.06 6.13
N LYS A 87 3.79 17.85 7.04
CA LYS A 87 2.75 18.79 6.68
C LYS A 87 3.29 20.22 6.63
N THR A 88 3.34 20.77 5.43
CA THR A 88 3.71 22.17 5.22
C THR A 88 2.55 22.91 4.58
N VAL A 89 2.03 23.92 5.25
CA VAL A 89 0.84 24.61 4.76
C VAL A 89 1.07 26.12 4.62
N ALA A 90 0.59 26.66 3.51
CA ALA A 90 0.64 28.09 3.25
C ALA A 90 -0.73 28.58 2.77
N ARG A 91 -1.31 29.52 3.49
CA ARG A 91 -2.66 29.98 3.19
C ARG A 91 -2.63 31.33 2.47
N GLU A 92 -3.54 31.49 1.51
CA GLU A 92 -3.67 32.75 0.77
C GLU A 92 -4.39 33.78 1.63
N ASN A 93 -5.25 33.30 2.52
CA ASN A 93 -6.02 34.16 3.41
C ASN A 93 -6.13 33.51 4.78
N LEU A 94 -6.06 34.31 5.83
CA LEU A 94 -6.14 33.80 7.19
C LEU A 94 -7.59 33.76 7.66
N LYS A 95 -8.48 34.43 6.93
CA LYS A 95 -9.90 34.47 7.29
C LYS A 95 -10.59 33.17 6.92
N GLY A 96 -9.93 32.36 6.13
CA GLY A 96 -10.45 31.06 5.79
C GLY A 96 -10.32 30.11 6.96
N LEU A 97 -11.41 29.43 7.29
CA LEU A 97 -11.41 28.51 8.42
C LEU A 97 -10.84 27.16 7.98
N TRP A 98 -9.52 27.09 7.91
CA TRP A 98 -8.85 25.87 7.48
C TRP A 98 -8.54 25.01 8.69
N ASP A 99 -9.25 23.90 8.84
CA ASP A 99 -8.99 22.97 9.94
C ASP A 99 -8.26 21.76 9.41
N TYR A 100 -7.29 21.28 10.17
CA TYR A 100 -6.40 20.24 9.69
C TYR A 100 -6.56 18.97 10.51
N GLY A 101 -6.89 17.88 9.83
CA GLY A 101 -6.96 16.59 10.47
C GLY A 101 -5.66 15.82 10.33
N PRO A 102 -5.52 14.67 11.01
CA PRO A 102 -4.31 13.86 10.96
C PRO A 102 -4.22 13.04 9.68
N LEU A 103 -2.99 12.72 9.29
CA LEU A 103 -2.77 11.87 8.13
C LEU A 103 -3.13 10.43 8.47
N LYS A 104 -4.18 9.93 7.85
CA LYS A 104 -4.65 8.60 8.14
C LYS A 104 -4.03 7.58 7.19
N LYS A 105 -3.36 6.59 7.77
CA LYS A 105 -2.78 5.50 7.01
C LYS A 105 -3.70 4.30 7.14
N GLU A 106 -4.43 4.00 6.07
CA GLU A 106 -5.38 2.92 6.07
C GLU A 106 -4.66 1.60 5.84
N ASN A 107 -5.36 0.48 5.98
CA ASN A 107 -4.76 -0.83 5.77
C ASN A 107 -4.66 -1.14 4.27
N VAL A 108 -3.93 -0.29 3.57
CA VAL A 108 -3.78 -0.38 2.12
C VAL A 108 -2.35 -0.03 1.71
N PRO A 109 -1.85 -0.65 0.63
CA PRO A 109 -0.48 -0.47 0.15
C PRO A 109 -0.18 0.96 -0.30
N GLY A 110 0.70 1.64 0.45
CA GLY A 110 1.14 2.98 0.11
C GLY A 110 0.02 4.00 0.04
N LYS A 111 -1.17 3.65 0.50
CA LYS A 111 -2.31 4.54 0.38
C LYS A 111 -2.54 5.34 1.65
N TYR A 112 -2.29 6.63 1.54
CA TYR A 112 -2.56 7.56 2.63
C TYR A 112 -3.77 8.39 2.32
N THR A 113 -4.51 8.72 3.34
CA THR A 113 -5.67 9.57 3.20
C THR A 113 -5.78 10.51 4.39
N GLN A 114 -5.71 11.80 4.12
CA GLN A 114 -5.79 12.79 5.17
C GLN A 114 -6.95 13.74 4.89
N VAL A 115 -7.96 13.71 5.75
CA VAL A 115 -9.15 14.51 5.54
C VAL A 115 -9.01 15.87 6.23
N ILE A 116 -8.94 16.92 5.41
CA ILE A 116 -8.79 18.27 5.92
C ILE A 116 -10.13 18.99 5.85
N THR A 117 -10.49 19.69 6.92
CA THR A 117 -11.80 20.31 7.00
C THR A 117 -11.71 21.82 6.78
N TYR A 118 -11.97 22.25 5.56
CA TYR A 118 -11.93 23.66 5.25
C TYR A 118 -13.34 24.23 5.19
N ARG A 119 -13.63 25.18 6.05
CA ARG A 119 -14.92 25.85 6.05
C ARG A 119 -14.93 26.99 5.06
N GLY A 120 -15.99 27.06 4.25
CA GLY A 120 -16.10 28.09 3.24
C GLY A 120 -16.44 29.45 3.81
N HIS A 121 -15.55 29.97 4.62
CA HIS A 121 -15.72 31.30 5.21
C HIS A 121 -15.12 32.34 4.29
N SER A 122 -14.08 31.93 3.58
CA SER A 122 -13.43 32.75 2.58
C SER A 122 -12.96 31.85 1.45
N ASN A 123 -12.83 32.40 0.25
CA ASN A 123 -12.44 31.60 -0.91
C ASN A 123 -10.94 31.36 -0.91
N GLU A 124 -10.27 32.12 -1.74
CA GLU A 124 -8.82 32.00 -1.94
C GLU A 124 -8.41 30.55 -2.17
N ARG A 125 -7.17 30.23 -1.84
CA ARG A 125 -6.70 28.86 -1.86
C ARG A 125 -5.88 28.58 -0.62
N ILE A 126 -5.52 27.32 -0.44
CA ILE A 126 -4.58 26.94 0.59
C ILE A 126 -3.63 25.89 0.01
N ASP A 127 -2.34 26.13 0.17
CA ASP A 127 -1.32 25.31 -0.44
C ASP A 127 -0.67 24.39 0.58
N ILE A 128 -0.53 23.12 0.24
CA ILE A 128 0.11 22.17 1.12
C ILE A 128 1.29 21.50 0.45
N SER A 129 2.46 21.81 0.94
CA SER A 129 3.69 21.23 0.43
C SER A 129 4.03 20.00 1.27
N PHE A 130 3.71 18.84 0.75
CA PHE A 130 3.93 17.59 1.47
C PHE A 130 5.36 17.11 1.34
N LYS A 131 6.07 17.12 2.44
CA LYS A 131 7.44 16.67 2.48
C LYS A 131 7.49 15.16 2.66
N TYR A 132 7.65 14.44 1.56
CA TYR A 132 7.70 12.98 1.58
C TYR A 132 9.04 12.51 2.17
N ALA A 133 9.48 11.34 1.73
CA ALA A 133 10.77 10.80 2.16
C ALA A 133 11.87 11.79 1.78
N MET A 134 12.97 11.73 2.49
CA MET A 134 14.04 12.72 2.35
C MET A 134 14.82 12.55 1.05
N SER A 135 14.20 11.89 0.07
CA SER A 135 14.76 11.76 -1.26
C SER A 135 13.99 12.63 -2.25
N PHE A 136 12.67 12.74 -2.03
CA PHE A 136 11.81 13.50 -2.92
C PHE A 136 10.72 14.24 -2.17
N THR A 137 10.41 15.44 -2.62
CA THR A 137 9.38 16.26 -2.00
C THR A 137 8.16 16.38 -2.91
N LYS A 138 7.05 16.84 -2.36
CA LYS A 138 5.81 16.93 -3.10
C LYS A 138 5.04 18.19 -2.70
N GLU A 139 3.99 18.51 -3.44
CA GLU A 139 3.15 19.66 -3.16
C GLU A 139 1.78 19.49 -3.81
N ILE A 140 0.73 19.88 -3.10
CA ILE A 140 -0.64 19.74 -3.60
C ILE A 140 -1.42 21.02 -3.35
N SER A 141 -2.43 21.25 -4.17
CA SER A 141 -3.20 22.48 -4.13
C SER A 141 -4.59 22.23 -3.58
N ILE A 142 -5.04 23.09 -2.66
CA ILE A 142 -6.38 22.99 -2.12
C ILE A 142 -7.11 24.32 -2.31
N ARG A 143 -8.43 24.25 -2.47
CA ARG A 143 -9.24 25.45 -2.63
C ARG A 143 -10.54 25.31 -1.86
N GLY A 144 -10.95 26.39 -1.20
CA GLY A 144 -12.22 26.41 -0.50
C GLY A 144 -13.33 26.95 -1.38
N ARG A 145 -14.55 26.54 -1.11
CA ARG A 145 -15.68 26.97 -1.92
C ARG A 145 -16.43 28.09 -1.21
N LEU A 146 -16.24 29.32 -1.68
CA LEU A 146 -16.98 30.45 -1.15
C LEU A 146 -18.29 30.56 -1.90
N GLY A 1 -24.37 30.80 50.24
CA GLY A 1 -25.69 30.13 50.13
C GLY A 1 -26.01 29.74 48.71
N PRO A 2 -27.12 29.00 48.49
CA PRO A 2 -27.53 28.60 47.15
C PRO A 2 -28.09 29.76 46.35
N LEU A 3 -27.34 30.20 45.35
CA LEU A 3 -27.78 31.28 44.47
C LEU A 3 -27.37 30.97 43.04
N GLY A 4 -28.21 30.23 42.34
CA GLY A 4 -27.96 29.89 40.96
C GLY A 4 -29.19 29.32 40.29
N SER A 5 -30.02 30.21 39.74
CA SER A 5 -31.26 29.80 39.12
C SER A 5 -31.02 28.81 37.97
N GLY A 6 -30.12 29.17 37.08
CA GLY A 6 -29.81 28.33 35.95
C GLY A 6 -29.27 29.11 34.78
N SER A 7 -28.04 28.83 34.41
CA SER A 7 -27.42 29.46 33.27
C SER A 7 -27.11 28.41 32.20
N LYS A 8 -28.02 28.25 31.26
CA LYS A 8 -27.85 27.26 30.22
C LYS A 8 -27.97 27.91 28.85
N ILE A 9 -27.34 27.29 27.86
CA ILE A 9 -27.40 27.79 26.49
C ILE A 9 -27.96 26.72 25.57
N LYS A 10 -29.11 26.99 24.99
CA LYS A 10 -29.76 26.01 24.12
C LYS A 10 -29.28 26.16 22.68
N LEU A 11 -29.02 25.02 22.05
CA LEU A 11 -28.57 25.01 20.67
C LEU A 11 -29.76 24.87 19.72
N GLU A 12 -29.48 24.53 18.47
CA GLU A 12 -30.52 24.43 17.48
C GLU A 12 -30.25 23.24 16.55
N ILE A 13 -31.14 23.02 15.59
CA ILE A 13 -31.05 21.85 14.73
C ILE A 13 -30.10 22.10 13.57
N TYR A 14 -29.08 21.25 13.45
CA TYR A 14 -28.14 21.31 12.34
C TYR A 14 -27.92 19.91 11.76
N ASN A 15 -27.56 19.87 10.51
CA ASN A 15 -27.22 18.62 9.84
C ASN A 15 -25.81 18.17 10.25
N GLU A 16 -25.71 17.55 11.42
CA GLU A 16 -24.42 17.14 11.94
C GLU A 16 -24.01 15.78 11.37
N THR A 17 -23.65 15.81 10.10
CA THR A 17 -23.10 14.64 9.38
C THR A 17 -24.08 13.47 9.42
N ASP A 18 -25.33 13.77 9.68
CA ASP A 18 -26.29 12.72 9.97
C ASP A 18 -26.80 12.06 8.70
N MET A 19 -26.81 12.81 7.60
CA MET A 19 -27.40 12.33 6.36
C MET A 19 -26.38 11.62 5.48
N ALA A 20 -26.88 10.63 4.74
CA ALA A 20 -26.06 9.85 3.81
C ALA A 20 -26.94 9.34 2.69
N SER A 21 -26.72 9.86 1.50
CA SER A 21 -27.55 9.55 0.35
C SER A 21 -27.28 8.15 -0.20
N ALA A 22 -27.90 7.14 0.44
CA ALA A 22 -27.92 5.76 -0.07
C ALA A 22 -26.56 5.07 -0.01
N SER A 23 -26.62 3.76 0.19
CA SER A 23 -25.44 2.92 0.12
C SER A 23 -25.73 1.73 -0.78
N GLY A 24 -24.87 1.51 -1.76
CA GLY A 24 -25.11 0.45 -2.72
C GLY A 24 -24.55 -0.88 -2.27
N TYR A 25 -23.46 -1.29 -2.90
CA TYR A 25 -22.83 -2.56 -2.57
C TYR A 25 -21.37 -2.35 -2.19
N THR A 26 -21.03 -2.78 -1.00
CA THR A 26 -19.69 -2.63 -0.48
C THR A 26 -18.73 -3.62 -1.15
N PRO A 27 -17.45 -3.24 -1.30
CA PRO A 27 -16.43 -4.11 -1.89
C PRO A 27 -16.28 -5.41 -1.11
N VAL A 28 -16.09 -6.50 -1.83
CA VAL A 28 -15.96 -7.81 -1.21
C VAL A 28 -14.58 -7.99 -0.60
N PRO A 29 -14.52 -8.52 0.63
CA PRO A 29 -13.24 -8.77 1.32
C PRO A 29 -12.51 -9.99 0.73
N SER A 30 -11.21 -9.85 0.56
CA SER A 30 -10.38 -10.92 0.02
C SER A 30 -10.18 -12.00 1.07
N VAL A 31 -10.23 -13.26 0.63
CA VAL A 31 -9.98 -14.38 1.52
C VAL A 31 -8.49 -14.73 1.48
N SER A 32 -7.69 -13.88 2.11
CA SER A 32 -6.25 -14.06 2.12
C SER A 32 -5.80 -14.57 3.49
N GLU A 33 -4.93 -15.58 3.48
CA GLU A 33 -4.43 -16.16 4.72
C GLU A 33 -3.56 -15.18 5.50
N PHE A 34 -2.46 -14.76 4.89
CA PHE A 34 -1.51 -13.89 5.57
C PHE A 34 -1.06 -12.77 4.63
N GLN A 35 -0.44 -11.76 5.21
CA GLN A 35 0.17 -10.69 4.46
C GLN A 35 1.58 -10.45 4.97
N TYR A 36 2.38 -9.70 4.22
CA TYR A 36 3.74 -9.42 4.62
C TYR A 36 3.97 -7.92 4.70
N ILE A 37 5.23 -7.55 4.90
CA ILE A 37 5.66 -6.15 4.98
C ILE A 37 4.86 -5.40 6.04
N GLU A 38 4.70 -6.03 7.20
CA GLU A 38 4.03 -5.40 8.33
C GLU A 38 5.00 -5.30 9.49
N THR A 39 6.05 -6.09 9.42
CA THR A 39 7.10 -6.08 10.42
C THR A 39 8.44 -6.12 9.70
N GLU A 40 8.71 -7.24 9.05
CA GLU A 40 9.90 -7.40 8.23
C GLU A 40 9.69 -6.77 6.86
N THR A 41 9.38 -5.48 6.88
CA THR A 41 9.21 -4.69 5.67
C THR A 41 10.46 -4.73 4.79
N ILE A 42 10.25 -4.63 3.48
CA ILE A 42 11.33 -4.71 2.51
C ILE A 42 12.07 -3.37 2.40
N SER A 43 13.38 -3.42 2.56
CA SER A 43 14.17 -2.20 2.60
C SER A 43 14.62 -1.79 1.19
N ASN A 44 13.64 -1.50 0.34
CA ASN A 44 13.94 -1.02 -1.00
C ASN A 44 13.84 0.50 -1.06
N THR A 45 13.80 1.04 -2.27
CA THR A 45 13.62 2.48 -2.46
C THR A 45 12.33 2.74 -3.23
N PRO A 46 11.50 3.69 -2.76
CA PRO A 46 10.29 4.09 -3.47
C PRO A 46 10.59 5.00 -4.67
N SER A 47 9.58 5.21 -5.51
CA SER A 47 9.70 6.10 -6.65
C SER A 47 8.31 6.57 -7.09
N PRO A 48 7.92 7.79 -6.67
CA PRO A 48 6.59 8.33 -6.96
C PRO A 48 6.38 8.64 -8.44
N ASP A 49 7.46 8.58 -9.22
CA ASP A 49 7.39 8.79 -10.66
C ASP A 49 6.52 7.73 -11.32
N LEU A 50 6.36 6.61 -10.62
CA LEU A 50 5.56 5.49 -11.11
C LEU A 50 4.30 5.30 -10.26
N THR A 51 4.00 6.28 -9.41
CA THR A 51 2.89 6.14 -8.50
C THR A 51 1.80 7.17 -8.78
N VAL A 52 0.77 7.16 -7.94
CA VAL A 52 -0.33 8.12 -8.06
C VAL A 52 -0.64 8.72 -6.69
N MET A 53 -0.23 9.96 -6.51
CA MET A 53 -0.42 10.67 -5.24
C MET A 53 -1.00 12.05 -5.50
N SER A 54 -2.29 12.12 -5.78
CA SER A 54 -2.91 13.36 -6.23
C SER A 54 -4.25 13.58 -5.54
N ILE A 55 -4.89 14.69 -5.88
CA ILE A 55 -6.20 15.04 -5.35
C ILE A 55 -7.01 15.76 -6.41
N ASP A 56 -8.26 15.35 -6.60
CA ASP A 56 -9.09 15.93 -7.64
C ASP A 56 -10.37 16.49 -7.07
N LYS A 57 -10.24 17.65 -6.45
CA LYS A 57 -11.39 18.42 -6.01
C LYS A 57 -10.98 19.81 -5.58
N SER A 58 -10.95 20.72 -6.53
CA SER A 58 -10.67 22.11 -6.25
C SER A 58 -11.97 22.80 -5.86
N VAL A 59 -12.60 22.24 -4.85
CA VAL A 59 -13.95 22.62 -4.44
C VAL A 59 -14.15 22.18 -2.99
N LEU A 60 -14.33 23.16 -2.11
CA LEU A 60 -14.58 22.86 -0.71
C LEU A 60 -15.86 23.53 -0.27
N SER A 61 -16.52 22.90 0.68
CA SER A 61 -17.77 23.41 1.20
C SER A 61 -17.94 23.03 2.65
N PRO A 62 -18.64 23.88 3.43
CA PRO A 62 -18.92 23.60 4.83
C PRO A 62 -19.69 22.30 5.00
N GLY A 63 -19.01 21.29 5.53
CA GLY A 63 -19.63 20.00 5.71
C GLY A 63 -18.84 18.89 5.06
N GLU A 64 -17.97 19.26 4.12
CA GLU A 64 -17.12 18.28 3.46
C GLU A 64 -15.66 18.67 3.59
N SER A 65 -14.79 17.79 3.13
CA SER A 65 -13.36 18.02 3.19
C SER A 65 -12.69 17.52 1.91
N ALA A 66 -11.47 17.97 1.67
CA ALA A 66 -10.68 17.47 0.57
C ALA A 66 -9.69 16.43 1.06
N THR A 67 -9.82 15.21 0.57
CA THR A 67 -8.94 14.14 0.96
C THR A 67 -7.88 13.90 -0.11
N ILE A 68 -6.63 14.13 0.24
CA ILE A 68 -5.54 13.90 -0.69
C ILE A 68 -5.22 12.42 -0.75
N THR A 69 -5.46 11.81 -1.89
CA THR A 69 -5.22 10.39 -2.05
C THR A 69 -3.79 10.14 -2.51
N THR A 70 -2.92 9.84 -1.56
CA THR A 70 -1.52 9.66 -1.86
C THR A 70 -1.12 8.19 -1.80
N ILE A 71 -0.92 7.61 -2.97
CA ILE A 71 -0.42 6.25 -3.07
C ILE A 71 1.05 6.31 -3.41
N VAL A 72 1.85 5.47 -2.77
CA VAL A 72 3.28 5.44 -3.05
C VAL A 72 3.68 4.11 -3.68
N LYS A 73 4.50 4.19 -4.71
CA LYS A 73 4.96 3.01 -5.42
C LYS A 73 6.49 2.96 -5.38
N ASP A 74 7.05 1.76 -5.38
CA ASP A 74 8.50 1.61 -5.31
C ASP A 74 9.12 1.90 -6.67
N ILE A 75 10.44 1.87 -6.69
CA ILE A 75 11.19 2.09 -7.91
C ILE A 75 10.92 0.98 -8.92
N ASP A 76 10.62 -0.20 -8.40
CA ASP A 76 10.30 -1.35 -9.24
C ASP A 76 8.81 -1.38 -9.58
N GLY A 77 8.08 -0.36 -9.13
CA GLY A 77 6.66 -0.29 -9.42
C GLY A 77 5.85 -1.22 -8.53
N ASN A 78 6.35 -1.49 -7.34
CA ASN A 78 5.66 -2.37 -6.38
C ASN A 78 5.03 -1.54 -5.27
N PRO A 79 4.10 -2.13 -4.49
CA PRO A 79 3.45 -1.43 -3.38
C PRO A 79 4.39 -1.18 -2.20
N VAL A 80 4.65 0.09 -1.94
CA VAL A 80 5.46 0.50 -0.81
C VAL A 80 4.78 0.13 0.50
N ASN A 81 5.57 -0.22 1.49
CA ASN A 81 5.08 -0.38 2.84
C ASN A 81 4.43 0.92 3.29
N GLU A 82 5.24 1.98 3.32
CA GLU A 82 4.78 3.32 3.68
C GLU A 82 5.97 4.28 3.66
N VAL A 83 5.69 5.57 3.79
CA VAL A 83 6.74 6.59 3.71
C VAL A 83 6.56 7.65 4.79
N HIS A 84 7.37 8.69 4.69
CA HIS A 84 7.27 9.83 5.58
C HIS A 84 6.49 10.94 4.89
N ILE A 85 5.62 11.62 5.62
CA ILE A 85 4.91 12.77 5.07
C ILE A 85 4.79 13.89 6.11
N ASN A 86 5.57 14.94 5.90
CA ASN A 86 5.56 16.10 6.78
C ASN A 86 4.71 17.20 6.15
N LYS A 87 3.73 17.70 6.89
CA LYS A 87 2.87 18.76 6.40
C LYS A 87 3.61 20.08 6.29
N THR A 88 3.40 20.77 5.19
CA THR A 88 3.90 22.12 5.01
C THR A 88 2.80 22.98 4.39
N VAL A 89 2.06 23.67 5.24
CA VAL A 89 0.89 24.42 4.79
C VAL A 89 1.24 25.85 4.41
N ALA A 90 0.83 26.22 3.22
CA ALA A 90 1.00 27.58 2.73
C ALA A 90 -0.36 28.22 2.50
N ARG A 91 -0.74 29.09 3.41
CA ARG A 91 -2.05 29.71 3.36
C ARG A 91 -1.95 31.17 2.91
N GLU A 92 -2.59 31.49 1.80
CA GLU A 92 -2.61 32.87 1.31
C GLU A 92 -3.74 33.64 1.99
N ASN A 93 -4.58 32.91 2.70
CA ASN A 93 -5.69 33.50 3.43
C ASN A 93 -5.71 32.96 4.86
N LEU A 94 -5.76 33.86 5.83
CA LEU A 94 -5.79 33.46 7.24
C LEU A 94 -7.21 33.53 7.80
N LYS A 95 -8.06 34.29 7.11
CA LYS A 95 -9.46 34.41 7.51
C LYS A 95 -10.23 33.18 7.10
N GLY A 96 -9.73 32.51 6.06
CA GLY A 96 -10.28 31.22 5.68
C GLY A 96 -10.07 30.21 6.77
N LEU A 97 -11.11 29.47 7.11
CA LEU A 97 -11.05 28.55 8.22
C LEU A 97 -10.74 27.15 7.72
N TRP A 98 -9.46 26.80 7.73
CA TRP A 98 -9.02 25.52 7.25
C TRP A 98 -8.98 24.52 8.40
N ASP A 99 -9.85 23.54 8.36
CA ASP A 99 -9.91 22.51 9.38
C ASP A 99 -8.98 21.36 9.02
N TYR A 100 -7.99 21.13 9.85
CA TYR A 100 -7.00 20.10 9.57
C TYR A 100 -7.26 18.86 10.42
N GLY A 101 -7.51 17.75 9.74
CA GLY A 101 -7.59 16.47 10.42
C GLY A 101 -6.25 15.78 10.41
N PRO A 102 -6.06 14.72 11.22
CA PRO A 102 -4.80 13.99 11.25
C PRO A 102 -4.58 13.16 9.98
N LEU A 103 -3.34 12.82 9.69
CA LEU A 103 -3.03 11.99 8.53
C LEU A 103 -3.47 10.56 8.79
N LYS A 104 -4.52 10.15 8.11
CA LYS A 104 -5.08 8.84 8.32
C LYS A 104 -4.25 7.79 7.60
N LYS A 105 -3.76 6.85 8.39
CA LYS A 105 -2.91 5.80 7.89
C LYS A 105 -3.62 4.47 8.06
N GLU A 106 -4.05 3.88 6.96
CA GLU A 106 -4.75 2.62 7.01
C GLU A 106 -3.78 1.48 6.69
N ASN A 107 -4.20 0.24 6.92
CA ASN A 107 -3.41 -0.92 6.56
C ASN A 107 -3.46 -1.14 5.05
N VAL A 108 -2.81 -0.25 4.32
CA VAL A 108 -2.85 -0.26 2.86
C VAL A 108 -1.47 0.01 2.28
N PRO A 109 -1.22 -0.51 1.06
CA PRO A 109 0.08 -0.36 0.39
C PRO A 109 0.42 1.08 0.03
N GLY A 110 1.27 1.70 0.85
CA GLY A 110 1.73 3.05 0.62
C GLY A 110 0.61 4.06 0.43
N LYS A 111 -0.54 3.80 1.03
CA LYS A 111 -1.68 4.67 0.85
C LYS A 111 -1.96 5.50 2.11
N TYR A 112 -1.87 6.81 1.95
CA TYR A 112 -2.22 7.74 3.01
C TYR A 112 -3.42 8.55 2.58
N THR A 113 -4.26 8.89 3.54
CA THR A 113 -5.41 9.72 3.27
C THR A 113 -5.61 10.72 4.40
N GLN A 114 -5.60 12.00 4.07
CA GLN A 114 -5.82 13.02 5.07
C GLN A 114 -6.89 13.98 4.60
N VAL A 115 -7.76 14.37 5.52
CA VAL A 115 -8.89 15.22 5.18
C VAL A 115 -8.65 16.67 5.61
N ILE A 116 -8.75 17.58 4.66
CA ILE A 116 -8.71 19.01 4.96
C ILE A 116 -10.09 19.60 4.80
N THR A 117 -10.66 20.07 5.89
CA THR A 117 -12.01 20.57 5.88
C THR A 117 -12.01 22.10 5.76
N TYR A 118 -13.08 22.67 5.26
CA TYR A 118 -13.15 24.11 5.07
C TYR A 118 -14.47 24.67 5.59
N ARG A 119 -14.38 25.66 6.47
CA ARG A 119 -15.56 26.36 6.96
C ARG A 119 -15.92 27.49 6.00
N GLY A 120 -17.21 27.77 5.87
CA GLY A 120 -17.64 28.80 4.96
C GLY A 120 -17.39 30.19 5.51
N HIS A 121 -16.15 30.63 5.44
CA HIS A 121 -15.76 31.93 6.01
C HIS A 121 -15.19 32.85 4.94
N SER A 122 -14.16 32.38 4.22
CA SER A 122 -13.49 33.22 3.24
C SER A 122 -12.99 32.38 2.07
N ASN A 123 -13.28 32.84 0.86
CA ASN A 123 -12.93 32.09 -0.34
C ASN A 123 -11.46 32.27 -0.70
N GLU A 124 -10.69 31.21 -0.50
CA GLU A 124 -9.32 31.15 -0.96
C GLU A 124 -8.85 29.71 -0.96
N ARG A 125 -7.56 29.52 -1.18
CA ARG A 125 -6.99 28.18 -1.26
C ARG A 125 -5.79 28.07 -0.33
N ILE A 126 -5.55 26.86 0.14
CA ILE A 126 -4.38 26.58 0.94
C ILE A 126 -3.61 25.45 0.28
N ASP A 127 -2.35 25.72 -0.03
CA ASP A 127 -1.52 24.75 -0.73
C ASP A 127 -0.60 24.06 0.26
N ILE A 128 -0.60 22.74 0.23
CA ILE A 128 0.17 21.96 1.18
C ILE A 128 1.30 21.23 0.50
N SER A 129 2.51 21.59 0.88
CA SER A 129 3.69 20.91 0.40
C SER A 129 3.96 19.70 1.29
N PHE A 130 3.87 18.51 0.72
CA PHE A 130 4.10 17.30 1.49
C PHE A 130 5.56 16.86 1.41
N LYS A 131 6.22 16.92 2.55
CA LYS A 131 7.57 16.42 2.67
C LYS A 131 7.55 14.90 2.80
N TYR A 132 7.71 14.22 1.68
CA TYR A 132 7.71 12.76 1.67
C TYR A 132 9.01 12.23 2.30
N ALA A 133 9.49 11.10 1.79
CA ALA A 133 10.76 10.55 2.25
C ALA A 133 11.88 11.55 1.98
N MET A 134 13.04 11.34 2.62
CA MET A 134 14.17 12.27 2.49
C MET A 134 14.84 12.15 1.13
N SER A 135 14.03 11.83 0.13
CA SER A 135 14.51 11.57 -1.20
C SER A 135 13.75 12.40 -2.24
N PHE A 136 12.44 12.55 -2.04
CA PHE A 136 11.60 13.32 -2.96
C PHE A 136 10.38 13.87 -2.24
N THR A 137 9.80 14.93 -2.79
CA THR A 137 8.65 15.59 -2.19
C THR A 137 7.60 15.93 -3.26
N LYS A 138 6.44 16.43 -2.83
CA LYS A 138 5.43 16.90 -3.78
C LYS A 138 4.44 17.83 -3.09
N GLU A 139 3.76 18.65 -3.87
CA GLU A 139 2.83 19.64 -3.33
C GLU A 139 1.42 19.46 -3.90
N ILE A 140 0.43 19.72 -3.07
CA ILE A 140 -0.97 19.59 -3.46
C ILE A 140 -1.73 20.87 -3.15
N SER A 141 -2.89 21.02 -3.74
CA SER A 141 -3.67 22.24 -3.58
C SER A 141 -5.05 21.95 -3.00
N ILE A 142 -5.41 22.72 -1.98
CA ILE A 142 -6.75 22.65 -1.40
C ILE A 142 -7.48 23.95 -1.69
N ARG A 143 -8.31 23.94 -2.73
CA ARG A 143 -9.02 25.14 -3.14
C ARG A 143 -10.37 25.25 -2.43
N GLY A 144 -10.53 26.31 -1.67
CA GLY A 144 -11.80 26.57 -1.01
C GLY A 144 -12.79 27.23 -1.94
N ARG A 145 -14.04 26.82 -1.84
CA ARG A 145 -15.07 27.34 -2.72
C ARG A 145 -16.20 27.96 -1.91
N LEU A 146 -16.31 29.27 -1.97
CA LEU A 146 -17.41 29.98 -1.34
C LEU A 146 -18.61 29.96 -2.29
N GLY A 1 5.26 -79.40 -40.20
CA GLY A 1 4.11 -80.33 -40.32
C GLY A 1 2.81 -79.70 -39.88
N PRO A 2 1.74 -80.48 -39.72
CA PRO A 2 0.44 -79.96 -39.31
C PRO A 2 0.30 -79.85 -37.79
N LEU A 3 0.57 -78.66 -37.27
CA LEU A 3 0.40 -78.38 -35.85
C LEU A 3 -0.94 -77.74 -35.61
N GLY A 4 -1.36 -76.95 -36.59
CA GLY A 4 -2.62 -76.25 -36.50
C GLY A 4 -2.50 -74.98 -35.68
N SER A 5 -1.86 -73.98 -36.26
CA SER A 5 -1.67 -72.70 -35.59
C SER A 5 -3.01 -71.97 -35.45
N GLY A 6 -3.18 -71.27 -34.35
CA GLY A 6 -4.43 -70.58 -34.11
C GLY A 6 -4.22 -69.21 -33.50
N SER A 7 -3.69 -68.28 -34.28
CA SER A 7 -3.49 -66.92 -33.83
C SER A 7 -3.62 -65.96 -35.01
N LYS A 8 -4.11 -64.76 -34.75
CA LYS A 8 -4.32 -63.76 -35.79
C LYS A 8 -4.15 -62.35 -35.21
N ILE A 9 -3.90 -61.38 -36.07
CA ILE A 9 -3.73 -60.01 -35.65
C ILE A 9 -5.09 -59.32 -35.64
N LYS A 10 -5.52 -58.92 -34.45
CA LYS A 10 -6.74 -58.17 -34.30
C LYS A 10 -6.44 -56.68 -34.30
N LEU A 11 -6.64 -56.04 -35.44
CA LEU A 11 -6.38 -54.61 -35.55
C LEU A 11 -7.68 -53.84 -35.66
N GLU A 12 -8.14 -53.32 -34.52
CA GLU A 12 -9.29 -52.44 -34.50
C GLU A 12 -8.83 -50.99 -34.59
N ILE A 13 -9.06 -50.37 -35.73
CA ILE A 13 -8.51 -49.06 -35.99
C ILE A 13 -9.60 -48.05 -36.33
N TYR A 14 -9.28 -46.79 -36.13
CA TYR A 14 -10.17 -45.69 -36.43
C TYR A 14 -9.38 -44.38 -36.37
N ASN A 15 -9.91 -43.34 -36.98
CA ASN A 15 -9.29 -42.03 -36.91
C ASN A 15 -9.84 -41.27 -35.71
N GLU A 16 -9.12 -40.26 -35.27
CA GLU A 16 -9.46 -39.56 -34.05
C GLU A 16 -10.31 -38.35 -34.39
N THR A 17 -10.59 -38.20 -35.70
CA THR A 17 -11.22 -36.99 -36.25
C THR A 17 -10.63 -35.75 -35.57
N ASP A 18 -9.32 -35.83 -35.38
CA ASP A 18 -8.59 -34.88 -34.57
C ASP A 18 -8.46 -33.53 -35.26
N MET A 19 -8.18 -33.57 -36.57
CA MET A 19 -7.91 -32.36 -37.34
C MET A 19 -6.82 -31.56 -36.63
N ALA A 20 -5.78 -32.26 -36.20
CA ALA A 20 -4.70 -31.69 -35.40
C ALA A 20 -3.94 -30.61 -36.14
N SER A 21 -4.44 -29.41 -36.02
CA SER A 21 -3.74 -28.22 -36.46
C SER A 21 -2.75 -27.79 -35.37
N ALA A 22 -1.55 -27.43 -35.78
CA ALA A 22 -0.51 -27.07 -34.83
C ALA A 22 -0.72 -25.65 -34.31
N SER A 23 -1.08 -25.55 -33.04
CA SER A 23 -1.29 -24.26 -32.41
C SER A 23 -0.13 -23.93 -31.47
N GLY A 24 0.23 -22.65 -31.41
CA GLY A 24 1.35 -22.24 -30.58
C GLY A 24 0.90 -21.53 -29.32
N TYR A 25 1.03 -22.20 -28.19
CA TYR A 25 0.66 -21.61 -26.91
C TYR A 25 1.91 -21.37 -26.07
N THR A 26 2.16 -20.11 -25.76
CA THR A 26 3.34 -19.70 -25.03
C THR A 26 3.33 -20.21 -23.59
N PRO A 27 4.45 -20.76 -23.11
CA PRO A 27 4.56 -21.26 -21.74
C PRO A 27 4.56 -20.13 -20.71
N VAL A 28 4.15 -20.46 -19.49
CA VAL A 28 4.06 -19.48 -18.42
C VAL A 28 5.27 -19.58 -17.49
N PRO A 29 5.60 -18.50 -16.77
CA PRO A 29 6.69 -18.49 -15.79
C PRO A 29 6.28 -19.16 -14.48
N SER A 30 7.26 -19.43 -13.63
CA SER A 30 7.02 -20.06 -12.35
C SER A 30 7.28 -19.08 -11.22
N VAL A 31 6.65 -19.32 -10.08
CA VAL A 31 6.80 -18.45 -8.92
C VAL A 31 6.52 -19.21 -7.63
N SER A 32 7.49 -19.23 -6.74
CA SER A 32 7.32 -19.88 -5.45
C SER A 32 7.32 -18.86 -4.32
N GLU A 33 6.37 -18.99 -3.41
CA GLU A 33 6.22 -18.06 -2.31
C GLU A 33 7.23 -18.34 -1.21
N PHE A 34 8.22 -17.47 -1.11
CA PHE A 34 9.22 -17.58 -0.05
C PHE A 34 9.04 -16.45 0.96
N GLN A 35 9.88 -16.41 1.98
CA GLN A 35 9.72 -15.45 3.05
C GLN A 35 10.57 -14.20 2.83
N TYR A 36 9.90 -13.08 2.60
CA TYR A 36 10.57 -11.78 2.49
C TYR A 36 9.54 -10.67 2.64
N ILE A 37 9.98 -9.57 3.26
CA ILE A 37 9.12 -8.40 3.51
C ILE A 37 8.01 -8.78 4.50
N GLU A 38 8.30 -9.80 5.27
CA GLU A 38 7.39 -10.26 6.30
C GLU A 38 8.18 -10.39 7.59
N THR A 39 8.16 -9.31 8.36
CA THR A 39 8.93 -9.17 9.59
C THR A 39 10.31 -8.60 9.24
N GLU A 40 10.70 -8.80 7.97
CA GLU A 40 11.92 -8.24 7.44
C GLU A 40 11.69 -7.65 6.05
N THR A 41 10.98 -6.53 6.02
CA THR A 41 10.76 -5.79 4.80
C THR A 41 12.08 -5.25 4.23
N ILE A 42 12.11 -4.96 2.94
CA ILE A 42 13.31 -4.49 2.27
C ILE A 42 13.45 -2.98 2.37
N SER A 43 14.65 -2.50 2.64
CA SER A 43 14.92 -1.08 2.73
C SER A 43 15.19 -0.52 1.34
N ASN A 44 14.19 -0.62 0.48
CA ASN A 44 14.32 -0.16 -0.89
C ASN A 44 14.04 1.34 -1.00
N THR A 45 13.98 1.83 -2.24
CA THR A 45 13.70 3.23 -2.49
C THR A 45 12.34 3.38 -3.17
N PRO A 46 11.52 4.35 -2.71
CA PRO A 46 10.25 4.67 -3.36
C PRO A 46 10.45 5.50 -4.61
N SER A 47 9.45 5.54 -5.48
CA SER A 47 9.52 6.36 -6.67
C SER A 47 8.12 6.74 -7.16
N PRO A 48 7.68 7.95 -6.79
CA PRO A 48 6.33 8.44 -7.10
C PRO A 48 6.07 8.65 -8.59
N ASP A 49 7.12 8.54 -9.39
CA ASP A 49 6.98 8.65 -10.85
C ASP A 49 6.14 7.51 -11.41
N LEU A 50 5.96 6.46 -10.60
CA LEU A 50 5.15 5.32 -10.99
C LEU A 50 3.89 5.23 -10.13
N THR A 51 3.63 6.26 -9.35
CA THR A 51 2.54 6.23 -8.39
C THR A 51 1.49 7.31 -8.68
N VAL A 52 0.46 7.38 -7.84
CA VAL A 52 -0.60 8.36 -7.99
C VAL A 52 -0.88 9.04 -6.65
N MET A 53 -0.60 10.33 -6.57
CA MET A 53 -0.76 11.09 -5.34
C MET A 53 -1.24 12.51 -5.64
N SER A 54 -2.54 12.70 -5.65
CA SER A 54 -3.09 13.99 -6.05
C SER A 54 -4.47 14.22 -5.43
N ILE A 55 -4.98 15.42 -5.63
CA ILE A 55 -6.32 15.79 -5.21
C ILE A 55 -6.96 16.71 -6.24
N ASP A 56 -7.94 16.18 -6.95
CA ASP A 56 -8.62 16.94 -7.99
C ASP A 56 -9.99 17.38 -7.54
N LYS A 57 -10.03 18.04 -6.40
CA LYS A 57 -11.28 18.56 -5.87
C LYS A 57 -11.05 19.86 -5.13
N SER A 58 -10.98 20.93 -5.89
CA SER A 58 -10.76 22.26 -5.36
C SER A 58 -12.08 22.94 -5.08
N VAL A 59 -12.97 22.20 -4.48
CA VAL A 59 -14.32 22.64 -4.19
C VAL A 59 -14.78 22.02 -2.88
N LEU A 60 -15.00 22.85 -1.87
CA LEU A 60 -15.39 22.34 -0.58
C LEU A 60 -16.55 23.12 -0.01
N SER A 61 -17.64 22.42 0.20
CA SER A 61 -18.82 22.99 0.80
C SER A 61 -18.88 22.66 2.29
N PRO A 62 -19.45 23.58 3.08
CA PRO A 62 -19.67 23.36 4.51
C PRO A 62 -20.39 22.05 4.79
N GLY A 63 -19.66 21.08 5.31
CA GLY A 63 -20.24 19.79 5.61
C GLY A 63 -19.41 18.64 5.07
N GLU A 64 -18.82 18.84 3.89
CA GLU A 64 -18.02 17.78 3.28
C GLU A 64 -16.54 17.98 3.58
N SER A 65 -15.70 17.17 2.97
CA SER A 65 -14.26 17.27 3.18
C SER A 65 -13.50 16.84 1.93
N ALA A 66 -12.28 17.32 1.79
CA ALA A 66 -11.45 16.97 0.65
C ALA A 66 -10.33 16.03 1.09
N THR A 67 -10.36 14.83 0.58
CA THR A 67 -9.36 13.85 0.88
C THR A 67 -8.31 13.79 -0.22
N ILE A 68 -7.08 14.11 0.12
CA ILE A 68 -5.99 14.01 -0.83
C ILE A 68 -5.66 12.54 -1.04
N THR A 69 -5.91 12.04 -2.23
CA THR A 69 -5.67 10.64 -2.52
C THR A 69 -4.21 10.44 -2.91
N THR A 70 -3.41 10.02 -1.94
CA THR A 70 -1.98 9.89 -2.15
C THR A 70 -1.53 8.46 -1.91
N ILE A 71 -1.14 7.81 -2.99
CA ILE A 71 -0.67 6.45 -2.95
C ILE A 71 0.81 6.44 -3.31
N VAL A 72 1.61 5.61 -2.65
CA VAL A 72 3.04 5.54 -2.97
C VAL A 72 3.40 4.16 -3.53
N LYS A 73 4.26 4.16 -4.54
CA LYS A 73 4.80 2.93 -5.11
C LYS A 73 6.31 3.05 -5.20
N ASP A 74 7.01 1.91 -5.13
CA ASP A 74 8.46 1.91 -5.19
C ASP A 74 8.93 2.06 -6.63
N ILE A 75 10.23 2.17 -6.79
CA ILE A 75 10.85 2.33 -8.11
C ILE A 75 10.60 1.09 -8.97
N ASP A 76 10.46 -0.05 -8.33
CA ASP A 76 10.20 -1.31 -9.04
C ASP A 76 8.71 -1.40 -9.42
N GLY A 77 7.91 -0.53 -8.82
CA GLY A 77 6.48 -0.61 -9.01
C GLY A 77 5.83 -1.55 -8.01
N ASN A 78 6.35 -1.55 -6.80
CA ASN A 78 5.86 -2.41 -5.74
C ASN A 78 5.09 -1.62 -4.69
N PRO A 79 4.30 -2.32 -3.85
CA PRO A 79 3.56 -1.69 -2.76
C PRO A 79 4.47 -1.24 -1.61
N VAL A 80 4.63 0.07 -1.49
CA VAL A 80 5.43 0.66 -0.41
C VAL A 80 4.82 0.34 0.95
N ASN A 81 5.68 -0.01 1.89
CA ASN A 81 5.28 -0.16 3.29
C ASN A 81 4.67 1.15 3.77
N GLU A 82 5.48 2.20 3.74
CA GLU A 82 5.04 3.54 4.10
C GLU A 82 6.21 4.52 3.99
N VAL A 83 5.91 5.78 3.77
CA VAL A 83 6.92 6.81 3.62
C VAL A 83 6.74 7.87 4.69
N HIS A 84 7.66 8.82 4.72
CA HIS A 84 7.56 9.94 5.63
C HIS A 84 6.78 11.07 4.97
N ILE A 85 5.72 11.51 5.62
CA ILE A 85 4.95 12.65 5.10
C ILE A 85 4.85 13.73 6.16
N ASN A 86 5.29 14.92 5.82
CA ASN A 86 5.28 16.04 6.75
C ASN A 86 4.21 17.06 6.35
N LYS A 87 3.65 17.73 7.33
CA LYS A 87 2.69 18.80 7.08
C LYS A 87 3.40 20.12 6.87
N THR A 88 3.52 20.52 5.61
CA THR A 88 4.13 21.79 5.27
C THR A 88 3.12 22.66 4.52
N VAL A 89 2.46 23.54 5.25
CA VAL A 89 1.39 24.34 4.68
C VAL A 89 1.85 25.76 4.36
N ALA A 90 1.34 26.30 3.26
CA ALA A 90 1.63 27.67 2.86
C ALA A 90 0.33 28.43 2.61
N ARG A 91 0.16 29.54 3.31
CA ARG A 91 -1.08 30.29 3.25
C ARG A 91 -0.85 31.72 2.79
N GLU A 92 -1.86 32.31 2.16
CA GLU A 92 -1.78 33.69 1.73
C GLU A 92 -2.79 34.54 2.49
N ASN A 93 -4.03 34.06 2.55
CA ASN A 93 -5.10 34.80 3.21
C ASN A 93 -5.45 34.12 4.53
N LEU A 94 -5.39 34.88 5.61
CA LEU A 94 -5.62 34.35 6.95
C LEU A 94 -7.11 34.08 7.18
N LYS A 95 -7.97 34.59 6.30
CA LYS A 95 -9.41 34.39 6.40
C LYS A 95 -9.80 32.94 6.14
N GLY A 96 -8.83 32.13 5.74
CA GLY A 96 -9.09 30.75 5.44
C GLY A 96 -9.21 29.89 6.67
N LEU A 97 -10.44 29.55 7.04
CA LEU A 97 -10.66 28.63 8.14
C LEU A 97 -10.55 27.20 7.62
N TRP A 98 -9.39 26.62 7.80
CA TRP A 98 -9.14 25.27 7.35
C TRP A 98 -9.03 24.33 8.54
N ASP A 99 -9.73 23.23 8.49
CA ASP A 99 -9.68 22.23 9.55
C ASP A 99 -8.88 21.02 9.13
N TYR A 100 -7.71 20.86 9.74
CA TYR A 100 -6.82 19.76 9.42
C TYR A 100 -6.90 18.69 10.50
N GLY A 101 -7.14 17.45 10.09
CA GLY A 101 -7.18 16.37 11.05
C GLY A 101 -5.91 15.54 11.01
N PRO A 102 -5.83 14.47 11.81
CA PRO A 102 -4.69 13.56 11.80
C PRO A 102 -4.63 12.74 10.52
N LEU A 103 -3.44 12.54 9.99
CA LEU A 103 -3.28 11.78 8.77
C LEU A 103 -3.65 10.31 8.99
N LYS A 104 -4.60 9.84 8.21
CA LYS A 104 -5.05 8.47 8.33
C LYS A 104 -4.18 7.55 7.49
N LYS A 105 -3.47 6.67 8.18
CA LYS A 105 -2.56 5.74 7.54
C LYS A 105 -3.16 4.34 7.59
N GLU A 106 -3.46 3.81 6.42
CA GLU A 106 -4.12 2.52 6.32
C GLU A 106 -3.10 1.44 5.95
N ASN A 107 -3.45 0.17 6.18
CA ASN A 107 -2.56 -0.96 5.89
C ASN A 107 -2.50 -1.27 4.40
N VAL A 108 -2.28 -0.24 3.61
CA VAL A 108 -2.30 -0.37 2.18
C VAL A 108 -0.98 0.13 1.58
N PRO A 109 -0.70 -0.23 0.31
CA PRO A 109 0.55 0.15 -0.36
C PRO A 109 0.76 1.66 -0.47
N GLY A 110 1.39 2.22 0.56
CA GLY A 110 1.69 3.64 0.59
C GLY A 110 0.47 4.52 0.40
N LYS A 111 -0.71 4.04 0.79
CA LYS A 111 -1.93 4.81 0.63
C LYS A 111 -2.23 5.63 1.88
N TYR A 112 -2.22 6.93 1.73
CA TYR A 112 -2.53 7.84 2.82
C TYR A 112 -3.80 8.60 2.51
N THR A 113 -4.58 8.86 3.53
CA THR A 113 -5.81 9.60 3.37
C THR A 113 -6.04 10.51 4.55
N GLN A 114 -6.39 11.76 4.28
CA GLN A 114 -6.72 12.70 5.33
C GLN A 114 -7.85 13.58 4.84
N VAL A 115 -8.95 13.59 5.57
CA VAL A 115 -10.11 14.36 5.17
C VAL A 115 -10.01 15.80 5.67
N ILE A 116 -9.55 16.68 4.79
CA ILE A 116 -9.43 18.09 5.12
C ILE A 116 -10.80 18.72 5.14
N THR A 117 -11.17 19.27 6.29
CA THR A 117 -12.46 19.92 6.43
C THR A 117 -12.27 21.42 6.34
N TYR A 118 -13.21 22.12 5.72
CA TYR A 118 -13.07 23.54 5.55
C TYR A 118 -14.22 24.26 6.24
N ARG A 119 -14.09 25.57 6.41
CA ARG A 119 -15.21 26.37 6.86
C ARG A 119 -15.67 27.35 5.77
N GLY A 120 -15.07 27.24 4.58
CA GLY A 120 -15.51 28.04 3.44
C GLY A 120 -15.36 29.54 3.61
N HIS A 121 -14.88 29.95 4.79
CA HIS A 121 -14.69 31.36 5.12
C HIS A 121 -13.85 32.10 4.08
N SER A 122 -12.93 31.38 3.45
CA SER A 122 -12.10 31.95 2.40
C SER A 122 -12.15 31.10 1.13
N ASN A 123 -12.01 31.75 -0.01
CA ASN A 123 -12.04 31.07 -1.30
C ASN A 123 -10.62 30.75 -1.77
N GLU A 124 -9.71 31.58 -1.34
CA GLU A 124 -8.30 31.43 -1.67
C GLU A 124 -7.79 30.07 -1.20
N ARG A 125 -6.89 29.49 -1.97
CA ARG A 125 -6.38 28.16 -1.67
C ARG A 125 -5.35 28.23 -0.57
N ILE A 126 -5.15 27.13 0.10
CA ILE A 126 -3.98 26.94 0.92
C ILE A 126 -3.18 25.79 0.31
N ASP A 127 -1.92 26.06 0.01
CA ASP A 127 -1.10 25.08 -0.69
C ASP A 127 -0.31 24.26 0.31
N ILE A 128 -0.54 22.96 0.32
CA ILE A 128 0.13 22.07 1.27
C ILE A 128 1.21 21.27 0.56
N SER A 129 2.43 21.50 0.96
CA SER A 129 3.57 20.80 0.43
C SER A 129 3.87 19.59 1.31
N PHE A 130 3.24 18.46 1.03
CA PHE A 130 3.47 17.26 1.80
C PHE A 130 4.89 16.76 1.58
N LYS A 131 5.75 17.03 2.55
CA LYS A 131 7.15 16.65 2.46
C LYS A 131 7.28 15.14 2.58
N TYR A 132 7.67 14.51 1.49
CA TYR A 132 7.78 13.06 1.41
C TYR A 132 9.10 12.59 2.03
N ALA A 133 9.59 11.45 1.53
CA ALA A 133 10.83 10.88 2.03
C ALA A 133 11.99 11.83 1.78
N MET A 134 13.13 11.54 2.39
CA MET A 134 14.31 12.38 2.25
C MET A 134 14.96 12.18 0.89
N SER A 135 14.15 12.35 -0.14
CA SER A 135 14.56 12.08 -1.50
C SER A 135 13.76 12.97 -2.46
N PHE A 136 12.45 13.00 -2.26
CA PHE A 136 11.55 13.79 -3.09
C PHE A 136 10.38 14.30 -2.25
N THR A 137 9.67 15.29 -2.75
CA THR A 137 8.53 15.85 -2.03
C THR A 137 7.34 16.03 -2.96
N LYS A 138 6.15 16.14 -2.39
CA LYS A 138 4.95 16.38 -3.16
C LYS A 138 4.26 17.64 -2.66
N GLU A 139 3.37 18.18 -3.47
CA GLU A 139 2.61 19.36 -3.10
C GLU A 139 1.21 19.25 -3.69
N ILE A 140 0.22 19.71 -2.92
CA ILE A 140 -1.17 19.62 -3.33
C ILE A 140 -1.91 20.91 -3.03
N SER A 141 -3.10 21.04 -3.59
CA SER A 141 -3.88 22.26 -3.47
C SER A 141 -5.14 22.05 -2.64
N ILE A 142 -5.27 22.85 -1.59
CA ILE A 142 -6.46 22.85 -0.76
C ILE A 142 -7.27 24.12 -1.01
N ARG A 143 -8.36 23.98 -1.76
CA ARG A 143 -9.15 25.13 -2.18
C ARG A 143 -10.59 25.04 -1.66
N GLY A 144 -10.99 26.06 -0.92
CA GLY A 144 -12.34 26.10 -0.39
C GLY A 144 -13.32 26.74 -1.33
N ARG A 145 -14.59 26.40 -1.16
CA ARG A 145 -15.64 26.97 -1.98
C ARG A 145 -16.38 28.06 -1.21
N LEU A 146 -16.15 29.29 -1.61
CA LEU A 146 -16.89 30.42 -1.06
C LEU A 146 -17.96 30.83 -2.07
#